data_1T77
#
_entry.id   1T77
#
_cell.length_a   73.218
_cell.length_b   102.239
_cell.length_c   131.519
_cell.angle_alpha   90.00
_cell.angle_beta   90.47
_cell.angle_gamma   90.00
#
_symmetry.space_group_name_H-M   'P 1 21 1'
#
loop_
_entity.id
_entity.type
_entity.pdbx_description
1 polymer 'Lipopolysaccharide-responsive and beige-like anchor protein'
2 water water
#
_entity_poly.entity_id   1
_entity_poly.type   'polypeptide(L)'
_entity_poly.pdbx_seq_one_letter_code
;GPVSLSTPAQLVAPSVVVKGTLSVTSSELYFEVDEEDPNFKKIDPKILAYTEGLHGKWLFTEIRSIFSRRYLLQNTALEI
FMANRVAVMFNFPDPATVKKVVNFLPRVGVGTSFGLPQTRRISLASPRQLFKASNMTQRWQHREISNFEYLMFLNTIAGR
SYNDLNQYPVFPWVITNYESEELDLTLPTNFRDLSKPIGALNPKRAAFFAERYESWEDDQVPKFHYGTHYSTASFVLAWL
LRIEPFTTYFLNLQGGKFDHADRTFSSISRAWRNSQRDTSDIKELIPEFYYLPEMFVNFNNYNLGVMDDGTVVSDVELPP
WAKTSEEFVHINRLALESEFVSCQLHQWIDLIFGYKQQGPEAVRALNVFYYLTYEGAVNLNSITDPVLREAVEAQIRSFG
QTPSQLLIEPHPPR
;
_entity_poly.pdbx_strand_id   A,B,C,D
#
# COMPACT_ATOMS: atom_id res chain seq x y z
N GLY A 1 47.13 -36.05 -21.12
CA GLY A 1 47.57 -37.39 -21.61
C GLY A 1 46.98 -37.77 -22.95
N PRO A 2 47.17 -39.02 -23.40
CA PRO A 2 46.63 -39.49 -24.69
C PRO A 2 45.10 -39.46 -24.75
N VAL A 3 44.56 -38.69 -25.69
CA VAL A 3 43.11 -38.56 -25.85
C VAL A 3 42.52 -39.57 -26.82
N SER A 4 41.57 -40.36 -26.33
CA SER A 4 40.92 -41.38 -27.15
C SER A 4 39.87 -40.77 -28.09
N LEU A 5 39.30 -39.64 -27.70
CA LEU A 5 38.29 -38.97 -28.51
C LEU A 5 38.29 -37.46 -28.33
N SER A 6 38.08 -36.75 -29.43
CA SER A 6 38.02 -35.29 -29.42
C SER A 6 36.93 -34.82 -30.34
N THR A 7 36.12 -33.88 -29.87
CA THR A 7 35.01 -33.37 -30.68
C THR A 7 34.62 -31.94 -30.36
N PRO A 8 34.09 -31.23 -31.36
CA PRO A 8 33.69 -29.86 -31.08
C PRO A 8 32.45 -30.05 -30.20
N ALA A 9 32.22 -29.12 -29.29
CA ALA A 9 31.06 -29.24 -28.43
C ALA A 9 30.82 -27.92 -27.74
N GLN A 10 29.63 -27.81 -27.14
CA GLN A 10 29.28 -26.61 -26.43
C GLN A 10 28.99 -26.93 -24.98
N LEU A 11 29.50 -26.08 -24.10
CA LEU A 11 29.30 -26.22 -22.67
C LEU A 11 27.99 -25.52 -22.42
N VAL A 12 27.07 -26.20 -21.78
CA VAL A 12 25.78 -25.60 -21.50
C VAL A 12 25.65 -25.41 -20.03
N ALA A 13 25.61 -24.14 -19.62
CA ALA A 13 25.51 -23.81 -18.21
C ALA A 13 24.49 -22.71 -18.03
N PRO A 14 23.99 -22.51 -16.80
CA PRO A 14 23.01 -21.47 -16.52
C PRO A 14 23.46 -20.09 -16.99
N SER A 15 24.77 -19.86 -17.03
CA SER A 15 25.35 -18.58 -17.43
C SER A 15 25.56 -18.35 -18.92
N VAL A 16 26.02 -19.35 -19.64
CA VAL A 16 26.29 -19.20 -21.06
C VAL A 16 26.32 -20.54 -21.76
N VAL A 17 26.48 -20.48 -23.08
CA VAL A 17 26.58 -21.68 -23.91
C VAL A 17 27.74 -21.38 -24.87
N VAL A 18 28.93 -21.80 -24.46
CA VAL A 18 30.14 -21.55 -25.25
C VAL A 18 30.67 -22.74 -26.03
N LYS A 19 31.15 -22.47 -27.25
CA LYS A 19 31.73 -23.50 -28.10
C LYS A 19 33.12 -23.83 -27.59
N GLY A 20 33.53 -25.09 -27.76
CA GLY A 20 34.85 -25.50 -27.32
C GLY A 20 35.22 -26.88 -27.80
N THR A 21 36.21 -27.48 -27.16
CA THR A 21 36.63 -28.82 -27.53
C THR A 21 36.50 -29.77 -26.33
N LEU A 22 35.75 -30.86 -26.53
CA LEU A 22 35.56 -31.84 -25.48
C LEU A 22 36.44 -33.04 -25.77
N SER A 23 37.33 -33.33 -24.83
CA SER A 23 38.24 -34.45 -24.98
C SER A 23 37.95 -35.54 -23.97
N VAL A 24 38.18 -36.78 -24.40
CA VAL A 24 37.94 -37.92 -23.54
C VAL A 24 39.17 -38.82 -23.53
N THR A 25 39.80 -38.98 -22.36
CA THR A 25 40.97 -39.86 -22.28
C THR A 25 40.45 -41.21 -21.81
N SER A 26 41.31 -41.97 -21.16
CA SER A 26 40.92 -43.28 -20.68
C SER A 26 40.57 -43.19 -19.21
N SER A 27 40.83 -42.03 -18.62
CA SER A 27 40.55 -41.86 -17.21
C SER A 27 39.69 -40.66 -16.87
N GLU A 28 39.43 -39.78 -17.83
CA GLU A 28 38.63 -38.61 -17.54
C GLU A 28 38.26 -37.88 -18.81
N LEU A 29 37.41 -36.87 -18.66
CA LEU A 29 37.05 -36.04 -19.80
C LEU A 29 37.29 -34.62 -19.34
N TYR A 30 37.54 -33.74 -20.30
CA TYR A 30 37.76 -32.35 -19.98
C TYR A 30 37.33 -31.45 -21.13
N PHE A 31 36.99 -30.22 -20.80
CA PHE A 31 36.52 -29.28 -21.78
C PHE A 31 37.35 -28.01 -21.86
N GLU A 32 37.55 -27.50 -23.06
CA GLU A 32 38.31 -26.28 -23.27
C GLU A 32 37.57 -25.32 -24.18
N VAL A 33 37.23 -24.16 -23.65
CA VAL A 33 36.52 -23.15 -24.43
C VAL A 33 37.42 -22.66 -25.54
N ASP A 34 36.82 -22.31 -26.67
CA ASP A 34 37.58 -21.79 -27.78
C ASP A 34 37.58 -20.28 -27.54
N GLU A 35 38.73 -19.76 -27.12
CA GLU A 35 38.87 -18.34 -26.84
C GLU A 35 39.10 -17.50 -28.10
N GLU A 36 39.15 -18.17 -29.26
CA GLU A 36 39.35 -17.49 -30.53
C GLU A 36 38.00 -17.31 -31.24
N ASP A 37 36.95 -17.83 -30.62
CA ASP A 37 35.60 -17.72 -31.18
C ASP A 37 35.11 -16.30 -30.95
N PRO A 38 34.52 -15.69 -31.99
CA PRO A 38 34.00 -14.32 -31.87
C PRO A 38 32.95 -14.18 -30.78
N ASN A 39 31.88 -14.96 -30.89
CA ASN A 39 30.81 -14.92 -29.90
C ASN A 39 31.36 -15.04 -28.49
N PHE A 40 32.52 -15.67 -28.36
CA PHE A 40 33.14 -15.83 -27.05
C PHE A 40 33.69 -14.49 -26.57
N LYS A 41 34.45 -13.83 -27.44
CA LYS A 41 35.04 -12.54 -27.12
C LYS A 41 33.98 -11.52 -26.72
N LYS A 42 32.79 -11.65 -27.30
CA LYS A 42 31.69 -10.74 -26.97
C LYS A 42 31.21 -10.94 -25.53
N ILE A 43 31.15 -12.19 -25.10
CA ILE A 43 30.70 -12.53 -23.75
C ILE A 43 31.29 -11.56 -22.71
N ASP A 44 30.54 -11.30 -21.65
CA ASP A 44 31.00 -10.40 -20.59
C ASP A 44 31.69 -11.17 -19.46
N PRO A 45 32.81 -10.63 -18.96
CA PRO A 45 33.62 -11.21 -17.88
C PRO A 45 32.91 -11.47 -16.56
N LYS A 46 31.99 -10.59 -16.17
CA LYS A 46 31.28 -10.78 -14.92
C LYS A 46 30.50 -12.09 -14.96
N ILE A 47 30.11 -12.50 -16.16
CA ILE A 47 29.35 -13.75 -16.37
C ILE A 47 30.27 -14.98 -16.47
N LEU A 48 31.26 -14.91 -17.36
CA LEU A 48 32.19 -16.01 -17.53
C LEU A 48 32.79 -16.39 -16.18
N ALA A 49 32.73 -15.47 -15.24
CA ALA A 49 33.25 -15.69 -13.90
C ALA A 49 32.49 -16.79 -13.18
N TYR A 50 31.16 -16.70 -13.23
CA TYR A 50 30.33 -17.69 -12.58
C TYR A 50 30.24 -19.03 -13.31
N THR A 51 30.72 -19.06 -14.56
CA THR A 51 30.69 -20.28 -15.35
C THR A 51 31.67 -21.34 -14.86
N GLU A 52 31.21 -22.59 -14.78
CA GLU A 52 32.05 -23.70 -14.34
C GLU A 52 32.27 -24.62 -15.54
N GLY A 53 33.50 -25.10 -15.72
CA GLY A 53 33.76 -26.01 -16.82
C GLY A 53 34.45 -25.47 -18.06
N LEU A 54 34.69 -24.17 -18.13
CA LEU A 54 35.37 -23.58 -19.27
C LEU A 54 36.70 -24.31 -19.48
N HIS A 55 37.32 -24.70 -18.37
CA HIS A 55 38.60 -25.41 -18.38
C HIS A 55 38.42 -26.56 -17.41
N GLY A 56 37.29 -27.24 -17.53
CA GLY A 56 36.97 -28.33 -16.63
C GLY A 56 37.57 -29.70 -16.86
N LYS A 57 37.72 -30.44 -15.77
CA LYS A 57 38.25 -31.79 -15.80
C LYS A 57 37.32 -32.64 -14.94
N TRP A 58 36.86 -33.76 -15.48
CA TRP A 58 35.98 -34.63 -14.72
C TRP A 58 36.48 -36.06 -14.77
N LEU A 59 36.77 -36.61 -13.60
CA LEU A 59 37.28 -37.98 -13.47
C LEU A 59 36.19 -39.04 -13.63
N PHE A 60 36.49 -40.09 -14.38
CA PHE A 60 35.53 -41.17 -14.60
C PHE A 60 35.04 -41.80 -13.29
N THR A 61 35.97 -42.08 -12.38
CA THR A 61 35.62 -42.69 -11.11
C THR A 61 34.64 -41.86 -10.28
N GLU A 62 34.46 -40.60 -10.65
CA GLU A 62 33.59 -39.72 -9.91
C GLU A 62 32.22 -39.55 -10.59
N ILE A 63 32.10 -40.11 -11.79
CA ILE A 63 30.87 -40.04 -12.55
C ILE A 63 29.83 -41.00 -11.99
N ARG A 64 28.62 -40.49 -11.76
CA ARG A 64 27.56 -41.33 -11.23
C ARG A 64 26.46 -41.62 -12.24
N SER A 65 26.07 -40.62 -13.03
CA SER A 65 25.05 -40.85 -14.06
C SER A 65 25.36 -40.07 -15.32
N ILE A 66 24.81 -40.54 -16.43
CA ILE A 66 25.01 -39.91 -17.73
C ILE A 66 23.64 -39.93 -18.40
N PHE A 67 23.09 -38.76 -18.69
CA PHE A 67 21.76 -38.65 -19.31
C PHE A 67 21.75 -38.10 -20.71
N SER A 68 21.03 -38.77 -21.59
CA SER A 68 20.85 -38.28 -22.94
C SER A 68 20.03 -37.00 -22.73
N ARG A 69 20.32 -35.96 -23.53
CA ARG A 69 19.63 -34.69 -23.39
C ARG A 69 19.42 -33.99 -24.72
N ARG A 70 18.39 -33.15 -24.77
CA ARG A 70 18.15 -32.34 -25.95
C ARG A 70 18.74 -30.98 -25.62
N TYR A 71 18.83 -30.12 -26.63
CA TYR A 71 19.31 -28.75 -26.50
C TYR A 71 18.66 -27.98 -27.64
N LEU A 72 17.71 -27.11 -27.32
CA LEU A 72 17.01 -26.35 -28.37
C LEU A 72 16.29 -27.35 -29.29
N LEU A 73 15.62 -28.31 -28.65
CA LEU A 73 14.83 -29.37 -29.31
C LEU A 73 15.64 -30.39 -30.07
N GLN A 74 16.96 -30.24 -30.12
CA GLN A 74 17.80 -31.19 -30.84
C GLN A 74 18.27 -32.30 -29.89
N ASN A 75 18.14 -33.56 -30.30
CA ASN A 75 18.57 -34.66 -29.44
C ASN A 75 20.07 -34.85 -29.64
N THR A 76 20.85 -33.86 -29.21
CA THR A 76 22.29 -33.88 -29.40
C THR A 76 23.11 -33.47 -28.17
N ALA A 77 22.55 -33.62 -26.97
CA ALA A 77 23.27 -33.21 -25.78
C ALA A 77 23.40 -34.33 -24.77
N LEU A 78 24.07 -34.02 -23.67
CA LEU A 78 24.30 -35.02 -22.65
C LEU A 78 24.60 -34.29 -21.35
N GLU A 79 24.03 -34.76 -20.25
CA GLU A 79 24.27 -34.14 -18.96
C GLU A 79 24.90 -35.21 -18.09
N ILE A 80 25.97 -34.85 -17.39
CA ILE A 80 26.70 -35.80 -16.56
C ILE A 80 26.67 -35.42 -15.09
N PHE A 81 26.22 -36.34 -14.24
CA PHE A 81 26.15 -36.06 -12.81
C PHE A 81 27.30 -36.70 -12.02
N MET A 82 28.02 -35.88 -11.26
CA MET A 82 29.16 -36.32 -10.47
C MET A 82 28.77 -36.81 -9.08
N ALA A 83 29.72 -37.40 -8.38
CA ALA A 83 29.47 -37.92 -7.05
C ALA A 83 29.25 -36.79 -6.05
N ASN A 84 29.86 -35.64 -6.29
CA ASN A 84 29.69 -34.49 -5.39
C ASN A 84 28.43 -33.71 -5.78
N ARG A 85 27.53 -34.40 -6.50
CA ARG A 85 26.26 -33.85 -6.96
C ARG A 85 26.35 -32.74 -8.02
N VAL A 86 27.55 -32.50 -8.52
CA VAL A 86 27.76 -31.50 -9.56
C VAL A 86 27.33 -32.08 -10.91
N ALA A 87 26.68 -31.28 -11.72
CA ALA A 87 26.24 -31.72 -13.03
C ALA A 87 26.80 -30.76 -14.06
N VAL A 88 27.21 -31.29 -15.20
CA VAL A 88 27.71 -30.45 -16.29
C VAL A 88 27.00 -30.95 -17.54
N MET A 89 26.68 -30.04 -18.46
CA MET A 89 25.96 -30.41 -19.66
C MET A 89 26.67 -29.93 -20.91
N PHE A 90 26.68 -30.78 -21.92
CA PHE A 90 27.31 -30.44 -23.17
C PHE A 90 26.35 -30.69 -24.32
N ASN A 91 26.54 -29.96 -25.40
CA ASN A 91 25.74 -30.18 -26.58
C ASN A 91 26.73 -30.50 -27.69
N PHE A 92 26.36 -31.46 -28.54
CA PHE A 92 27.24 -31.85 -29.62
C PHE A 92 26.61 -31.64 -30.99
N PRO A 93 27.45 -31.66 -32.04
CA PRO A 93 27.07 -31.49 -33.45
C PRO A 93 25.88 -32.33 -33.89
N ASP A 94 25.90 -33.62 -33.57
CA ASP A 94 24.81 -34.49 -33.96
C ASP A 94 24.60 -35.64 -32.95
N PRO A 95 23.51 -36.40 -33.10
CA PRO A 95 23.25 -37.52 -32.18
C PRO A 95 24.30 -38.60 -32.24
N ALA A 96 24.95 -38.71 -33.40
CA ALA A 96 25.99 -39.71 -33.62
C ALA A 96 27.17 -39.48 -32.67
N THR A 97 27.47 -38.20 -32.41
CA THR A 97 28.56 -37.84 -31.52
C THR A 97 28.23 -38.20 -30.06
N VAL A 98 26.95 -38.12 -29.71
CA VAL A 98 26.47 -38.45 -28.37
C VAL A 98 26.76 -39.93 -28.09
N LYS A 99 26.32 -40.77 -29.02
CA LYS A 99 26.51 -42.21 -28.92
C LYS A 99 27.99 -42.53 -28.71
N LYS A 100 28.85 -41.90 -29.50
CA LYS A 100 30.28 -42.14 -29.42
C LYS A 100 30.86 -41.73 -28.06
N VAL A 101 30.52 -40.53 -27.60
CA VAL A 101 31.01 -40.03 -26.33
C VAL A 101 30.54 -40.95 -25.21
N VAL A 102 29.32 -41.48 -25.36
CA VAL A 102 28.77 -42.39 -24.36
C VAL A 102 29.55 -43.68 -24.34
N ASN A 103 30.00 -44.14 -25.51
CA ASN A 103 30.75 -45.38 -25.54
C ASN A 103 32.17 -45.23 -25.01
N PHE A 104 32.61 -44.00 -24.78
CA PHE A 104 33.95 -43.78 -24.25
C PHE A 104 33.86 -43.46 -22.76
N LEU A 105 32.66 -43.16 -22.27
CA LEU A 105 32.50 -42.81 -20.85
C LEU A 105 32.19 -44.03 -19.99
N PRO A 106 32.40 -43.92 -18.67
CA PRO A 106 32.12 -45.06 -17.78
C PRO A 106 30.68 -45.52 -17.91
N ARG A 107 30.49 -46.83 -17.85
CA ARG A 107 29.17 -47.42 -17.96
C ARG A 107 28.46 -47.31 -16.61
N VAL A 108 27.69 -46.24 -16.40
CA VAL A 108 26.98 -46.04 -15.14
C VAL A 108 25.49 -45.87 -15.39
N GLY A 109 25.15 -45.71 -16.65
CA GLY A 109 23.78 -45.51 -17.03
C GLY A 109 23.22 -44.19 -16.52
N VAL A 110 22.03 -44.27 -15.94
CA VAL A 110 21.33 -43.10 -15.44
C VAL A 110 21.44 -43.01 -13.92
N GLY A 111 22.33 -43.82 -13.35
CA GLY A 111 22.49 -43.82 -11.91
C GLY A 111 21.79 -45.01 -11.28
N THR A 112 21.78 -45.01 -9.95
CA THR A 112 21.19 -46.10 -9.19
C THR A 112 19.85 -45.72 -8.54
N SER A 113 19.61 -44.43 -8.41
CA SER A 113 18.41 -43.91 -7.77
C SER A 113 17.05 -44.24 -8.38
N PHE A 114 16.98 -44.41 -9.70
CA PHE A 114 15.71 -44.65 -10.38
C PHE A 114 15.31 -46.09 -10.68
N GLY A 115 16.03 -47.04 -10.10
CA GLY A 115 15.71 -48.45 -10.32
C GLY A 115 15.83 -48.83 -11.78
N LEU A 116 16.81 -48.25 -12.46
CA LEU A 116 17.04 -48.54 -13.86
C LEU A 116 18.41 -49.19 -14.04
N PRO A 117 18.50 -50.12 -14.98
CA PRO A 117 19.76 -50.81 -15.25
C PRO A 117 20.84 -49.79 -15.54
N GLN A 118 22.06 -50.06 -15.09
CA GLN A 118 23.15 -49.15 -15.34
C GLN A 118 23.93 -49.53 -16.59
N THR A 119 23.31 -49.36 -17.74
CA THR A 119 23.92 -49.66 -19.03
C THR A 119 24.07 -48.41 -19.90
N ARG A 120 25.03 -48.44 -20.81
CA ARG A 120 25.22 -47.31 -21.70
C ARG A 120 23.93 -47.08 -22.49
N ARG A 121 23.19 -48.16 -22.72
CA ARG A 121 21.92 -48.06 -23.44
C ARG A 121 20.92 -47.23 -22.68
N ILE A 122 20.88 -47.39 -21.36
CA ILE A 122 19.95 -46.63 -20.54
C ILE A 122 20.27 -45.16 -20.65
N SER A 123 21.56 -44.85 -20.76
CA SER A 123 22.00 -43.47 -20.89
C SER A 123 21.61 -42.86 -22.23
N LEU A 124 21.15 -43.69 -23.16
CA LEU A 124 20.75 -43.18 -24.48
C LEU A 124 19.26 -43.41 -24.68
N ALA A 125 18.63 -44.13 -23.76
CA ALA A 125 17.22 -44.42 -23.87
C ALA A 125 16.36 -43.17 -23.90
N SER A 126 15.21 -43.26 -24.56
CA SER A 126 14.30 -42.14 -24.68
C SER A 126 13.54 -41.92 -23.37
N PRO A 127 13.07 -40.70 -23.16
CA PRO A 127 12.33 -40.38 -21.94
C PRO A 127 11.20 -41.40 -21.71
N ARG A 128 10.49 -41.76 -22.77
CA ARG A 128 9.40 -42.73 -22.66
C ARG A 128 9.85 -44.09 -22.15
N GLN A 129 11.03 -44.53 -22.58
CA GLN A 129 11.54 -45.82 -22.14
C GLN A 129 12.04 -45.72 -20.70
N LEU A 130 12.61 -44.58 -20.33
CA LEU A 130 13.08 -44.46 -18.97
C LEU A 130 11.88 -44.54 -18.04
N PHE A 131 10.80 -43.88 -18.46
CA PHE A 131 9.61 -43.86 -17.65
C PHE A 131 9.06 -45.25 -17.43
N LYS A 132 8.88 -45.94 -18.54
CA LYS A 132 8.34 -47.27 -18.58
C LYS A 132 9.18 -48.28 -17.80
N ALA A 133 10.51 -48.14 -17.85
CA ALA A 133 11.39 -49.07 -17.16
C ALA A 133 11.69 -48.75 -15.70
N SER A 134 11.30 -47.55 -15.24
CA SER A 134 11.59 -47.19 -13.86
C SER A 134 10.60 -47.76 -12.86
N ASN A 135 10.97 -47.67 -11.59
CA ASN A 135 10.13 -48.12 -10.48
C ASN A 135 9.80 -46.92 -9.60
N MET A 136 10.05 -45.72 -10.10
CA MET A 136 9.79 -44.50 -9.36
C MET A 136 8.31 -44.24 -9.15
N THR A 137 7.50 -44.51 -10.16
CA THR A 137 6.07 -44.30 -10.06
C THR A 137 5.55 -45.14 -8.89
N GLN A 138 5.80 -46.45 -8.95
CA GLN A 138 5.35 -47.32 -7.89
C GLN A 138 5.82 -46.81 -6.53
N ARG A 139 7.10 -46.49 -6.43
CA ARG A 139 7.65 -45.99 -5.17
C ARG A 139 6.91 -44.75 -4.72
N TRP A 140 6.48 -43.95 -5.69
CA TRP A 140 5.75 -42.71 -5.41
C TRP A 140 4.37 -43.05 -4.87
N GLN A 141 3.78 -44.12 -5.40
CA GLN A 141 2.46 -44.56 -4.95
C GLN A 141 2.53 -45.19 -3.56
N HIS A 142 3.66 -45.80 -3.23
CA HIS A 142 3.79 -46.43 -1.92
C HIS A 142 4.29 -45.39 -0.91
N ARG A 143 4.34 -44.14 -1.34
CA ARG A 143 4.79 -43.03 -0.51
C ARG A 143 6.24 -43.15 -0.04
N GLU A 144 7.06 -43.90 -0.78
CA GLU A 144 8.46 -44.04 -0.43
C GLU A 144 9.14 -42.77 -0.95
N ILE A 145 8.51 -42.17 -1.94
CA ILE A 145 8.99 -40.96 -2.58
C ILE A 145 7.94 -39.86 -2.42
N SER A 146 8.37 -38.65 -2.11
CA SER A 146 7.45 -37.52 -1.96
C SER A 146 6.96 -37.02 -3.31
N ASN A 147 6.03 -36.07 -3.29
CA ASN A 147 5.51 -35.49 -4.53
C ASN A 147 6.60 -34.67 -5.19
N PHE A 148 7.34 -33.94 -4.36
CA PHE A 148 8.44 -33.12 -4.83
C PHE A 148 9.44 -33.98 -5.58
N GLU A 149 9.95 -35.01 -4.90
CA GLU A 149 10.93 -35.92 -5.50
C GLU A 149 10.43 -36.57 -6.79
N TYR A 150 9.16 -36.95 -6.83
CA TYR A 150 8.61 -37.58 -8.01
C TYR A 150 8.59 -36.57 -9.15
N LEU A 151 8.25 -35.33 -8.84
CA LEU A 151 8.21 -34.30 -9.89
C LEU A 151 9.62 -34.04 -10.41
N MET A 152 10.62 -33.97 -9.52
CA MET A 152 11.98 -33.74 -9.98
C MET A 152 12.38 -34.87 -10.93
N PHE A 153 11.91 -36.08 -10.60
CA PHE A 153 12.17 -37.29 -11.37
C PHE A 153 11.61 -37.19 -12.78
N LEU A 154 10.32 -36.90 -12.86
CA LEU A 154 9.67 -36.76 -14.15
C LEU A 154 10.43 -35.71 -14.98
N ASN A 155 10.80 -34.61 -14.33
CA ASN A 155 11.52 -33.53 -14.98
C ASN A 155 12.90 -34.01 -15.47
N THR A 156 13.60 -34.75 -14.62
CA THR A 156 14.93 -35.22 -15.00
C THR A 156 14.89 -36.18 -16.19
N ILE A 157 13.95 -37.11 -16.14
CA ILE A 157 13.80 -38.10 -17.19
C ILE A 157 13.32 -37.46 -18.49
N ALA A 158 12.62 -36.35 -18.36
CA ALA A 158 12.11 -35.68 -19.53
C ALA A 158 13.19 -34.85 -20.18
N GLY A 159 14.31 -34.66 -19.48
CA GLY A 159 15.38 -33.87 -20.07
C GLY A 159 15.53 -32.47 -19.49
N ARG A 160 14.73 -32.15 -18.49
CA ARG A 160 14.80 -30.85 -17.85
C ARG A 160 16.04 -30.78 -16.99
N SER A 161 16.69 -29.63 -17.01
CA SER A 161 17.94 -29.46 -16.28
C SER A 161 18.17 -28.07 -15.68
N TYR A 162 18.85 -28.06 -14.56
CA TYR A 162 19.21 -26.83 -13.87
C TYR A 162 20.33 -26.11 -14.65
N ASN A 163 21.02 -26.83 -15.53
CA ASN A 163 22.12 -26.27 -16.33
C ASN A 163 21.65 -25.48 -17.55
N ASP A 164 20.46 -25.81 -18.04
CA ASP A 164 19.89 -25.12 -19.21
C ASP A 164 18.59 -24.43 -18.86
N LEU A 165 18.66 -23.11 -18.68
CA LEU A 165 17.50 -22.30 -18.34
C LEU A 165 16.39 -22.39 -19.39
N ASN A 166 16.72 -22.91 -20.56
CA ASN A 166 15.70 -23.02 -21.61
C ASN A 166 14.87 -24.29 -21.46
N GLN A 167 15.32 -25.20 -20.59
CA GLN A 167 14.59 -26.45 -20.34
C GLN A 167 14.54 -26.64 -18.83
N TYR A 168 14.19 -25.58 -18.13
CA TYR A 168 14.14 -25.62 -16.69
C TYR A 168 13.05 -26.55 -16.19
N PRO A 169 13.24 -27.12 -14.99
CA PRO A 169 12.24 -28.02 -14.42
C PRO A 169 10.95 -27.23 -14.21
N VAL A 170 9.83 -27.93 -14.36
CA VAL A 170 8.51 -27.32 -14.24
C VAL A 170 7.69 -27.91 -13.09
N PHE A 171 7.23 -27.04 -12.20
CA PHE A 171 6.43 -27.43 -11.06
C PHE A 171 5.15 -26.62 -11.11
N PRO A 172 4.03 -27.23 -10.71
CA PRO A 172 2.72 -26.60 -10.72
C PRO A 172 2.41 -25.61 -9.60
N TRP A 173 1.57 -24.62 -9.89
CA TRP A 173 1.13 -23.71 -8.85
C TRP A 173 0.22 -24.64 -8.06
N VAL A 174 0.21 -24.53 -6.76
CA VAL A 174 -0.66 -25.39 -5.97
C VAL A 174 -1.64 -24.58 -5.14
N ILE A 175 -1.16 -23.48 -4.56
CA ILE A 175 -1.97 -22.60 -3.75
C ILE A 175 -2.51 -21.46 -4.62
N THR A 176 -3.80 -21.15 -4.48
CA THR A 176 -4.38 -20.08 -5.29
C THR A 176 -4.65 -18.86 -4.42
N ASN A 177 -4.75 -19.08 -3.12
CA ASN A 177 -5.06 -18.04 -2.14
C ASN A 177 -3.86 -17.30 -1.54
N TYR A 178 -3.64 -16.07 -1.99
CA TYR A 178 -2.54 -15.26 -1.47
C TYR A 178 -3.06 -14.00 -0.81
N GLU A 179 -4.32 -14.05 -0.39
CA GLU A 179 -5.01 -12.92 0.23
C GLU A 179 -5.26 -13.09 1.73
N SER A 180 -5.96 -14.17 2.08
CA SER A 180 -6.30 -14.48 3.46
C SER A 180 -5.16 -14.29 4.45
N GLU A 181 -5.52 -14.08 5.71
CA GLU A 181 -4.56 -13.88 6.79
C GLU A 181 -4.03 -15.25 7.21
N GLU A 182 -4.88 -16.25 7.04
CA GLU A 182 -4.58 -17.63 7.38
C GLU A 182 -4.82 -18.44 6.11
N LEU A 183 -4.13 -19.56 5.98
CA LEU A 183 -4.32 -20.42 4.82
C LEU A 183 -4.77 -21.77 5.33
N ASP A 184 -6.07 -22.04 5.26
CA ASP A 184 -6.60 -23.32 5.72
C ASP A 184 -6.21 -24.38 4.71
N LEU A 185 -5.32 -25.31 5.10
CA LEU A 185 -4.86 -26.38 4.19
C LEU A 185 -5.88 -27.48 3.96
N THR A 186 -7.08 -27.33 4.53
CA THR A 186 -8.14 -28.32 4.34
C THR A 186 -9.28 -27.79 3.43
N LEU A 187 -9.15 -26.52 3.03
CA LEU A 187 -10.13 -25.89 2.16
C LEU A 187 -9.86 -26.21 0.71
N PRO A 188 -10.72 -27.03 0.09
CA PRO A 188 -10.48 -27.36 -1.32
C PRO A 188 -10.37 -26.07 -2.14
N THR A 189 -11.07 -25.05 -1.68
CA THR A 189 -11.14 -23.74 -2.32
C THR A 189 -9.80 -23.00 -2.41
N ASN A 190 -8.82 -23.42 -1.61
CA ASN A 190 -7.52 -22.77 -1.61
C ASN A 190 -6.55 -23.46 -2.58
N PHE A 191 -7.01 -24.53 -3.21
CA PHE A 191 -6.15 -25.28 -4.12
C PHE A 191 -6.42 -25.16 -5.61
N ARG A 192 -5.34 -25.15 -6.38
CA ARG A 192 -5.38 -25.07 -7.83
C ARG A 192 -5.91 -26.40 -8.40
N ASP A 193 -6.81 -26.35 -9.37
CA ASP A 193 -7.33 -27.58 -9.97
C ASP A 193 -6.20 -28.05 -10.88
N LEU A 194 -5.51 -29.10 -10.44
CA LEU A 194 -4.37 -29.62 -11.17
C LEU A 194 -4.70 -30.32 -12.48
N SER A 195 -5.99 -30.53 -12.75
CA SER A 195 -6.37 -31.19 -13.99
C SER A 195 -6.40 -30.23 -15.16
N LYS A 196 -6.31 -28.95 -14.87
CA LYS A 196 -6.38 -27.93 -15.89
C LYS A 196 -5.11 -27.07 -16.02
N PRO A 197 -4.78 -26.65 -17.25
CA PRO A 197 -3.59 -25.82 -17.51
C PRO A 197 -3.90 -24.42 -16.94
N ILE A 198 -2.88 -23.62 -16.68
CA ILE A 198 -3.10 -22.29 -16.16
C ILE A 198 -4.08 -21.50 -17.04
N GLY A 199 -3.93 -21.65 -18.35
CA GLY A 199 -4.80 -20.91 -19.26
C GLY A 199 -6.27 -21.20 -19.13
N ALA A 200 -6.58 -22.32 -18.49
CA ALA A 200 -7.97 -22.75 -18.33
C ALA A 200 -8.56 -22.48 -16.96
N LEU A 201 -7.75 -22.00 -16.03
CA LEU A 201 -8.27 -21.76 -14.70
C LEU A 201 -9.26 -20.60 -14.68
N ASN A 202 -8.99 -19.58 -15.49
CA ASN A 202 -9.82 -18.39 -15.57
C ASN A 202 -10.84 -18.54 -16.71
N PRO A 203 -12.11 -18.78 -16.37
CA PRO A 203 -13.15 -18.93 -17.39
C PRO A 203 -13.26 -17.75 -18.39
N LYS A 204 -13.12 -16.54 -17.88
CA LYS A 204 -13.22 -15.37 -18.75
C LYS A 204 -12.14 -15.42 -19.83
N ARG A 205 -10.88 -15.57 -19.41
CA ARG A 205 -9.76 -15.63 -20.32
C ARG A 205 -9.71 -16.94 -21.11
N ALA A 206 -10.19 -18.01 -20.50
CA ALA A 206 -10.21 -19.30 -21.18
C ALA A 206 -11.02 -19.23 -22.47
N ALA A 207 -12.09 -18.43 -22.45
CA ALA A 207 -12.93 -18.27 -23.63
C ALA A 207 -12.10 -17.63 -24.72
N PHE A 208 -11.34 -16.61 -24.35
CA PHE A 208 -10.47 -15.93 -25.32
C PHE A 208 -9.61 -16.98 -26.03
N PHE A 209 -8.94 -17.83 -25.25
CA PHE A 209 -8.07 -18.85 -25.82
C PHE A 209 -8.83 -19.81 -26.73
N ALA A 210 -10.00 -20.25 -26.28
CA ALA A 210 -10.83 -21.17 -27.05
C ALA A 210 -11.16 -20.58 -28.42
N GLU A 211 -11.37 -19.27 -28.48
CA GLU A 211 -11.71 -18.61 -29.74
C GLU A 211 -10.51 -18.37 -30.64
N ARG A 212 -9.35 -18.10 -30.05
CA ARG A 212 -8.14 -17.89 -30.86
C ARG A 212 -7.97 -19.19 -31.65
N TYR A 213 -8.02 -20.29 -30.90
CA TYR A 213 -7.86 -21.61 -31.48
C TYR A 213 -8.85 -21.87 -32.61
N GLU A 214 -10.14 -21.63 -32.32
CA GLU A 214 -11.22 -21.84 -33.30
C GLU A 214 -11.03 -21.13 -34.64
N SER A 215 -10.76 -19.83 -34.60
CA SER A 215 -10.61 -19.04 -35.82
C SER A 215 -9.24 -18.94 -36.49
N TRP A 216 -8.23 -19.59 -35.90
CA TRP A 216 -6.89 -19.57 -36.49
C TRP A 216 -6.84 -20.41 -37.77
N GLU A 217 -6.76 -19.74 -38.92
CA GLU A 217 -6.68 -20.45 -40.21
C GLU A 217 -5.22 -20.74 -40.48
N ASP A 218 -4.88 -22.01 -40.35
CA ASP A 218 -3.50 -22.47 -40.50
C ASP A 218 -3.06 -22.94 -41.87
N ASP A 219 -2.49 -22.04 -42.66
CA ASP A 219 -1.99 -22.43 -43.98
C ASP A 219 -0.75 -23.27 -43.69
N GLN A 220 0.11 -22.75 -42.82
CA GLN A 220 1.35 -23.43 -42.45
C GLN A 220 1.48 -23.72 -40.94
N VAL A 221 1.06 -22.79 -40.10
CA VAL A 221 1.17 -22.93 -38.66
C VAL A 221 -0.06 -23.50 -37.93
N PRO A 222 0.07 -24.70 -37.35
CA PRO A 222 -1.02 -25.36 -36.62
C PRO A 222 -1.72 -24.44 -35.64
N LYS A 223 -2.97 -24.79 -35.33
CA LYS A 223 -3.74 -24.00 -34.39
C LYS A 223 -3.09 -24.15 -33.03
N PHE A 224 -3.43 -23.26 -32.11
CA PHE A 224 -2.85 -23.31 -30.78
C PHE A 224 -3.58 -22.35 -29.83
N HIS A 225 -3.44 -22.60 -28.54
CA HIS A 225 -4.08 -21.75 -27.54
C HIS A 225 -3.11 -20.69 -27.02
N TYR A 226 -1.85 -21.07 -26.85
CA TYR A 226 -0.89 -20.13 -26.31
C TYR A 226 0.33 -19.84 -27.16
N GLY A 227 0.62 -18.55 -27.33
CA GLY A 227 1.79 -18.13 -28.08
C GLY A 227 2.87 -17.84 -27.05
N THR A 228 2.55 -18.20 -25.82
CA THR A 228 3.43 -18.04 -24.66
C THR A 228 3.50 -19.41 -24.00
N HIS A 229 4.64 -19.72 -23.37
CA HIS A 229 4.80 -21.04 -22.73
C HIS A 229 4.79 -20.94 -21.22
N TYR A 230 4.75 -22.08 -20.52
CA TYR A 230 4.74 -22.06 -19.05
C TYR A 230 6.15 -22.12 -18.45
N SER A 231 7.14 -22.43 -19.27
CA SER A 231 8.53 -22.50 -18.81
C SER A 231 9.46 -21.80 -19.81
N THR A 232 10.22 -20.82 -19.33
CA THR A 232 11.17 -20.08 -20.19
C THR A 232 12.44 -19.70 -19.41
N ALA A 233 13.51 -19.42 -20.12
CA ALA A 233 14.73 -18.99 -19.49
C ALA A 233 14.48 -17.62 -18.84
N SER A 234 13.66 -16.80 -19.50
CA SER A 234 13.33 -15.48 -19.00
C SER A 234 12.60 -15.55 -17.65
N PHE A 235 11.60 -16.43 -17.56
CA PHE A 235 10.83 -16.60 -16.32
C PHE A 235 11.77 -16.93 -15.18
N VAL A 236 12.65 -17.90 -15.40
CA VAL A 236 13.61 -18.33 -14.40
C VAL A 236 14.39 -17.14 -13.87
N LEU A 237 14.97 -16.37 -14.79
CA LEU A 237 15.74 -15.19 -14.42
C LEU A 237 14.90 -14.23 -13.60
N ALA A 238 13.68 -13.96 -14.06
CA ALA A 238 12.80 -13.05 -13.35
C ALA A 238 12.53 -13.56 -11.92
N TRP A 239 12.20 -14.85 -11.81
CA TRP A 239 11.91 -15.47 -10.51
C TRP A 239 13.05 -15.33 -9.51
N LEU A 240 14.25 -15.65 -9.98
CA LEU A 240 15.43 -15.67 -9.14
C LEU A 240 16.30 -14.43 -9.20
N LEU A 241 15.78 -13.38 -9.81
CA LEU A 241 16.53 -12.14 -9.95
C LEU A 241 17.27 -11.70 -8.67
N ARG A 242 16.73 -12.07 -7.51
CA ARG A 242 17.33 -11.68 -6.23
C ARG A 242 18.57 -12.47 -5.84
N ILE A 243 18.79 -13.58 -6.53
CA ILE A 243 19.91 -14.47 -6.25
C ILE A 243 21.02 -14.39 -7.29
N GLU A 244 22.26 -14.24 -6.82
CA GLU A 244 23.41 -14.23 -7.72
C GLU A 244 23.69 -15.71 -7.98
N PRO A 245 24.20 -16.04 -9.18
CA PRO A 245 24.55 -15.17 -10.30
C PRO A 245 23.39 -14.71 -11.16
N PHE A 246 22.20 -15.25 -10.93
CA PHE A 246 21.03 -14.89 -11.74
C PHE A 246 20.79 -13.39 -11.84
N THR A 247 21.20 -12.64 -10.83
CA THR A 247 21.04 -11.20 -10.87
C THR A 247 21.92 -10.70 -12.01
N THR A 248 23.17 -11.13 -11.98
CA THR A 248 24.11 -10.72 -13.01
C THR A 248 23.67 -11.19 -14.39
N TYR A 249 23.21 -12.45 -14.49
CA TYR A 249 22.75 -12.98 -15.77
C TYR A 249 21.61 -12.11 -16.30
N PHE A 250 20.72 -11.73 -15.39
CA PHE A 250 19.59 -10.89 -15.75
C PHE A 250 20.06 -9.51 -16.17
N LEU A 251 20.85 -8.86 -15.32
CA LEU A 251 21.35 -7.52 -15.63
C LEU A 251 22.06 -7.49 -16.98
N ASN A 252 22.87 -8.51 -17.24
CA ASN A 252 23.61 -8.60 -18.50
C ASN A 252 22.69 -8.60 -19.71
N LEU A 253 21.82 -9.60 -19.81
CA LEU A 253 20.91 -9.72 -20.95
C LEU A 253 19.90 -8.57 -21.08
N GLN A 254 19.70 -7.82 -20.00
CA GLN A 254 18.74 -6.72 -20.01
C GLN A 254 19.34 -5.41 -20.52
N GLY A 255 20.64 -5.24 -20.31
CA GLY A 255 21.30 -4.02 -20.75
C GLY A 255 22.10 -3.33 -19.66
N GLY A 256 22.32 -4.04 -18.55
CA GLY A 256 23.08 -3.48 -17.45
C GLY A 256 22.20 -3.02 -16.30
N LYS A 257 21.00 -2.57 -16.62
CA LYS A 257 20.07 -2.09 -15.60
C LYS A 257 18.82 -2.96 -15.48
N PHE A 258 18.28 -3.03 -14.27
CA PHE A 258 17.09 -3.83 -14.00
C PHE A 258 15.94 -3.49 -14.92
N ASP A 259 14.87 -4.26 -14.81
CA ASP A 259 13.69 -4.06 -15.64
C ASP A 259 12.79 -3.01 -15.01
N HIS A 260 11.77 -2.59 -15.73
CA HIS A 260 10.82 -1.60 -15.25
C HIS A 260 10.16 -2.17 -13.99
N ALA A 261 10.40 -1.50 -12.85
CA ALA A 261 9.87 -1.93 -11.57
C ALA A 261 8.48 -2.55 -11.66
N ASP A 262 7.64 -1.98 -12.52
CA ASP A 262 6.27 -2.47 -12.70
C ASP A 262 6.22 -3.84 -13.38
N ARG A 263 7.38 -4.38 -13.71
CA ARG A 263 7.44 -5.69 -14.37
C ARG A 263 8.32 -6.71 -13.67
N THR A 264 9.17 -6.26 -12.76
CA THR A 264 10.02 -7.21 -12.06
C THR A 264 9.20 -7.92 -10.99
N PHE A 265 9.54 -9.17 -10.73
CA PHE A 265 8.88 -10.00 -9.73
C PHE A 265 8.98 -9.25 -8.39
N SER A 266 7.84 -8.89 -7.81
CA SER A 266 7.83 -8.15 -6.56
C SER A 266 6.76 -8.60 -5.57
N SER A 267 5.79 -9.36 -6.06
CA SER A 267 4.71 -9.84 -5.23
C SER A 267 4.28 -11.22 -5.70
N ILE A 268 4.02 -12.10 -4.74
CA ILE A 268 3.57 -13.44 -5.09
C ILE A 268 2.12 -13.30 -5.55
N SER A 269 1.35 -12.52 -4.81
CA SER A 269 -0.05 -12.29 -5.13
C SER A 269 -0.17 -11.70 -6.55
N ARG A 270 0.65 -10.68 -6.81
CA ARG A 270 0.63 -10.04 -8.11
C ARG A 270 0.98 -11.00 -9.24
N ALA A 271 2.04 -11.79 -9.04
CA ALA A 271 2.47 -12.79 -10.02
C ALA A 271 1.35 -13.78 -10.31
N TRP A 272 0.70 -14.27 -9.25
CA TRP A 272 -0.40 -15.21 -9.45
C TRP A 272 -1.56 -14.53 -10.20
N ARG A 273 -1.97 -13.35 -9.72
CA ARG A 273 -3.06 -12.62 -10.37
C ARG A 273 -2.77 -12.45 -11.85
N ASN A 274 -1.52 -12.15 -12.19
CA ASN A 274 -1.17 -11.97 -13.59
C ASN A 274 -1.27 -13.24 -14.40
N SER A 275 -0.84 -14.37 -13.84
CA SER A 275 -0.91 -15.65 -14.54
C SER A 275 -2.37 -16.06 -14.75
N GLN A 276 -3.27 -15.35 -14.09
CA GLN A 276 -4.70 -15.63 -14.22
C GLN A 276 -5.39 -14.74 -15.24
N ARG A 277 -5.02 -13.45 -15.26
CA ARG A 277 -5.68 -12.50 -16.17
C ARG A 277 -5.00 -12.17 -17.49
N ASP A 278 -3.69 -11.94 -17.50
CA ASP A 278 -3.01 -11.57 -18.74
C ASP A 278 -2.97 -12.67 -19.79
N THR A 279 -3.50 -12.37 -20.97
CA THR A 279 -3.54 -13.31 -22.09
C THR A 279 -2.15 -13.81 -22.53
N SER A 280 -1.10 -13.07 -22.17
CA SER A 280 0.26 -13.47 -22.53
C SER A 280 1.01 -14.12 -21.35
N ASP A 281 0.29 -14.52 -20.30
CA ASP A 281 0.93 -15.11 -19.12
C ASP A 281 0.16 -16.29 -18.55
N ILE A 282 0.63 -17.50 -18.87
CA ILE A 282 0.03 -18.75 -18.37
C ILE A 282 1.16 -19.55 -17.76
N LYS A 283 2.05 -18.82 -17.10
CA LYS A 283 3.25 -19.37 -16.48
C LYS A 283 3.01 -20.36 -15.33
N GLU A 284 3.86 -21.40 -15.26
CA GLU A 284 3.77 -22.36 -14.17
C GLU A 284 4.89 -21.98 -13.20
N LEU A 285 5.04 -22.73 -12.13
CA LEU A 285 6.03 -22.42 -11.12
C LEU A 285 7.40 -23.08 -11.36
N ILE A 286 8.27 -22.89 -10.37
CA ILE A 286 9.61 -23.42 -10.41
C ILE A 286 9.90 -24.23 -9.14
N PRO A 287 10.76 -25.26 -9.21
CA PRO A 287 11.04 -26.06 -8.00
C PRO A 287 11.41 -25.23 -6.77
N GLU A 288 12.25 -24.22 -6.97
CA GLU A 288 12.69 -23.38 -5.88
C GLU A 288 11.59 -22.80 -4.99
N PHE A 289 10.37 -22.71 -5.52
CA PHE A 289 9.24 -22.17 -4.75
C PHE A 289 8.96 -23.05 -3.58
N TYR A 290 9.33 -24.31 -3.69
CA TYR A 290 9.10 -25.26 -2.63
C TYR A 290 10.34 -25.62 -1.84
N TYR A 291 11.35 -24.78 -1.85
CA TYR A 291 12.54 -25.10 -1.05
C TYR A 291 13.60 -24.02 -0.90
N LEU A 292 13.52 -22.95 -1.68
CA LEU A 292 14.54 -21.90 -1.58
C LEU A 292 13.94 -20.54 -1.20
N PRO A 293 13.76 -20.28 0.11
CA PRO A 293 13.20 -19.01 0.55
C PRO A 293 14.03 -17.77 0.18
N GLU A 294 15.32 -17.99 -0.09
CA GLU A 294 16.25 -16.92 -0.44
C GLU A 294 15.88 -16.12 -1.69
N MET A 295 15.17 -16.73 -2.62
CA MET A 295 14.78 -16.04 -3.83
C MET A 295 13.76 -14.94 -3.57
N PHE A 296 13.10 -15.01 -2.40
CA PHE A 296 12.09 -14.02 -2.04
C PHE A 296 12.63 -12.85 -1.23
N VAL A 297 13.91 -12.92 -0.89
CA VAL A 297 14.56 -11.88 -0.11
C VAL A 297 15.60 -11.11 -0.91
N ASN A 298 15.51 -9.79 -0.87
CA ASN A 298 16.49 -8.94 -1.54
C ASN A 298 17.68 -8.81 -0.60
N PHE A 299 18.32 -9.93 -0.27
CA PHE A 299 19.44 -9.87 0.65
C PHE A 299 20.57 -8.96 0.20
N ASN A 300 20.78 -8.86 -1.10
CA ASN A 300 21.86 -8.04 -1.64
C ASN A 300 21.60 -6.53 -1.61
N ASN A 301 20.53 -6.12 -0.93
CA ASN A 301 20.16 -4.70 -0.85
C ASN A 301 20.30 -4.01 -2.20
N TYR A 302 19.82 -4.66 -3.26
CA TYR A 302 19.88 -4.10 -4.60
C TYR A 302 18.77 -3.06 -4.80
N ASN A 303 18.95 -2.19 -5.78
CA ASN A 303 17.99 -1.15 -6.07
C ASN A 303 16.60 -1.70 -6.39
N LEU A 304 16.47 -2.27 -7.59
CA LEU A 304 15.23 -2.87 -8.06
C LEU A 304 14.21 -1.82 -8.47
N GLY A 305 14.36 -0.60 -7.95
CA GLY A 305 13.46 0.47 -8.33
C GLY A 305 12.15 0.65 -7.58
N VAL A 306 11.26 1.45 -8.16
CA VAL A 306 9.97 1.77 -7.58
C VAL A 306 8.88 1.72 -8.66
N MET A 307 7.79 1.02 -8.36
CA MET A 307 6.69 0.91 -9.31
C MET A 307 6.02 2.28 -9.48
N ASP A 308 5.18 2.40 -10.50
CA ASP A 308 4.49 3.65 -10.77
C ASP A 308 3.57 4.14 -9.64
N ASP A 309 3.04 3.24 -8.83
CA ASP A 309 2.17 3.69 -7.75
C ASP A 309 3.00 4.05 -6.53
N GLY A 310 4.32 4.03 -6.71
CA GLY A 310 5.24 4.37 -5.62
C GLY A 310 5.71 3.22 -4.76
N THR A 311 5.27 2.00 -5.04
CA THR A 311 5.69 0.83 -4.26
C THR A 311 7.17 0.53 -4.47
N VAL A 312 7.94 0.47 -3.38
CA VAL A 312 9.36 0.16 -3.52
C VAL A 312 9.57 -1.35 -3.62
N VAL A 313 10.42 -1.77 -4.55
CA VAL A 313 10.72 -3.19 -4.75
C VAL A 313 11.96 -3.63 -3.98
N SER A 314 11.78 -4.63 -3.12
CA SER A 314 12.87 -5.16 -2.31
C SER A 314 12.56 -6.63 -2.09
N ASP A 315 12.25 -7.02 -0.86
CA ASP A 315 11.89 -8.42 -0.63
C ASP A 315 10.58 -8.62 -1.40
N VAL A 316 10.28 -9.85 -1.79
CA VAL A 316 9.05 -10.11 -2.50
C VAL A 316 7.90 -9.99 -1.50
N GLU A 317 6.82 -9.33 -1.89
CA GLU A 317 5.66 -9.18 -1.00
C GLU A 317 4.95 -10.52 -0.77
N LEU A 318 5.08 -11.06 0.44
CA LEU A 318 4.47 -12.35 0.75
C LEU A 318 3.04 -12.20 1.18
N PRO A 319 2.25 -13.28 1.10
CA PRO A 319 0.85 -13.27 1.51
C PRO A 319 0.77 -13.07 3.01
N PRO A 320 -0.39 -12.62 3.53
CA PRO A 320 -0.52 -12.42 4.97
C PRO A 320 -0.26 -13.69 5.79
N TRP A 321 -0.58 -14.87 5.25
CA TRP A 321 -0.38 -16.11 5.98
C TRP A 321 1.06 -16.60 6.04
N ALA A 322 1.97 -15.81 5.50
CA ALA A 322 3.38 -16.16 5.54
C ALA A 322 4.11 -14.93 6.01
N LYS A 323 4.62 -14.96 7.23
CA LYS A 323 5.32 -13.80 7.76
C LYS A 323 6.73 -13.69 7.19
N THR A 324 7.36 -14.84 6.95
CA THR A 324 8.72 -14.84 6.40
C THR A 324 8.82 -15.68 5.12
N SER A 325 9.96 -15.57 4.45
CA SER A 325 10.17 -16.32 3.22
C SER A 325 10.23 -17.80 3.59
N GLU A 326 10.87 -18.10 4.72
CA GLU A 326 10.99 -19.49 5.17
C GLU A 326 9.62 -20.12 5.45
N GLU A 327 8.72 -19.33 6.04
CA GLU A 327 7.40 -19.81 6.36
C GLU A 327 6.63 -20.00 5.05
N PHE A 328 6.92 -19.13 4.09
CA PHE A 328 6.25 -19.18 2.80
C PHE A 328 6.64 -20.46 2.07
N VAL A 329 7.93 -20.78 2.09
CA VAL A 329 8.35 -21.99 1.41
C VAL A 329 7.86 -23.21 2.14
N HIS A 330 7.92 -23.16 3.46
CA HIS A 330 7.48 -24.27 4.28
C HIS A 330 6.01 -24.60 4.03
N ILE A 331 5.16 -23.58 3.93
CA ILE A 331 3.76 -23.84 3.72
C ILE A 331 3.54 -24.30 2.28
N ASN A 332 4.30 -23.73 1.34
CA ASN A 332 4.17 -24.15 -0.05
C ASN A 332 4.43 -25.65 -0.12
N ARG A 333 5.48 -26.10 0.56
CA ARG A 333 5.83 -27.52 0.58
C ARG A 333 4.72 -28.35 1.23
N LEU A 334 4.23 -27.92 2.39
CA LEU A 334 3.14 -28.67 3.03
C LEU A 334 2.02 -28.83 2.01
N ALA A 335 1.69 -27.74 1.33
CA ALA A 335 0.63 -27.78 0.33
C ALA A 335 0.93 -28.87 -0.71
N LEU A 336 2.08 -28.76 -1.35
CA LEU A 336 2.53 -29.70 -2.38
C LEU A 336 2.45 -31.17 -1.94
N GLU A 337 2.85 -31.44 -0.69
CA GLU A 337 2.82 -32.81 -0.15
C GLU A 337 1.46 -33.18 0.47
N SER A 338 0.51 -32.26 0.48
CA SER A 338 -0.82 -32.52 1.05
C SER A 338 -1.60 -33.55 0.24
N GLU A 339 -2.64 -34.09 0.85
CA GLU A 339 -3.48 -35.08 0.19
C GLU A 339 -4.22 -34.43 -0.98
N PHE A 340 -4.52 -33.14 -0.87
CA PHE A 340 -5.22 -32.46 -1.93
C PHE A 340 -4.43 -32.57 -3.23
N VAL A 341 -3.11 -32.45 -3.13
CA VAL A 341 -2.25 -32.56 -4.30
C VAL A 341 -2.05 -34.00 -4.73
N SER A 342 -1.73 -34.86 -3.76
CA SER A 342 -1.49 -36.28 -4.04
C SER A 342 -2.65 -36.96 -4.78
N CYS A 343 -3.89 -36.60 -4.44
CA CYS A 343 -5.01 -37.26 -5.09
C CYS A 343 -5.30 -36.81 -6.51
N GLN A 344 -4.65 -35.73 -6.96
CA GLN A 344 -4.88 -35.26 -8.33
C GLN A 344 -3.63 -34.92 -9.16
N LEU A 345 -2.46 -34.94 -8.53
CA LEU A 345 -1.20 -34.62 -9.20
C LEU A 345 -0.97 -35.34 -10.53
N HIS A 346 -1.56 -36.52 -10.69
CA HIS A 346 -1.42 -37.28 -11.92
C HIS A 346 -2.12 -36.60 -13.09
N GLN A 347 -3.14 -35.79 -12.79
CA GLN A 347 -3.86 -35.12 -13.87
C GLN A 347 -3.07 -33.94 -14.41
N TRP A 348 -2.18 -33.40 -13.58
CA TRP A 348 -1.34 -32.29 -14.02
C TRP A 348 -0.29 -32.96 -14.89
N ILE A 349 0.29 -34.04 -14.35
CA ILE A 349 1.31 -34.78 -15.07
C ILE A 349 0.78 -35.15 -16.47
N ASP A 350 -0.49 -35.50 -16.60
CA ASP A 350 -1.00 -35.85 -17.93
C ASP A 350 -0.89 -34.64 -18.89
N LEU A 351 -1.04 -33.43 -18.35
CA LEU A 351 -0.94 -32.21 -19.16
C LEU A 351 0.48 -31.91 -19.57
N ILE A 352 1.39 -31.97 -18.59
CA ILE A 352 2.79 -31.64 -18.81
C ILE A 352 3.58 -32.71 -19.51
N PHE A 353 3.51 -33.95 -19.02
CA PHE A 353 4.30 -35.03 -19.62
C PHE A 353 3.45 -36.17 -20.16
N GLY A 354 2.17 -36.18 -19.75
CA GLY A 354 1.25 -37.23 -20.12
C GLY A 354 0.57 -37.24 -21.47
N TYR A 355 -0.52 -38.00 -21.53
CA TYR A 355 -1.30 -38.19 -22.76
C TYR A 355 -2.08 -36.96 -23.19
N LYS A 356 -2.20 -35.98 -22.30
CA LYS A 356 -2.93 -34.76 -22.64
C LYS A 356 -1.99 -33.66 -23.16
N GLN A 357 -0.73 -34.00 -23.35
CA GLN A 357 0.24 -33.04 -23.85
C GLN A 357 0.01 -32.73 -25.33
N GLN A 358 -0.46 -33.72 -26.08
CA GLN A 358 -0.70 -33.53 -27.51
C GLN A 358 -1.97 -34.13 -28.08
N GLY A 359 -2.22 -33.78 -29.34
CA GLY A 359 -3.38 -34.30 -30.02
C GLY A 359 -4.72 -33.93 -29.44
N PRO A 360 -5.78 -34.61 -29.91
CA PRO A 360 -7.20 -34.45 -29.54
C PRO A 360 -7.42 -34.20 -28.06
N GLU A 361 -6.72 -34.96 -27.24
CA GLU A 361 -6.85 -34.83 -25.80
C GLU A 361 -6.29 -33.49 -25.35
N ALA A 362 -5.31 -32.98 -26.08
CA ALA A 362 -4.70 -31.70 -25.74
C ALA A 362 -5.65 -30.56 -26.07
N VAL A 363 -6.37 -30.67 -27.19
CA VAL A 363 -7.30 -29.62 -27.57
C VAL A 363 -8.47 -29.63 -26.59
N ARG A 364 -8.87 -30.81 -26.15
CA ARG A 364 -9.98 -30.88 -25.20
C ARG A 364 -9.64 -30.18 -23.90
N ALA A 365 -8.39 -30.31 -23.44
CA ALA A 365 -7.99 -29.69 -22.19
C ALA A 365 -7.54 -28.23 -22.26
N LEU A 366 -7.51 -27.66 -23.46
CA LEU A 366 -7.05 -26.27 -23.65
C LEU A 366 -5.56 -26.29 -23.33
N ASN A 367 -4.85 -27.26 -23.88
CA ASN A 367 -3.44 -27.45 -23.59
C ASN A 367 -2.53 -27.44 -24.82
N VAL A 368 -2.99 -26.83 -25.91
CA VAL A 368 -2.19 -26.80 -27.14
C VAL A 368 -1.29 -25.55 -27.15
N PHE A 369 0.04 -25.75 -27.23
CA PHE A 369 0.99 -24.65 -27.28
C PHE A 369 1.52 -24.44 -28.69
N TYR A 370 2.24 -23.34 -28.91
CA TYR A 370 2.79 -23.06 -30.23
C TYR A 370 3.54 -24.27 -30.74
N TYR A 371 3.26 -24.70 -31.96
CA TYR A 371 3.86 -25.90 -32.49
C TYR A 371 5.39 -25.94 -32.46
N LEU A 372 6.06 -24.80 -32.45
CA LEU A 372 7.53 -24.79 -32.45
C LEU A 372 8.08 -25.26 -31.12
N THR A 373 7.16 -25.39 -30.16
CA THR A 373 7.45 -25.78 -28.80
C THR A 373 7.64 -27.28 -28.58
N TYR A 374 7.07 -28.11 -29.46
CA TYR A 374 7.18 -29.56 -29.31
C TYR A 374 8.38 -30.21 -29.99
N GLU A 375 8.88 -31.28 -29.37
CA GLU A 375 10.03 -32.01 -29.89
C GLU A 375 9.77 -32.43 -31.34
N GLY A 376 10.81 -32.32 -32.16
CA GLY A 376 10.68 -32.68 -33.56
C GLY A 376 10.07 -31.59 -34.43
N ALA A 377 9.75 -30.44 -33.84
CA ALA A 377 9.15 -29.34 -34.61
C ALA A 377 10.07 -28.87 -35.72
N VAL A 378 11.36 -28.77 -35.44
CA VAL A 378 12.33 -28.34 -36.44
C VAL A 378 13.72 -28.96 -36.32
N ASN A 379 14.32 -29.26 -37.47
CA ASN A 379 15.64 -29.84 -37.51
C ASN A 379 16.63 -28.71 -37.79
N LEU A 380 17.36 -28.29 -36.77
CA LEU A 380 18.31 -27.21 -36.90
C LEU A 380 19.48 -27.48 -37.86
N ASN A 381 20.04 -28.68 -37.85
CA ASN A 381 21.14 -28.99 -38.76
C ASN A 381 20.67 -28.83 -40.21
N SER A 382 19.37 -28.67 -40.38
CA SER A 382 18.80 -28.48 -41.70
C SER A 382 19.03 -27.05 -42.21
N ILE A 383 19.32 -26.13 -41.29
CA ILE A 383 19.58 -24.72 -41.65
C ILE A 383 21.07 -24.50 -41.92
N THR A 384 21.45 -24.44 -43.18
CA THR A 384 22.85 -24.27 -43.53
C THR A 384 23.40 -22.86 -43.33
N ASP A 385 22.53 -21.86 -43.42
CA ASP A 385 22.96 -20.49 -43.21
C ASP A 385 23.03 -20.26 -41.70
N PRO A 386 24.23 -20.03 -41.16
CA PRO A 386 24.45 -19.82 -39.71
C PRO A 386 23.65 -18.67 -39.09
N VAL A 387 23.57 -17.55 -39.81
CA VAL A 387 22.85 -16.40 -39.31
C VAL A 387 21.41 -16.84 -39.11
N LEU A 388 20.90 -17.63 -40.05
CA LEU A 388 19.53 -18.10 -39.95
C LEU A 388 19.35 -19.14 -38.84
N ARG A 389 20.33 -20.04 -38.68
CA ARG A 389 20.22 -21.03 -37.62
C ARG A 389 20.08 -20.31 -36.31
N GLU A 390 20.94 -19.30 -36.12
CA GLU A 390 20.95 -18.49 -34.92
C GLU A 390 19.62 -17.79 -34.66
N ALA A 391 18.94 -17.41 -35.73
CA ALA A 391 17.66 -16.73 -35.58
C ALA A 391 16.57 -17.70 -35.12
N VAL A 392 16.45 -18.85 -35.79
CA VAL A 392 15.44 -19.83 -35.40
C VAL A 392 15.69 -20.27 -33.95
N GLU A 393 16.95 -20.51 -33.61
CA GLU A 393 17.20 -20.92 -32.23
C GLU A 393 16.92 -19.79 -31.21
N ALA A 394 16.95 -18.54 -31.67
CA ALA A 394 16.64 -17.42 -30.78
C ALA A 394 15.13 -17.42 -30.54
N GLN A 395 14.41 -17.89 -31.55
CA GLN A 395 12.95 -17.97 -31.50
C GLN A 395 12.58 -19.17 -30.58
N ILE A 396 13.34 -20.26 -30.66
CA ILE A 396 13.08 -21.43 -29.80
C ILE A 396 13.40 -21.03 -28.36
N ARG A 397 14.58 -20.44 -28.18
CA ARG A 397 15.04 -19.98 -26.88
C ARG A 397 13.97 -19.07 -26.29
N SER A 398 13.26 -18.39 -27.17
CA SER A 398 12.23 -17.44 -26.79
C SER A 398 10.80 -17.97 -26.61
N PHE A 399 10.40 -18.91 -27.44
CA PHE A 399 9.05 -19.45 -27.35
C PHE A 399 8.88 -20.50 -26.26
N GLY A 400 9.97 -21.13 -25.85
CA GLY A 400 9.89 -22.13 -24.82
C GLY A 400 9.88 -23.53 -25.40
N GLN A 401 10.22 -24.50 -24.58
CA GLN A 401 10.29 -25.89 -25.01
C GLN A 401 9.42 -26.78 -24.14
N THR A 402 8.43 -27.43 -24.74
CA THR A 402 7.59 -28.35 -23.98
C THR A 402 8.45 -29.57 -23.63
N PRO A 403 8.34 -30.05 -22.39
CA PRO A 403 9.10 -31.21 -21.94
C PRO A 403 8.82 -32.45 -22.79
N SER A 404 9.79 -33.35 -22.85
CA SER A 404 9.61 -34.59 -23.60
C SER A 404 8.41 -35.35 -23.01
N GLN A 405 7.57 -35.92 -23.87
CA GLN A 405 6.42 -36.69 -23.42
C GLN A 405 6.91 -38.00 -22.75
N LEU A 406 6.47 -38.24 -21.52
CA LEU A 406 6.89 -39.43 -20.74
C LEU A 406 6.02 -40.68 -20.88
N LEU A 407 4.78 -40.50 -21.32
CA LEU A 407 3.84 -41.61 -21.51
C LEU A 407 2.67 -41.10 -22.34
N ILE A 408 1.97 -42.01 -23.00
CA ILE A 408 0.83 -41.64 -23.82
C ILE A 408 -0.47 -42.18 -23.26
N GLU A 409 -0.42 -42.71 -22.05
CA GLU A 409 -1.62 -43.25 -21.43
C GLU A 409 -1.90 -42.41 -20.18
N PRO A 410 -3.10 -42.52 -19.59
CA PRO A 410 -3.38 -41.71 -18.40
C PRO A 410 -2.42 -42.09 -17.28
N HIS A 411 -1.91 -41.10 -16.56
CA HIS A 411 -1.01 -41.40 -15.46
C HIS A 411 -1.83 -41.89 -14.28
N PRO A 412 -1.39 -42.97 -13.62
CA PRO A 412 -2.09 -43.55 -12.48
C PRO A 412 -2.12 -42.64 -11.26
N PRO A 413 -3.23 -42.65 -10.52
CA PRO A 413 -3.29 -41.80 -9.33
C PRO A 413 -2.27 -42.31 -8.32
N ARG A 414 -1.89 -41.47 -7.36
CA ARG A 414 -0.92 -41.87 -6.35
C ARG A 414 -1.48 -43.03 -5.53
N GLY B 1 24.45 13.44 4.95
CA GLY B 1 24.45 11.94 4.93
C GLY B 1 23.96 11.35 3.61
N PRO B 2 24.10 10.02 3.41
CA PRO B 2 23.69 9.31 2.20
C PRO B 2 22.17 9.32 2.03
N VAL B 3 21.69 9.94 0.94
CA VAL B 3 20.26 10.05 0.68
C VAL B 3 19.64 8.88 -0.09
N SER B 4 18.67 8.23 0.53
CA SER B 4 17.95 7.11 -0.07
C SER B 4 16.86 7.58 -1.04
N LEU B 5 16.29 8.76 -0.79
CA LEU B 5 15.25 9.31 -1.65
C LEU B 5 15.31 10.83 -1.67
N SER B 6 15.07 11.39 -2.85
CA SER B 6 15.07 12.84 -3.05
C SER B 6 13.93 13.15 -4.00
N THR B 7 13.19 14.21 -3.70
CA THR B 7 12.04 14.57 -4.54
C THR B 7 11.60 16.02 -4.39
N PRO B 8 10.98 16.57 -5.44
CA PRO B 8 10.51 17.96 -5.35
C PRO B 8 9.36 17.89 -4.34
N ALA B 9 9.09 18.98 -3.64
CA ALA B 9 8.02 18.98 -2.67
C ALA B 9 7.78 20.38 -2.16
N GLN B 10 6.65 20.56 -1.50
CA GLN B 10 6.31 21.86 -0.95
C GLN B 10 6.08 21.71 0.54
N LEU B 11 6.52 22.73 1.27
CA LEU B 11 6.35 22.79 2.71
C LEU B 11 5.05 23.56 2.94
N VAL B 12 4.06 22.93 3.55
CA VAL B 12 2.80 23.61 3.77
C VAL B 12 2.69 24.03 5.23
N ALA B 13 2.94 25.32 5.49
CA ALA B 13 2.87 25.82 6.85
C ALA B 13 1.73 26.84 6.94
N PRO B 14 1.30 27.17 8.17
CA PRO B 14 0.20 28.13 8.37
C PRO B 14 0.52 29.40 7.60
N SER B 15 1.78 29.79 7.72
CA SER B 15 2.30 30.97 7.07
C SER B 15 2.18 30.87 5.55
N VAL B 16 3.04 30.04 4.95
CA VAL B 16 3.05 29.88 3.50
C VAL B 16 3.31 28.47 3.00
N VAL B 17 3.31 28.35 1.68
CA VAL B 17 3.56 27.09 0.98
C VAL B 17 4.73 27.40 0.04
N VAL B 18 5.87 26.79 0.31
CA VAL B 18 7.06 27.03 -0.50
C VAL B 18 7.65 25.78 -1.14
N LYS B 19 8.11 25.91 -2.38
CA LYS B 19 8.72 24.80 -3.10
C LYS B 19 10.13 24.52 -2.61
N GLY B 20 10.57 23.28 -2.75
CA GLY B 20 11.90 22.90 -2.31
C GLY B 20 12.16 21.44 -2.57
N THR B 21 13.19 20.88 -1.93
CA THR B 21 13.52 19.47 -2.11
C THR B 21 13.54 18.68 -0.81
N LEU B 22 12.75 17.60 -0.77
CA LEU B 22 12.67 16.74 0.39
C LEU B 22 13.64 15.59 0.22
N SER B 23 14.35 15.28 1.29
CA SER B 23 15.33 14.20 1.28
C SER B 23 15.14 13.29 2.48
N VAL B 24 15.16 11.99 2.22
CA VAL B 24 14.99 11.01 3.28
C VAL B 24 16.21 10.12 3.34
N THR B 25 16.93 10.18 4.46
CA THR B 25 18.11 9.37 4.66
C THR B 25 17.66 8.08 5.34
N SER B 26 18.60 7.42 6.00
CA SER B 26 18.28 6.17 6.68
C SER B 26 17.91 6.40 8.14
N SER B 27 18.11 7.62 8.63
CA SER B 27 17.81 7.93 10.03
C SER B 27 17.08 9.26 10.27
N GLU B 28 16.87 10.03 9.21
CA GLU B 28 16.17 11.31 9.32
C GLU B 28 15.70 11.82 7.96
N LEU B 29 14.89 12.87 7.98
CA LEU B 29 14.41 13.49 6.76
C LEU B 29 14.64 14.98 6.92
N TYR B 30 14.75 15.68 5.79
CA TYR B 30 14.97 17.10 5.84
C TYR B 30 14.46 17.83 4.61
N PHE B 31 14.17 19.12 4.78
CA PHE B 31 13.66 19.91 3.68
C PHE B 31 14.53 21.14 3.52
N GLU B 32 14.71 21.54 2.26
CA GLU B 32 15.49 22.72 1.92
C GLU B 32 14.69 23.54 0.91
N VAL B 33 14.33 24.77 1.28
CA VAL B 33 13.56 25.59 0.36
C VAL B 33 14.41 26.08 -0.80
N ASP B 34 13.76 26.19 -1.95
CA ASP B 34 14.41 26.66 -3.15
C ASP B 34 14.38 28.19 -3.07
N GLU B 35 15.47 28.79 -2.61
CA GLU B 35 15.54 30.24 -2.47
C GLU B 35 15.70 30.91 -3.83
N GLU B 36 15.76 30.10 -4.88
CA GLU B 36 15.91 30.60 -6.23
C GLU B 36 14.54 30.75 -6.88
N ASP B 37 13.52 30.16 -6.28
CA ASP B 37 12.19 30.26 -6.84
C ASP B 37 11.67 31.67 -6.61
N PRO B 38 11.17 32.31 -7.67
CA PRO B 38 10.62 33.68 -7.63
C PRO B 38 9.58 33.92 -6.53
N ASN B 39 8.55 33.08 -6.51
CA ASN B 39 7.47 33.20 -5.54
C ASN B 39 8.01 33.21 -4.11
N PHE B 40 9.20 32.69 -3.92
CA PHE B 40 9.82 32.67 -2.61
C PHE B 40 10.39 34.05 -2.31
N LYS B 41 11.00 34.65 -3.34
CA LYS B 41 11.61 35.97 -3.23
C LYS B 41 10.57 37.01 -2.87
N LYS B 42 9.33 36.79 -3.31
CA LYS B 42 8.24 37.70 -3.03
C LYS B 42 7.85 37.67 -1.56
N ILE B 43 7.72 36.47 -1.01
CA ILE B 43 7.35 36.30 0.40
C ILE B 43 8.02 37.35 1.28
N ASP B 44 7.28 37.83 2.27
CA ASP B 44 7.80 38.83 3.19
C ASP B 44 8.51 38.15 4.36
N PRO B 45 9.68 38.67 4.78
CA PRO B 45 10.44 38.10 5.89
C PRO B 45 9.74 38.01 7.24
N LYS B 46 8.75 38.87 7.47
CA LYS B 46 8.02 38.84 8.75
C LYS B 46 7.26 37.52 8.87
N ILE B 47 6.89 36.95 7.73
CA ILE B 47 6.17 35.69 7.68
C ILE B 47 7.17 34.53 7.71
N LEU B 48 8.16 34.58 6.83
CA LEU B 48 9.19 33.55 6.74
C LEU B 48 9.83 33.38 8.11
N ALA B 49 9.67 34.41 8.95
CA ALA B 49 10.23 34.39 10.29
C ALA B 49 9.46 33.41 11.17
N TYR B 50 8.15 33.39 11.02
CA TYR B 50 7.30 32.50 11.80
C TYR B 50 7.21 31.09 11.22
N THR B 51 7.79 30.88 10.05
CA THR B 51 7.77 29.57 9.39
C THR B 51 8.81 28.60 9.95
N GLU B 52 8.42 27.33 10.05
CA GLU B 52 9.32 26.28 10.56
C GLU B 52 9.56 25.22 9.51
N GLY B 53 10.82 24.82 9.34
CA GLY B 53 11.12 23.78 8.39
C GLY B 53 11.71 24.18 7.05
N LEU B 54 12.02 25.47 6.87
CA LEU B 54 12.59 25.90 5.60
C LEU B 54 13.91 25.16 5.39
N HIS B 55 14.61 24.91 6.51
CA HIS B 55 15.88 24.18 6.52
C HIS B 55 15.75 23.23 7.70
N GLY B 56 14.66 22.46 7.67
CA GLY B 56 14.35 21.52 8.74
C GLY B 56 15.02 20.17 8.75
N LYS B 57 15.21 19.67 9.96
CA LYS B 57 15.83 18.38 10.23
C LYS B 57 14.90 17.62 11.18
N TRP B 58 14.48 16.43 10.76
CA TRP B 58 13.60 15.64 11.61
C TRP B 58 14.14 14.23 11.77
N LEU B 59 14.39 13.85 13.01
CA LEU B 59 14.94 12.53 13.29
C LEU B 59 13.86 11.46 13.33
N PHE B 60 14.09 10.37 12.59
CA PHE B 60 13.16 9.25 12.58
C PHE B 60 12.70 8.95 14.01
N THR B 61 13.68 8.74 14.89
CA THR B 61 13.38 8.45 16.29
C THR B 61 12.31 9.37 16.91
N GLU B 62 12.07 10.51 16.29
CA GLU B 62 11.06 11.44 16.80
C GLU B 62 9.69 11.35 16.14
N ILE B 63 9.62 10.72 14.98
CA ILE B 63 8.35 10.62 14.29
C ILE B 63 7.40 9.66 15.01
N ARG B 64 6.25 10.19 15.45
CA ARG B 64 5.28 9.39 16.16
C ARG B 64 4.10 9.00 15.28
N SER B 65 3.74 9.85 14.32
CA SER B 65 2.64 9.54 13.39
C SER B 65 2.85 10.16 12.01
N ILE B 66 2.34 9.46 11.00
CA ILE B 66 2.44 9.88 9.61
C ILE B 66 1.08 9.71 8.93
N PHE B 67 0.47 10.84 8.54
CA PHE B 67 -0.85 10.83 7.91
C PHE B 67 -0.90 11.21 6.44
N SER B 68 -1.61 10.41 5.66
CA SER B 68 -1.81 10.69 4.26
C SER B 68 -2.66 11.96 4.32
N ARG B 69 -2.40 12.91 3.41
CA ARG B 69 -3.15 14.16 3.42
C ARG B 69 -3.44 14.67 2.04
N ARG B 70 -4.43 15.55 1.95
CA ARG B 70 -4.81 16.16 0.70
C ARG B 70 -4.34 17.61 0.70
N TYR B 71 -4.08 18.14 -0.48
CA TYR B 71 -3.67 19.54 -0.62
C TYR B 71 -4.45 20.07 -1.81
N LEU B 72 -5.19 21.17 -1.60
CA LEU B 72 -6.01 21.73 -2.66
C LEU B 72 -6.82 20.57 -3.27
N LEU B 73 -7.39 19.77 -2.38
CA LEU B 73 -8.23 18.62 -2.74
C LEU B 73 -7.60 17.48 -3.53
N GLN B 74 -6.27 17.49 -3.60
CA GLN B 74 -5.51 16.45 -4.31
C GLN B 74 -4.92 15.52 -3.24
N ASN B 75 -4.89 14.22 -3.49
CA ASN B 75 -4.34 13.27 -2.52
C ASN B 75 -2.84 13.07 -2.74
N THR B 76 -2.07 14.14 -2.60
CA THR B 76 -0.63 14.11 -2.81
C THR B 76 0.16 14.68 -1.64
N ALA B 77 -0.41 14.65 -0.44
CA ALA B 77 0.31 15.23 0.68
C ALA B 77 0.53 14.29 1.85
N LEU B 78 1.30 14.79 2.82
CA LEU B 78 1.65 14.02 3.97
C LEU B 78 1.91 14.94 5.15
N GLU B 79 1.47 14.55 6.33
CA GLU B 79 1.70 15.37 7.52
C GLU B 79 2.37 14.46 8.53
N ILE B 80 3.45 14.93 9.13
CA ILE B 80 4.20 14.11 10.08
C ILE B 80 4.25 14.70 11.46
N PHE B 81 3.92 13.89 12.46
CA PHE B 81 3.92 14.36 13.82
C PHE B 81 5.09 13.86 14.64
N MET B 82 5.77 14.79 15.30
CA MET B 82 6.93 14.47 16.12
C MET B 82 6.57 14.26 17.59
N ALA B 83 7.53 13.76 18.34
CA ALA B 83 7.32 13.49 19.76
C ALA B 83 7.04 14.76 20.56
N ASN B 84 7.55 15.88 20.09
CA ASN B 84 7.34 17.15 20.79
C ASN B 84 6.02 17.80 20.39
N ARG B 85 5.11 16.99 19.85
CA ARG B 85 3.79 17.41 19.39
C ARG B 85 3.81 18.32 18.15
N VAL B 86 5.00 18.56 17.58
CA VAL B 86 5.10 19.40 16.38
C VAL B 86 4.80 18.57 15.14
N ALA B 87 4.19 19.21 14.15
CA ALA B 87 3.85 18.54 12.90
C ALA B 87 4.27 19.37 11.70
N VAL B 88 4.80 18.70 10.68
CA VAL B 88 5.23 19.35 9.47
C VAL B 88 4.48 18.70 8.30
N MET B 89 3.94 19.51 7.41
CA MET B 89 3.17 19.02 6.27
C MET B 89 3.84 19.31 4.94
N PHE B 90 3.88 18.30 4.07
CA PHE B 90 4.48 18.40 2.74
C PHE B 90 3.49 18.00 1.66
N ASN B 91 3.60 18.63 0.48
CA ASN B 91 2.77 18.25 -0.64
C ASN B 91 3.74 17.71 -1.67
N PHE B 92 3.28 16.79 -2.49
CA PHE B 92 4.17 16.21 -3.48
C PHE B 92 3.60 16.31 -4.89
N PRO B 93 4.41 15.97 -5.90
CA PRO B 93 3.98 16.04 -7.31
C PRO B 93 2.83 15.10 -7.62
N ASP B 94 2.78 13.94 -6.95
CA ASP B 94 1.70 12.99 -7.19
C ASP B 94 1.51 12.00 -6.04
N PRO B 95 0.46 11.19 -6.10
CA PRO B 95 0.23 10.24 -5.01
C PRO B 95 1.29 9.12 -4.95
N ALA B 96 1.88 8.81 -6.10
CA ALA B 96 2.92 7.78 -6.19
C ALA B 96 4.18 8.18 -5.41
N THR B 97 4.38 9.49 -5.23
CA THR B 97 5.53 9.97 -4.49
C THR B 97 5.22 9.87 -2.99
N VAL B 98 3.94 10.03 -2.62
CA VAL B 98 3.58 9.94 -1.21
C VAL B 98 3.83 8.53 -0.71
N LYS B 99 3.53 7.55 -1.57
CA LYS B 99 3.73 6.16 -1.21
C LYS B 99 5.22 5.87 -1.08
N LYS B 100 5.98 6.38 -2.07
CA LYS B 100 7.42 6.22 -2.12
C LYS B 100 8.04 6.76 -0.83
N VAL B 101 7.61 7.94 -0.43
CA VAL B 101 8.12 8.59 0.79
C VAL B 101 7.70 7.85 2.07
N VAL B 102 6.51 7.29 2.08
CA VAL B 102 6.05 6.56 3.25
C VAL B 102 6.80 5.24 3.37
N ASN B 103 7.26 4.71 2.24
CA ASN B 103 8.01 3.45 2.24
C ASN B 103 9.39 3.64 2.88
N PHE B 104 9.84 4.89 3.00
CA PHE B 104 11.15 5.13 3.62
C PHE B 104 11.09 5.72 5.04
N LEU B 105 9.93 6.24 5.45
CA LEU B 105 9.83 6.79 6.81
C LEU B 105 9.56 5.65 7.78
N PRO B 106 9.80 5.85 9.08
CA PRO B 106 9.56 4.80 10.08
C PRO B 106 8.14 4.23 10.02
N ARG B 107 8.01 2.95 10.35
CA ARG B 107 6.72 2.29 10.36
C ARG B 107 5.95 2.69 11.63
N VAL B 108 5.31 3.84 11.62
CA VAL B 108 4.56 4.30 12.79
C VAL B 108 3.07 4.35 12.54
N GLY B 109 2.66 4.08 11.31
CA GLY B 109 1.24 4.16 11.01
C GLY B 109 0.70 5.55 11.33
N VAL B 110 -0.49 5.59 11.89
CA VAL B 110 -1.13 6.85 12.22
C VAL B 110 -1.01 7.17 13.72
N GLY B 111 -0.12 6.44 14.41
CA GLY B 111 0.04 6.64 15.84
C GLY B 111 -0.59 5.49 16.63
N THR B 112 -0.66 5.65 17.95
CA THR B 112 -1.20 4.60 18.82
C THR B 112 -2.46 4.95 19.59
N SER B 113 -2.89 6.19 19.52
CA SER B 113 -4.08 6.60 20.28
C SER B 113 -5.43 6.40 19.61
N PHE B 114 -5.44 5.94 18.37
CA PHE B 114 -6.69 5.73 17.65
C PHE B 114 -7.07 4.28 17.48
N GLY B 115 -6.37 3.40 18.18
CA GLY B 115 -6.63 1.97 18.09
C GLY B 115 -6.39 1.40 16.71
N LEU B 116 -5.52 2.01 15.93
CA LEU B 116 -5.23 1.53 14.59
C LEU B 116 -3.86 0.89 14.52
N PRO B 117 -3.69 -0.10 13.62
CA PRO B 117 -2.40 -0.78 13.47
C PRO B 117 -1.37 0.24 13.05
N GLN B 118 -0.14 0.12 13.57
CA GLN B 118 0.93 1.03 13.19
C GLN B 118 1.62 0.49 11.96
N THR B 119 0.98 0.61 10.80
CA THR B 119 1.56 0.11 9.57
C THR B 119 1.62 1.21 8.51
N ARG B 120 2.53 1.06 7.56
CA ARG B 120 2.66 2.04 6.49
C ARG B 120 1.34 2.10 5.74
N ARG B 121 0.68 0.96 5.62
CA ARG B 121 -0.59 0.91 4.93
C ARG B 121 -1.58 1.85 5.59
N ILE B 122 -1.58 1.85 6.92
CA ILE B 122 -2.47 2.71 7.70
C ILE B 122 -2.15 4.18 7.41
N SER B 123 -0.87 4.49 7.27
CA SER B 123 -0.46 5.85 6.99
C SER B 123 -0.89 6.28 5.58
N LEU B 124 -1.32 5.32 4.77
CA LEU B 124 -1.75 5.60 3.39
C LEU B 124 -3.23 5.33 3.19
N ALA B 125 -3.87 4.86 4.24
CA ALA B 125 -5.27 4.51 4.23
C ALA B 125 -6.22 5.70 4.01
N SER B 126 -7.34 5.46 3.34
CA SER B 126 -8.31 6.50 3.09
C SER B 126 -9.05 6.87 4.37
N PRO B 127 -9.51 8.12 4.46
CA PRO B 127 -10.22 8.59 5.64
C PRO B 127 -11.33 7.62 6.07
N ARG B 128 -12.10 7.12 5.10
CA ARG B 128 -13.20 6.20 5.42
C ARG B 128 -12.70 4.92 6.09
N GLN B 129 -11.53 4.45 5.67
CA GLN B 129 -10.97 3.24 6.25
C GLN B 129 -10.44 3.49 7.66
N LEU B 130 -9.91 4.68 7.89
CA LEU B 130 -9.41 5.02 9.22
C LEU B 130 -10.61 5.10 10.16
N PHE B 131 -11.72 5.65 9.67
CA PHE B 131 -12.90 5.74 10.51
C PHE B 131 -13.43 4.36 10.86
N LYS B 132 -13.72 3.57 9.82
CA LYS B 132 -14.23 2.22 10.01
C LYS B 132 -13.35 1.32 10.88
N ALA B 133 -12.03 1.39 10.68
CA ALA B 133 -11.11 0.54 11.44
C ALA B 133 -10.76 1.05 12.83
N SER B 134 -11.12 2.28 13.12
CA SER B 134 -10.79 2.85 14.42
C SER B 134 -11.79 2.49 15.49
N ASN B 135 -11.34 2.47 16.74
CA ASN B 135 -12.23 2.16 17.84
C ASN B 135 -12.58 3.46 18.58
N MET B 136 -12.24 4.60 17.99
CA MET B 136 -12.50 5.88 18.61
C MET B 136 -13.97 6.18 18.82
N THR B 137 -14.82 5.67 17.93
CA THR B 137 -16.25 5.91 18.05
C THR B 137 -16.78 5.16 19.27
N GLN B 138 -16.29 3.93 19.47
CA GLN B 138 -16.73 3.11 20.61
C GLN B 138 -16.32 3.81 21.87
N ARG B 139 -15.05 4.22 21.93
CA ARG B 139 -14.53 4.89 23.10
C ARG B 139 -15.29 6.19 23.36
N TRP B 140 -15.78 6.84 22.30
CA TRP B 140 -16.52 8.08 22.47
C TRP B 140 -17.90 7.81 23.07
N GLN B 141 -18.54 6.73 22.64
CA GLN B 141 -19.84 6.36 23.18
C GLN B 141 -19.69 5.86 24.61
N HIS B 142 -18.56 5.21 24.90
CA HIS B 142 -18.32 4.70 26.25
C HIS B 142 -17.92 5.84 27.16
N ARG B 143 -17.56 6.96 26.55
CA ARG B 143 -17.16 8.17 27.28
C ARG B 143 -15.72 8.24 27.77
N GLU B 144 -14.85 7.43 27.18
CA GLU B 144 -13.45 7.46 27.53
C GLU B 144 -12.92 8.70 26.83
N ILE B 145 -13.66 9.12 25.81
CA ILE B 145 -13.32 10.26 24.99
C ILE B 145 -14.44 11.29 25.06
N SER B 146 -14.07 12.56 25.20
CA SER B 146 -15.04 13.65 25.30
C SER B 146 -15.52 14.06 23.90
N ASN B 147 -16.56 14.89 23.85
CA ASN B 147 -17.06 15.31 22.54
C ASN B 147 -15.98 16.11 21.85
N PHE B 148 -15.31 16.96 22.61
CA PHE B 148 -14.23 17.76 22.07
C PHE B 148 -13.18 16.87 21.39
N GLU B 149 -12.67 15.90 22.14
CA GLU B 149 -11.65 14.96 21.67
C GLU B 149 -12.06 14.14 20.45
N TYR B 150 -13.30 13.69 20.44
CA TYR B 150 -13.80 12.91 19.32
C TYR B 150 -13.89 13.81 18.07
N LEU B 151 -14.41 15.04 18.22
CA LEU B 151 -14.50 15.93 17.08
C LEU B 151 -13.09 16.11 16.52
N MET B 152 -12.14 16.45 17.38
CA MET B 152 -10.75 16.63 16.95
C MET B 152 -10.27 15.42 16.18
N PHE B 153 -10.64 14.23 16.66
CA PHE B 153 -10.24 13.00 16.00
C PHE B 153 -10.81 12.91 14.58
N LEU B 154 -12.10 13.22 14.46
CA LEU B 154 -12.77 13.17 13.16
C LEU B 154 -12.07 14.14 12.23
N ASN B 155 -11.80 15.34 12.74
CA ASN B 155 -11.10 16.36 11.96
C ASN B 155 -9.74 15.84 11.50
N THR B 156 -8.96 15.28 12.42
CA THR B 156 -7.64 14.76 12.06
C THR B 156 -7.70 13.68 10.98
N ILE B 157 -8.58 12.71 11.18
CA ILE B 157 -8.76 11.60 10.26
C ILE B 157 -9.33 12.04 8.93
N ALA B 158 -9.94 13.21 8.90
CA ALA B 158 -10.54 13.76 7.68
C ALA B 158 -9.56 14.60 6.90
N GLY B 159 -8.32 14.68 7.36
CA GLY B 159 -7.33 15.47 6.66
C GLY B 159 -7.16 16.89 7.16
N ARG B 160 -7.98 17.31 8.10
CA ARG B 160 -7.89 18.65 8.65
C ARG B 160 -6.60 18.85 9.45
N SER B 161 -6.01 20.05 9.37
CA SER B 161 -4.77 20.30 10.10
C SER B 161 -4.48 21.77 10.41
N TYR B 162 -3.61 22.00 11.38
CA TYR B 162 -3.24 23.34 11.79
C TYR B 162 -2.21 23.95 10.83
N ASN B 163 -1.56 23.09 10.04
CA ASN B 163 -0.56 23.52 9.08
C ASN B 163 -1.16 24.15 7.82
N ASP B 164 -2.38 23.77 7.47
CA ASP B 164 -3.00 24.33 6.29
C ASP B 164 -4.30 25.02 6.65
N LEU B 165 -4.22 26.32 6.88
CA LEU B 165 -5.38 27.11 7.26
C LEU B 165 -6.57 26.99 6.28
N ASN B 166 -6.37 26.34 5.15
CA ASN B 166 -7.47 26.19 4.20
C ASN B 166 -8.21 24.87 4.46
N GLN B 167 -7.65 24.05 5.36
CA GLN B 167 -8.23 22.77 5.74
C GLN B 167 -8.24 22.72 7.26
N TYR B 168 -8.55 23.86 7.88
CA TYR B 168 -8.58 23.98 9.33
C TYR B 168 -9.68 23.14 9.98
N PRO B 169 -9.45 22.67 11.20
CA PRO B 169 -10.46 21.87 11.90
C PRO B 169 -11.79 22.62 12.00
N VAL B 170 -12.88 21.88 11.97
CA VAL B 170 -14.19 22.48 12.04
C VAL B 170 -14.98 22.03 13.26
N PHE B 171 -15.50 22.99 14.03
CA PHE B 171 -16.32 22.69 15.20
C PHE B 171 -17.67 23.36 15.08
N PRO B 172 -18.69 22.77 15.69
CA PRO B 172 -20.00 23.38 15.57
C PRO B 172 -20.29 24.54 16.53
N TRP B 173 -21.24 25.38 16.12
CA TRP B 173 -21.71 26.45 16.98
C TRP B 173 -22.58 25.60 17.87
N VAL B 174 -22.57 25.86 19.16
CA VAL B 174 -23.39 25.07 20.06
C VAL B 174 -24.38 25.94 20.81
N ILE B 175 -23.91 27.09 21.27
CA ILE B 175 -24.72 28.03 22.02
C ILE B 175 -25.32 29.08 21.08
N THR B 176 -26.55 29.46 21.35
CA THR B 176 -27.23 30.46 20.52
C THR B 176 -27.65 31.69 21.29
N ASN B 177 -27.56 31.62 22.61
CA ASN B 177 -27.96 32.73 23.45
C ASN B 177 -26.77 33.52 23.96
N TYR B 178 -26.53 34.69 23.36
CA TYR B 178 -25.40 35.52 23.76
C TYR B 178 -25.87 36.86 24.32
N GLU B 179 -27.09 36.89 24.84
CA GLU B 179 -27.70 38.09 25.40
C GLU B 179 -28.06 37.98 26.90
N SER B 180 -28.69 36.88 27.29
CA SER B 180 -29.08 36.69 28.68
C SER B 180 -27.92 36.93 29.64
N GLU B 181 -28.24 37.43 30.83
CA GLU B 181 -27.22 37.71 31.84
C GLU B 181 -26.71 36.37 32.39
N GLU B 182 -27.58 35.37 32.36
CA GLU B 182 -27.29 34.02 32.83
C GLU B 182 -27.51 33.02 31.69
N LEU B 183 -26.74 31.93 31.67
CA LEU B 183 -26.89 30.94 30.61
C LEU B 183 -27.27 29.57 31.14
N ASP B 184 -28.57 29.32 31.23
CA ASP B 184 -29.09 28.05 31.74
C ASP B 184 -28.74 26.94 30.76
N LEU B 185 -27.91 25.98 31.17
CA LEU B 185 -27.56 24.91 30.25
C LEU B 185 -28.53 23.73 30.23
N THR B 186 -29.71 23.92 30.82
CA THR B 186 -30.73 22.87 30.81
C THR B 186 -31.85 23.31 29.86
N LEU B 187 -31.83 24.59 29.50
CA LEU B 187 -32.83 25.15 28.59
C LEU B 187 -32.54 24.74 27.16
N PRO B 188 -33.37 23.84 26.58
CA PRO B 188 -33.17 23.38 25.20
C PRO B 188 -33.02 24.56 24.26
N THR B 189 -33.84 25.58 24.52
CA THR B 189 -33.89 26.80 23.74
C THR B 189 -32.56 27.55 23.58
N ASN B 190 -31.57 27.20 24.39
CA ASN B 190 -30.27 27.85 24.31
C ASN B 190 -29.29 27.13 23.39
N PHE B 191 -29.70 25.99 22.83
CA PHE B 191 -28.80 25.22 21.98
C PHE B 191 -29.09 25.18 20.49
N ARG B 192 -28.02 25.25 19.71
CA ARG B 192 -28.08 25.18 18.26
C ARG B 192 -28.62 23.82 17.89
N ASP B 193 -29.47 23.75 16.87
CA ASP B 193 -30.00 22.46 16.44
C ASP B 193 -28.87 21.83 15.61
N LEU B 194 -28.20 20.83 16.19
CA LEU B 194 -27.09 20.16 15.53
C LEU B 194 -27.44 19.29 14.33
N SER B 195 -28.73 19.07 14.07
CA SER B 195 -29.13 18.26 12.91
C SER B 195 -29.20 19.14 11.68
N LYS B 196 -29.17 20.44 11.88
CA LYS B 196 -29.24 21.39 10.77
C LYS B 196 -27.96 22.20 10.48
N PRO B 197 -27.65 22.42 9.20
CA PRO B 197 -26.46 23.20 8.85
C PRO B 197 -26.75 24.63 9.27
N ILE B 198 -25.72 25.45 9.40
CA ILE B 198 -25.93 26.84 9.79
C ILE B 198 -26.94 27.54 8.89
N GLY B 199 -26.78 27.41 7.57
CA GLY B 199 -27.70 28.06 6.63
C GLY B 199 -29.18 27.77 6.81
N ALA B 200 -29.49 26.62 7.39
CA ALA B 200 -30.86 26.23 7.59
C ALA B 200 -31.48 26.65 8.94
N LEU B 201 -30.69 27.27 9.81
CA LEU B 201 -31.22 27.68 11.13
C LEU B 201 -32.19 28.85 11.06
N ASN B 202 -31.90 29.85 10.23
CA ASN B 202 -32.78 31.01 10.07
C ASN B 202 -33.78 30.65 8.99
N PRO B 203 -35.06 30.41 9.37
CA PRO B 203 -36.11 30.05 8.40
C PRO B 203 -36.27 31.04 7.25
N LYS B 204 -36.18 32.33 7.57
CA LYS B 204 -36.32 33.37 6.56
C LYS B 204 -35.22 33.29 5.49
N ARG B 205 -33.98 33.19 5.93
CA ARG B 205 -32.84 33.09 5.02
C ARG B 205 -32.77 31.71 4.37
N ALA B 206 -33.30 30.69 5.04
CA ALA B 206 -33.29 29.34 4.50
C ALA B 206 -34.16 29.23 3.26
N ALA B 207 -35.19 30.07 3.18
CA ALA B 207 -36.11 30.08 2.04
C ALA B 207 -35.33 30.52 0.83
N PHE B 208 -34.47 31.53 1.02
CA PHE B 208 -33.64 32.05 -0.04
C PHE B 208 -32.76 30.94 -0.62
N PHE B 209 -31.96 30.32 0.25
CA PHE B 209 -31.07 29.24 -0.19
C PHE B 209 -31.85 28.16 -0.92
N ALA B 210 -33.02 27.82 -0.40
CA ALA B 210 -33.87 26.82 -1.01
C ALA B 210 -34.23 27.27 -2.43
N GLU B 211 -34.69 28.51 -2.59
CA GLU B 211 -35.05 29.01 -3.91
C GLU B 211 -33.85 29.09 -4.85
N ARG B 212 -32.75 29.65 -4.36
CA ARG B 212 -31.56 29.79 -5.15
C ARG B 212 -31.28 28.43 -5.78
N TYR B 213 -31.25 27.40 -4.94
CA TYR B 213 -30.97 26.05 -5.39
C TYR B 213 -31.99 25.58 -6.44
N GLU B 214 -33.27 25.73 -6.11
CA GLU B 214 -34.36 25.31 -6.98
C GLU B 214 -34.27 25.82 -8.40
N SER B 215 -34.12 27.12 -8.56
CA SER B 215 -34.06 27.71 -9.90
C SER B 215 -32.68 27.86 -10.54
N TRP B 216 -31.65 27.27 -9.96
CA TRP B 216 -30.32 27.38 -10.54
C TRP B 216 -30.22 26.45 -11.74
N GLU B 217 -30.06 27.04 -12.94
CA GLU B 217 -29.93 26.25 -14.15
C GLU B 217 -28.46 25.83 -14.28
N ASP B 218 -28.25 24.54 -14.11
CA ASP B 218 -26.91 23.97 -14.13
C ASP B 218 -26.35 23.47 -15.45
N ASP B 219 -26.11 24.36 -16.40
CA ASP B 219 -25.54 23.96 -17.68
C ASP B 219 -24.19 23.35 -17.40
N GLN B 220 -23.33 24.13 -16.74
CA GLN B 220 -21.98 23.66 -16.41
C GLN B 220 -21.70 23.65 -14.92
N VAL B 221 -22.51 24.36 -14.14
CA VAL B 221 -22.29 24.40 -12.70
C VAL B 221 -23.44 23.82 -11.89
N PRO B 222 -23.14 22.80 -11.06
CA PRO B 222 -24.11 22.11 -10.20
C PRO B 222 -24.87 23.01 -9.26
N LYS B 223 -26.13 22.64 -9.00
CA LYS B 223 -26.97 23.42 -8.09
C LYS B 223 -26.26 23.47 -6.74
N PHE B 224 -26.60 24.45 -5.92
CA PHE B 224 -25.96 24.60 -4.63
C PHE B 224 -26.74 25.57 -3.77
N HIS B 225 -26.64 25.39 -2.45
CA HIS B 225 -27.32 26.29 -1.53
C HIS B 225 -26.39 27.47 -1.13
N TYR B 226 -25.10 27.17 -0.90
CA TYR B 226 -24.16 28.21 -0.49
C TYR B 226 -22.95 28.45 -1.39
N GLY B 227 -22.71 29.71 -1.71
CA GLY B 227 -21.54 30.05 -2.51
C GLY B 227 -20.38 30.33 -1.56
N THR B 228 -20.69 30.27 -0.27
CA THR B 228 -19.74 30.49 0.81
C THR B 228 -19.54 29.17 1.57
N HIS B 229 -18.44 29.07 2.32
CA HIS B 229 -18.18 27.84 3.05
C HIS B 229 -18.15 28.05 4.57
N TYR B 230 -18.19 26.95 5.33
CA TYR B 230 -18.17 27.09 6.77
C TYR B 230 -16.78 27.06 7.39
N SER B 231 -15.76 26.90 6.54
CA SER B 231 -14.38 26.88 7.00
C SER B 231 -13.51 27.53 5.96
N THR B 232 -12.76 28.55 6.37
CA THR B 232 -11.92 29.26 5.45
C THR B 232 -10.71 29.76 6.24
N ALA B 233 -9.57 29.89 5.56
CA ALA B 233 -8.38 30.42 6.21
C ALA B 233 -8.71 31.85 6.69
N SER B 234 -9.40 32.58 5.83
CA SER B 234 -9.80 33.94 6.13
C SER B 234 -10.58 34.05 7.44
N PHE B 235 -11.46 33.08 7.72
CA PHE B 235 -12.23 33.06 8.97
C PHE B 235 -11.28 32.82 10.12
N VAL B 236 -10.32 31.92 9.89
CA VAL B 236 -9.36 31.59 10.91
C VAL B 236 -8.52 32.82 11.26
N LEU B 237 -7.98 33.50 10.25
CA LEU B 237 -7.18 34.67 10.56
C LEU B 237 -8.09 35.70 11.22
N ALA B 238 -9.36 35.74 10.82
CA ALA B 238 -10.28 36.71 11.39
C ALA B 238 -10.63 36.42 12.84
N TRP B 239 -10.78 35.13 13.15
CA TRP B 239 -11.11 34.70 14.51
C TRP B 239 -9.96 34.97 15.46
N LEU B 240 -8.76 34.59 15.05
CA LEU B 240 -7.58 34.71 15.88
C LEU B 240 -6.74 35.98 15.70
N LEU B 241 -7.36 37.01 15.15
CA LEU B 241 -6.69 38.28 14.88
C LEU B 241 -5.77 38.74 16.02
N ARG B 242 -6.28 38.67 17.24
CA ARG B 242 -5.51 39.13 18.39
C ARG B 242 -4.27 38.35 18.82
N ILE B 243 -3.96 37.26 18.13
CA ILE B 243 -2.80 36.46 18.52
C ILE B 243 -1.76 36.26 17.42
N GLU B 244 -0.49 36.40 17.78
CA GLU B 244 0.60 36.17 16.85
C GLU B 244 0.68 34.65 16.69
N PRO B 245 1.12 34.16 15.52
CA PRO B 245 1.56 34.90 14.33
C PRO B 245 0.38 35.28 13.45
N PHE B 246 -0.81 34.83 13.82
CA PHE B 246 -1.99 35.09 13.03
C PHE B 246 -2.17 36.56 12.71
N THR B 247 -1.81 37.42 13.65
CA THR B 247 -1.93 38.84 13.43
C THR B 247 -1.07 39.19 12.21
N THR B 248 0.16 38.71 12.22
CA THR B 248 1.09 38.97 11.13
C THR B 248 0.60 38.39 9.82
N TYR B 249 0.00 37.19 9.89
CA TYR B 249 -0.55 36.53 8.72
C TYR B 249 -1.67 37.40 8.16
N PHE B 250 -2.50 37.94 9.05
CA PHE B 250 -3.62 38.78 8.63
C PHE B 250 -3.17 40.10 8.02
N LEU B 251 -2.30 40.80 8.74
CA LEU B 251 -1.80 42.10 8.27
C LEU B 251 -1.17 41.96 6.90
N ASN B 252 -0.35 40.93 6.74
CA ASN B 252 0.34 40.66 5.50
C ASN B 252 -0.62 40.54 4.32
N LEU B 253 -1.58 39.62 4.43
CA LEU B 253 -2.55 39.41 3.37
C LEU B 253 -3.48 40.60 3.17
N GLN B 254 -3.74 41.33 4.26
CA GLN B 254 -4.63 42.48 4.19
C GLN B 254 -4.03 43.65 3.43
N GLY B 255 -2.76 43.94 3.67
CA GLY B 255 -2.12 45.04 3.00
C GLY B 255 -1.25 45.84 3.94
N GLY B 256 -1.06 45.31 5.14
CA GLY B 256 -0.25 45.98 6.13
C GLY B 256 -1.05 46.54 7.28
N LYS B 257 -2.28 46.95 6.99
CA LYS B 257 -3.15 47.51 8.03
C LYS B 257 -4.32 46.58 8.31
N PHE B 258 -4.91 46.73 9.50
CA PHE B 258 -6.05 45.91 9.86
C PHE B 258 -7.21 46.19 8.94
N ASP B 259 -8.33 45.52 9.18
CA ASP B 259 -9.51 45.71 8.36
C ASP B 259 -10.39 46.78 8.99
N HIS B 260 -11.41 47.23 8.24
CA HIS B 260 -12.34 48.23 8.73
C HIS B 260 -12.99 47.71 10.01
N ALA B 261 -12.83 48.46 11.10
CA ALA B 261 -13.37 48.10 12.41
C ALA B 261 -14.77 47.49 12.45
N ASP B 262 -15.65 47.87 11.53
CA ASP B 262 -17.00 47.33 11.52
C ASP B 262 -17.10 45.94 10.90
N ARG B 263 -15.95 45.37 10.54
CA ARG B 263 -15.94 44.05 9.94
C ARG B 263 -14.97 43.11 10.65
N THR B 264 -14.05 43.66 11.43
CA THR B 264 -13.10 42.83 12.17
C THR B 264 -13.84 42.23 13.37
N PHE B 265 -13.49 41.00 13.73
CA PHE B 265 -14.11 40.30 14.84
C PHE B 265 -14.04 41.13 16.12
N SER B 266 -15.19 41.57 16.62
CA SER B 266 -15.25 42.40 17.83
C SER B 266 -16.32 41.98 18.84
N SER B 267 -17.29 41.20 18.39
CA SER B 267 -18.38 40.76 19.24
C SER B 267 -18.85 39.35 18.89
N ILE B 268 -18.96 38.50 19.90
CA ILE B 268 -19.43 37.14 19.69
C ILE B 268 -20.89 37.22 19.24
N SER B 269 -21.69 37.97 19.98
CA SER B 269 -23.10 38.13 19.61
C SER B 269 -23.24 38.60 18.15
N ARG B 270 -22.42 39.58 17.76
CA ARG B 270 -22.50 40.07 16.39
C ARG B 270 -22.12 38.99 15.38
N ALA B 271 -20.99 38.32 15.65
CA ALA B 271 -20.51 37.25 14.79
C ALA B 271 -21.56 36.15 14.66
N TRP B 272 -22.25 35.82 15.76
CA TRP B 272 -23.29 34.81 15.70
C TRP B 272 -24.44 35.36 14.89
N ARG B 273 -24.83 36.58 15.22
CA ARG B 273 -25.94 37.24 14.53
C ARG B 273 -25.71 37.33 13.01
N ASN B 274 -24.49 37.64 12.61
CA ASN B 274 -24.18 37.73 11.18
C ASN B 274 -24.21 36.36 10.51
N SER B 275 -23.90 35.30 11.26
CA SER B 275 -23.92 33.97 10.69
C SER B 275 -25.37 33.51 10.56
N GLN B 276 -26.29 34.31 11.10
CA GLN B 276 -27.71 34.00 11.01
C GLN B 276 -28.39 34.76 9.88
N ARG B 277 -28.12 36.06 9.76
CA ARG B 277 -28.75 36.87 8.72
C ARG B 277 -28.02 37.00 7.37
N ASP B 278 -26.75 37.36 7.41
CA ASP B 278 -25.98 37.54 6.17
C ASP B 278 -25.96 36.30 5.29
N THR B 279 -26.48 36.47 4.08
CA THR B 279 -26.55 35.45 3.02
C THR B 279 -25.18 34.92 2.59
N SER B 280 -24.15 35.70 2.86
CA SER B 280 -22.78 35.30 2.48
C SER B 280 -22.01 34.82 3.68
N ASP B 281 -22.69 34.55 4.78
CA ASP B 281 -22.01 34.10 5.99
C ASP B 281 -22.73 32.98 6.73
N ILE B 282 -22.25 31.75 6.57
CA ILE B 282 -22.84 30.59 7.25
C ILE B 282 -21.76 29.78 7.89
N LYS B 283 -20.77 30.47 8.40
CA LYS B 283 -19.60 29.86 9.00
C LYS B 283 -19.80 29.13 10.33
N GLU B 284 -19.11 28.00 10.46
CA GLU B 284 -19.16 27.22 11.68
C GLU B 284 -18.01 27.72 12.55
N LEU B 285 -17.81 27.10 13.69
CA LEU B 285 -16.76 27.49 14.62
C LEU B 285 -15.39 26.82 14.45
N ILE B 286 -14.49 27.19 15.34
CA ILE B 286 -13.12 26.70 15.36
C ILE B 286 -12.86 26.09 16.74
N PRO B 287 -11.98 25.07 16.82
CA PRO B 287 -11.65 24.41 18.08
C PRO B 287 -11.34 25.39 19.21
N GLU B 288 -10.60 26.44 18.89
CA GLU B 288 -10.18 27.40 19.89
C GLU B 288 -11.31 28.01 20.75
N PHE B 289 -12.50 28.11 20.17
CA PHE B 289 -13.63 28.67 20.91
C PHE B 289 -13.89 27.85 22.16
N TYR B 290 -13.47 26.60 22.14
CA TYR B 290 -13.72 25.74 23.28
C TYR B 290 -12.58 25.51 24.25
N TYR B 291 -11.49 26.28 24.15
CA TYR B 291 -10.38 26.09 25.09
C TYR B 291 -9.32 27.20 25.12
N LEU B 292 -9.39 28.12 24.17
CA LEU B 292 -8.41 29.20 24.09
C LEU B 292 -8.97 30.60 24.34
N PRO B 293 -9.00 31.04 25.61
CA PRO B 293 -9.52 32.38 25.95
C PRO B 293 -8.74 33.57 25.40
N GLU B 294 -7.44 33.39 25.21
CA GLU B 294 -6.58 34.46 24.70
C GLU B 294 -7.02 35.08 23.38
N MET B 295 -7.72 34.33 22.55
CA MET B 295 -8.14 34.84 21.25
C MET B 295 -9.18 35.95 21.38
N PHE B 296 -9.80 36.05 22.56
CA PHE B 296 -10.80 37.07 22.81
C PHE B 296 -10.23 38.31 23.49
N VAL B 297 -8.92 38.29 23.74
CA VAL B 297 -8.26 39.40 24.41
C VAL B 297 -7.19 40.07 23.56
N ASN B 298 -7.25 41.39 23.51
CA ASN B 298 -6.31 42.22 22.76
C ASN B 298 -5.02 42.42 23.56
N PHE B 299 -4.56 41.33 24.18
CA PHE B 299 -3.37 41.32 25.02
C PHE B 299 -2.16 42.05 24.43
N ASN B 300 -2.14 42.22 23.12
CA ASN B 300 -1.02 42.90 22.49
C ASN B 300 -1.31 44.38 22.22
N ASN B 301 -2.37 44.88 22.84
CA ASN B 301 -2.77 46.28 22.69
C ASN B 301 -2.70 46.78 21.26
N TYR B 302 -3.35 46.04 20.36
CA TYR B 302 -3.39 46.39 18.96
C TYR B 302 -4.35 47.55 18.77
N ASN B 303 -4.19 48.27 17.67
CA ASN B 303 -5.08 49.38 17.38
C ASN B 303 -6.48 48.82 17.22
N LEU B 304 -6.76 48.28 16.04
CA LEU B 304 -8.07 47.69 15.73
C LEU B 304 -9.10 48.75 15.37
N GLY B 305 -8.83 49.99 15.75
CA GLY B 305 -9.71 51.10 15.42
C GLY B 305 -10.99 51.35 16.20
N VAL B 306 -11.96 51.95 15.50
CA VAL B 306 -13.25 52.29 16.08
C VAL B 306 -14.36 52.16 15.05
N MET B 307 -15.45 51.50 15.44
CA MET B 307 -16.59 51.30 14.55
C MET B 307 -17.32 52.62 14.29
N ASP B 308 -18.14 52.64 13.24
CA ASP B 308 -18.90 53.84 12.91
C ASP B 308 -19.72 54.20 14.14
N ASP B 309 -20.21 53.17 14.83
CA ASP B 309 -20.97 53.33 16.08
C ASP B 309 -20.17 54.22 17.00
N GLY B 310 -18.86 54.27 16.74
CA GLY B 310 -17.97 55.05 17.56
C GLY B 310 -17.41 54.17 18.68
N THR B 311 -17.81 52.91 18.70
CA THR B 311 -17.35 51.99 19.74
C THR B 311 -15.91 51.49 19.51
N VAL B 312 -15.11 51.62 20.56
CA VAL B 312 -13.70 51.23 20.55
C VAL B 312 -13.57 49.72 20.50
N VAL B 313 -12.62 49.23 19.69
CA VAL B 313 -12.42 47.81 19.53
C VAL B 313 -11.09 47.32 20.06
N SER B 314 -11.16 46.43 21.05
CA SER B 314 -9.95 45.86 21.65
C SER B 314 -10.32 44.43 22.05
N ASP B 315 -10.65 44.20 23.32
CA ASP B 315 -11.06 42.87 23.75
C ASP B 315 -12.37 42.56 23.02
N VAL B 316 -12.68 41.27 22.87
CA VAL B 316 -13.90 40.88 22.19
C VAL B 316 -15.07 41.01 23.14
N GLU B 317 -16.15 41.63 22.67
CA GLU B 317 -17.34 41.83 23.49
C GLU B 317 -17.98 40.48 23.84
N LEU B 318 -17.88 40.12 25.11
CA LEU B 318 -18.41 38.85 25.59
C LEU B 318 -19.88 38.94 25.96
N PRO B 319 -20.52 37.78 26.16
CA PRO B 319 -21.94 37.75 26.52
C PRO B 319 -22.04 38.13 27.99
N PRO B 320 -23.20 38.64 28.41
CA PRO B 320 -23.32 39.01 29.83
C PRO B 320 -23.02 37.83 30.76
N TRP B 321 -23.31 36.60 30.32
CA TRP B 321 -23.07 35.44 31.16
C TRP B 321 -21.60 35.05 31.30
N ALA B 322 -20.72 35.78 30.65
CA ALA B 322 -19.29 35.50 30.73
C ALA B 322 -18.56 36.81 31.00
N LYS B 323 -18.05 36.97 32.23
CA LYS B 323 -17.36 38.18 32.62
C LYS B 323 -15.93 38.20 32.12
N THR B 324 -15.37 37.02 31.90
CA THR B 324 -14.00 36.92 31.43
C THR B 324 -13.90 36.00 30.21
N SER B 325 -12.78 36.10 29.49
CA SER B 325 -12.58 35.27 28.32
C SER B 325 -12.50 33.82 28.79
N GLU B 326 -11.88 33.63 29.95
CA GLU B 326 -11.74 32.30 30.53
C GLU B 326 -13.09 31.68 30.84
N GLU B 327 -14.01 32.49 31.35
CA GLU B 327 -15.34 31.99 31.69
C GLU B 327 -16.13 31.66 30.42
N PHE B 328 -15.94 32.49 29.40
CA PHE B 328 -16.61 32.29 28.12
C PHE B 328 -16.19 30.92 27.56
N VAL B 329 -14.89 30.68 27.55
CA VAL B 329 -14.37 29.44 27.03
C VAL B 329 -14.79 28.25 27.88
N HIS B 330 -14.71 28.41 29.20
CA HIS B 330 -15.10 27.33 30.09
C HIS B 330 -16.56 26.90 29.90
N ILE B 331 -17.46 27.88 29.82
CA ILE B 331 -18.87 27.57 29.65
C ILE B 331 -19.11 27.01 28.25
N ASN B 332 -18.33 27.46 27.27
CA ASN B 332 -18.47 26.93 25.92
C ASN B 332 -18.18 25.43 25.94
N ARG B 333 -17.12 25.04 26.63
CA ARG B 333 -16.76 23.63 26.71
C ARG B 333 -17.84 22.84 27.44
N LEU B 334 -18.35 23.39 28.55
CA LEU B 334 -19.39 22.69 29.29
C LEU B 334 -20.62 22.44 28.41
N ALA B 335 -20.97 23.45 27.62
CA ALA B 335 -22.11 23.33 26.73
C ALA B 335 -21.78 22.20 25.72
N LEU B 336 -20.57 22.26 25.18
CA LEU B 336 -20.11 21.26 24.21
C LEU B 336 -20.13 19.84 24.77
N GLU B 337 -19.88 19.70 26.07
CA GLU B 337 -19.84 18.39 26.73
C GLU B 337 -21.18 18.02 27.35
N SER B 338 -22.14 18.93 27.30
CA SER B 338 -23.47 18.68 27.88
C SER B 338 -24.22 17.54 27.19
N GLU B 339 -25.20 17.00 27.89
CA GLU B 339 -26.01 15.91 27.39
C GLU B 339 -26.81 16.42 26.18
N PHE B 340 -27.04 17.72 26.13
CA PHE B 340 -27.77 18.31 25.02
C PHE B 340 -27.04 18.07 23.72
N VAL B 341 -25.73 18.23 23.73
CA VAL B 341 -24.93 18.03 22.54
C VAL B 341 -24.71 16.54 22.30
N SER B 342 -24.36 15.83 23.37
CA SER B 342 -24.11 14.40 23.27
C SER B 342 -25.22 13.65 22.57
N CYS B 343 -26.46 13.92 22.95
CA CYS B 343 -27.57 13.19 22.34
C CYS B 343 -27.82 13.48 20.85
N GLN B 344 -27.16 14.48 20.28
CA GLN B 344 -27.38 14.80 18.87
C GLN B 344 -26.14 15.08 17.99
N LEU B 345 -24.97 15.27 18.62
CA LEU B 345 -23.74 15.56 17.90
C LEU B 345 -23.55 14.67 16.66
N HIS B 346 -24.09 13.46 16.72
CA HIS B 346 -23.97 12.53 15.59
C HIS B 346 -24.70 13.04 14.33
N GLN B 347 -25.68 13.92 14.49
CA GLN B 347 -26.40 14.45 13.33
C GLN B 347 -25.61 15.57 12.62
N TRP B 348 -24.79 16.28 13.39
CA TRP B 348 -23.94 17.33 12.85
C TRP B 348 -22.84 16.62 12.10
N ILE B 349 -22.32 15.56 12.70
CA ILE B 349 -21.26 14.76 12.10
C ILE B 349 -21.78 14.28 10.76
N ASP B 350 -23.09 14.01 10.68
CA ASP B 350 -23.67 13.55 9.43
C ASP B 350 -23.52 14.61 8.34
N LEU B 351 -23.75 15.86 8.73
CA LEU B 351 -23.69 17.00 7.80
C LEU B 351 -22.27 17.32 7.32
N ILE B 352 -21.33 17.34 8.25
CA ILE B 352 -19.94 17.65 7.95
C ILE B 352 -19.11 16.50 7.36
N PHE B 353 -19.07 15.37 8.06
CA PHE B 353 -18.29 14.21 7.61
C PHE B 353 -19.14 13.00 7.21
N GLY B 354 -20.43 13.05 7.53
CA GLY B 354 -21.31 11.94 7.27
C GLY B 354 -22.04 11.77 5.96
N TYR B 355 -23.10 10.97 6.01
CA TYR B 355 -23.89 10.66 4.82
C TYR B 355 -24.73 11.83 4.33
N LYS B 356 -24.80 12.92 5.09
CA LYS B 356 -25.56 14.07 4.63
C LYS B 356 -24.67 15.12 3.98
N GLN B 357 -23.41 14.76 3.75
CA GLN B 357 -22.46 15.68 3.14
C GLN B 357 -22.77 15.86 1.66
N GLN B 358 -23.21 14.77 1.02
CA GLN B 358 -23.52 14.80 -0.42
C GLN B 358 -24.75 14.00 -0.82
N GLY B 359 -25.12 14.10 -2.10
CA GLY B 359 -26.26 13.36 -2.59
C GLY B 359 -27.62 13.91 -2.19
N PRO B 360 -28.68 13.13 -2.42
CA PRO B 360 -30.06 13.50 -2.08
C PRO B 360 -30.20 13.93 -0.63
N GLU B 361 -29.40 13.31 0.23
CA GLU B 361 -29.50 13.65 1.64
C GLU B 361 -28.96 15.06 1.86
N ALA B 362 -27.88 15.40 1.18
CA ALA B 362 -27.33 16.74 1.32
C ALA B 362 -28.33 17.80 0.87
N VAL B 363 -29.16 17.47 -0.13
CA VAL B 363 -30.16 18.40 -0.65
C VAL B 363 -31.35 18.53 0.29
N ARG B 364 -31.74 17.43 0.91
CA ARG B 364 -32.87 17.46 1.83
C ARG B 364 -32.48 18.28 3.06
N ALA B 365 -31.23 18.13 3.47
CA ALA B 365 -30.73 18.83 4.64
C ALA B 365 -30.36 20.26 4.34
N LEU B 366 -30.45 20.70 3.08
CA LEU B 366 -30.11 22.08 2.76
C LEU B 366 -28.63 22.21 3.11
N ASN B 367 -27.82 21.30 2.59
CA ASN B 367 -26.41 21.24 2.93
C ASN B 367 -25.47 21.07 1.75
N VAL B 368 -25.79 21.69 0.61
CA VAL B 368 -24.96 21.58 -0.58
C VAL B 368 -24.13 22.83 -0.87
N PHE B 369 -22.82 22.70 -0.73
CA PHE B 369 -21.95 23.85 -0.99
C PHE B 369 -21.50 23.91 -2.43
N TYR B 370 -20.76 24.95 -2.78
CA TYR B 370 -20.29 25.07 -4.15
C TYR B 370 -19.54 23.80 -4.51
N TYR B 371 -19.70 23.36 -5.76
CA TYR B 371 -19.09 22.12 -6.23
C TYR B 371 -17.56 22.07 -6.17
N LEU B 372 -16.88 23.19 -6.39
CA LEU B 372 -15.41 23.22 -6.35
C LEU B 372 -14.88 22.82 -4.98
N THR B 373 -15.74 22.97 -3.99
CA THR B 373 -15.49 22.67 -2.59
C THR B 373 -15.33 21.17 -2.26
N TYR B 374 -15.68 20.28 -3.17
CA TYR B 374 -15.59 18.85 -2.89
C TYR B 374 -14.46 18.09 -3.56
N GLU B 375 -14.00 17.03 -2.90
CA GLU B 375 -12.95 16.21 -3.46
C GLU B 375 -13.47 15.59 -4.75
N GLY B 376 -12.58 15.43 -5.72
CA GLY B 376 -12.96 14.83 -6.99
C GLY B 376 -13.79 15.72 -7.88
N ALA B 377 -14.05 16.95 -7.46
CA ALA B 377 -14.83 17.85 -8.28
C ALA B 377 -14.14 18.15 -9.61
N VAL B 378 -12.81 18.19 -9.60
CA VAL B 378 -12.03 18.49 -10.81
C VAL B 378 -10.57 18.06 -10.62
N ASN B 379 -9.90 17.70 -11.71
CA ASN B 379 -8.50 17.32 -11.60
C ASN B 379 -7.61 18.45 -12.10
N LEU B 380 -6.80 18.97 -11.21
CA LEU B 380 -5.94 20.11 -11.55
C LEU B 380 -5.24 19.85 -12.83
N ASN B 381 -4.64 18.72 -12.79
CA ASN B 381 -4.03 18.27 -13.92
C ASN B 381 -5.05 18.23 -15.15
N SER B 382 -6.20 17.49 -15.11
CA SER B 382 -7.17 17.43 -16.27
C SER B 382 -7.37 18.76 -17.02
N ILE B 383 -6.92 19.83 -16.39
CA ILE B 383 -7.03 21.16 -16.98
C ILE B 383 -5.68 21.52 -17.59
N THR B 384 -5.69 21.97 -18.84
CA THR B 384 -4.47 22.31 -19.55
C THR B 384 -4.36 23.79 -19.93
N ASP B 385 -5.36 24.57 -19.54
CA ASP B 385 -5.36 26.01 -19.82
C ASP B 385 -4.78 26.74 -18.61
N PRO B 386 -3.54 27.27 -18.74
CA PRO B 386 -2.87 27.99 -17.65
C PRO B 386 -3.77 28.85 -16.78
N VAL B 387 -4.46 29.80 -17.40
CA VAL B 387 -5.33 30.70 -16.66
C VAL B 387 -6.45 29.96 -15.94
N LEU B 388 -7.18 29.13 -16.68
CA LEU B 388 -8.28 28.35 -16.14
C LEU B 388 -7.85 27.48 -14.96
N ARG B 389 -6.65 26.93 -15.05
CA ARG B 389 -6.11 26.06 -14.02
C ARG B 389 -5.75 26.83 -12.74
N GLU B 390 -5.14 28.01 -12.89
CA GLU B 390 -4.77 28.83 -11.73
C GLU B 390 -6.01 29.43 -11.06
N ALA B 391 -7.06 29.66 -11.84
CA ALA B 391 -8.29 30.19 -11.29
C ALA B 391 -8.94 29.11 -10.44
N VAL B 392 -8.78 27.86 -10.88
CA VAL B 392 -9.35 26.74 -10.16
C VAL B 392 -8.65 26.47 -8.84
N GLU B 393 -7.33 26.66 -8.80
CA GLU B 393 -6.57 26.42 -7.58
C GLU B 393 -6.78 27.53 -6.58
N ALA B 394 -6.95 28.75 -7.08
CA ALA B 394 -7.16 29.88 -6.19
C ALA B 394 -8.54 29.77 -5.59
N GLN B 395 -9.50 29.32 -6.39
CA GLN B 395 -10.86 29.19 -5.90
C GLN B 395 -10.95 28.11 -4.85
N ILE B 396 -10.27 27.01 -5.13
CA ILE B 396 -10.22 25.85 -4.23
C ILE B 396 -9.48 26.18 -2.95
N ARG B 397 -8.43 26.99 -3.09
CA ARG B 397 -7.60 27.39 -1.98
C ARG B 397 -8.29 28.26 -0.94
N SER B 398 -8.95 29.32 -1.39
CA SER B 398 -9.53 30.27 -0.46
C SER B 398 -11.02 30.30 -0.19
N PHE B 399 -11.81 29.52 -0.90
CA PHE B 399 -13.24 29.62 -0.66
C PHE B 399 -13.89 28.42 -0.01
N GLY B 400 -13.05 27.60 0.62
CA GLY B 400 -13.53 26.44 1.33
C GLY B 400 -13.21 25.09 0.74
N GLN B 401 -12.93 24.13 1.62
CA GLN B 401 -12.67 22.76 1.19
C GLN B 401 -13.47 21.87 2.13
N THR B 402 -14.47 21.18 1.58
CA THR B 402 -15.29 20.30 2.42
C THR B 402 -14.39 19.16 2.88
N PRO B 403 -14.43 18.83 4.17
CA PRO B 403 -13.60 17.75 4.70
C PRO B 403 -13.87 16.42 4.00
N SER B 404 -12.90 15.52 4.08
CA SER B 404 -13.07 14.22 3.48
C SER B 404 -14.23 13.48 4.16
N GLN B 405 -15.05 12.81 3.37
CA GLN B 405 -16.18 12.07 3.93
C GLN B 405 -15.61 10.87 4.72
N LEU B 406 -16.10 10.65 5.93
CA LEU B 406 -15.60 9.56 6.77
C LEU B 406 -16.46 8.30 6.77
N LEU B 407 -17.72 8.41 6.39
CA LEU B 407 -18.65 7.28 6.35
C LEU B 407 -19.85 7.70 5.51
N ILE B 408 -20.56 6.73 4.97
CA ILE B 408 -21.71 7.03 4.14
C ILE B 408 -23.03 6.53 4.69
N GLU B 409 -23.04 6.17 5.97
CA GLU B 409 -24.26 5.69 6.62
C GLU B 409 -24.51 6.59 7.82
N PRO B 410 -25.75 6.59 8.36
CA PRO B 410 -26.00 7.43 9.52
C PRO B 410 -24.93 7.15 10.58
N HIS B 411 -24.52 8.17 11.31
CA HIS B 411 -23.52 7.98 12.36
C HIS B 411 -24.28 7.65 13.64
N PRO B 412 -23.89 6.56 14.33
CA PRO B 412 -24.56 6.16 15.58
C PRO B 412 -24.57 7.25 16.65
N PRO B 413 -25.63 7.30 17.45
CA PRO B 413 -25.63 8.34 18.48
C PRO B 413 -24.66 7.98 19.61
N ARG B 414 -24.30 8.96 20.42
CA ARG B 414 -23.41 8.68 21.51
C ARG B 414 -24.07 7.68 22.48
N GLY C 1 -37.91 -9.98 -6.77
CA GLY C 1 -37.17 -9.61 -5.52
C GLY C 1 -37.72 -8.36 -4.87
N PRO C 2 -36.97 -7.73 -3.95
CA PRO C 2 -37.40 -6.51 -3.26
C PRO C 2 -37.37 -5.30 -4.20
N VAL C 3 -38.52 -4.67 -4.41
CA VAL C 3 -38.62 -3.51 -5.29
C VAL C 3 -38.39 -2.19 -4.54
N SER C 4 -37.47 -1.39 -5.06
CA SER C 4 -37.14 -0.11 -4.44
C SER C 4 -38.08 0.99 -4.88
N LEU C 5 -38.72 0.79 -6.03
CA LEU C 5 -39.65 1.78 -6.58
C LEU C 5 -40.69 1.11 -7.45
N SER C 6 -41.91 1.61 -7.39
CA SER C 6 -43.02 1.09 -8.17
C SER C 6 -43.90 2.26 -8.58
N THR C 7 -44.30 2.30 -9.84
CA THR C 7 -45.11 3.40 -10.33
C THR C 7 -46.00 3.04 -11.51
N PRO C 8 -47.16 3.71 -11.63
CA PRO C 8 -48.01 3.41 -12.76
C PRO C 8 -47.20 3.92 -13.95
N ALA C 9 -47.34 3.28 -15.10
CA ALA C 9 -46.58 3.71 -16.25
C ALA C 9 -47.15 3.15 -17.53
N GLN C 10 -46.70 3.70 -18.64
CA GLN C 10 -47.14 3.25 -19.95
C GLN C 10 -45.96 2.81 -20.80
N LEU C 11 -46.15 1.68 -21.47
CA LEU C 11 -45.14 1.14 -22.35
C LEU C 11 -45.44 1.73 -23.73
N VAL C 12 -44.47 2.43 -24.29
CA VAL C 12 -44.65 3.03 -25.59
C VAL C 12 -43.84 2.26 -26.59
N ALA C 13 -44.55 1.62 -27.51
CA ALA C 13 -43.91 0.81 -28.52
C ALA C 13 -44.59 1.08 -29.86
N PRO C 14 -43.90 0.78 -30.96
CA PRO C 14 -44.46 1.00 -32.30
C PRO C 14 -45.87 0.38 -32.41
N SER C 15 -46.06 -0.73 -31.71
CA SER C 15 -47.30 -1.50 -31.68
C SER C 15 -48.44 -0.74 -31.04
N VAL C 16 -48.28 -0.49 -29.74
CA VAL C 16 -49.30 0.18 -28.97
C VAL C 16 -48.71 0.90 -27.77
N VAL C 17 -49.60 1.46 -26.95
CA VAL C 17 -49.23 2.16 -25.75
C VAL C 17 -50.14 1.61 -24.67
N VAL C 18 -49.64 0.70 -23.86
CA VAL C 18 -50.44 0.10 -22.80
C VAL C 18 -50.06 0.52 -21.39
N LYS C 19 -51.08 0.60 -20.54
CA LYS C 19 -50.90 0.97 -19.14
C LYS C 19 -50.42 -0.25 -18.36
N GLY C 20 -49.57 -0.01 -17.35
CA GLY C 20 -49.06 -1.10 -16.56
C GLY C 20 -48.31 -0.61 -15.34
N THR C 21 -47.54 -1.48 -14.72
CA THR C 21 -46.77 -1.11 -13.55
C THR C 21 -45.30 -1.33 -13.82
N LEU C 22 -44.50 -0.30 -13.55
CA LEU C 22 -43.07 -0.38 -13.75
C LEU C 22 -42.42 -0.49 -12.39
N SER C 23 -41.59 -1.51 -12.25
CA SER C 23 -40.89 -1.75 -11.01
C SER C 23 -39.38 -1.69 -11.21
N VAL C 24 -38.70 -1.15 -10.20
CA VAL C 24 -37.25 -1.02 -10.24
C VAL C 24 -36.68 -1.67 -9.00
N THR C 25 -35.85 -2.69 -9.18
CA THR C 25 -35.22 -3.36 -8.04
C THR C 25 -33.85 -2.74 -7.89
N SER C 26 -32.94 -3.48 -7.28
CA SER C 26 -31.58 -3.00 -7.07
C SER C 26 -30.66 -3.49 -8.19
N SER C 27 -31.16 -4.41 -9.02
CA SER C 27 -30.34 -4.92 -10.10
C SER C 27 -31.03 -4.85 -11.46
N GLU C 28 -32.27 -4.39 -11.50
CA GLU C 28 -32.95 -4.33 -12.78
C GLU C 28 -34.31 -3.68 -12.67
N LEU C 29 -34.94 -3.47 -13.83
CA LEU C 29 -36.28 -2.90 -13.87
C LEU C 29 -37.11 -3.79 -14.76
N TYR C 30 -38.40 -3.85 -14.49
CA TYR C 30 -39.27 -4.66 -15.31
C TYR C 30 -40.65 -4.05 -15.39
N PHE C 31 -41.36 -4.41 -16.45
CA PHE C 31 -42.70 -3.88 -16.66
C PHE C 31 -43.76 -4.96 -16.75
N GLU C 32 -44.95 -4.65 -16.25
CA GLU C 32 -46.07 -5.58 -16.30
C GLU C 32 -47.34 -4.86 -16.71
N VAL C 33 -47.90 -5.27 -17.84
CA VAL C 33 -49.12 -4.68 -18.33
C VAL C 33 -50.27 -4.97 -17.38
N ASP C 34 -51.22 -4.04 -17.34
CA ASP C 34 -52.40 -4.22 -16.50
C ASP C 34 -53.41 -4.88 -17.42
N GLU C 35 -53.66 -6.17 -17.19
CA GLU C 35 -54.58 -6.93 -18.02
C GLU C 35 -56.05 -6.75 -17.60
N GLU C 36 -56.26 -5.94 -16.56
CA GLU C 36 -57.61 -5.66 -16.05
C GLU C 36 -58.10 -4.33 -16.61
N ASP C 37 -57.21 -3.61 -17.29
CA ASP C 37 -57.57 -2.33 -17.88
C ASP C 37 -58.45 -2.54 -19.10
N PRO C 38 -59.62 -1.87 -19.13
CA PRO C 38 -60.56 -1.99 -20.25
C PRO C 38 -59.95 -1.72 -21.63
N ASN C 39 -59.25 -0.59 -21.76
CA ASN C 39 -58.65 -0.26 -23.03
C ASN C 39 -57.70 -1.37 -23.48
N PHE C 40 -57.19 -2.14 -22.53
CA PHE C 40 -56.27 -3.23 -22.86
C PHE C 40 -57.01 -4.42 -23.48
N LYS C 41 -58.12 -4.80 -22.86
CA LYS C 41 -58.92 -5.92 -23.36
C LYS C 41 -59.31 -5.65 -24.80
N LYS C 42 -59.61 -4.39 -25.11
CA LYS C 42 -60.00 -3.98 -26.45
C LYS C 42 -58.88 -4.26 -27.45
N ILE C 43 -57.64 -4.03 -27.03
CA ILE C 43 -56.48 -4.24 -27.90
C ILE C 43 -56.61 -5.58 -28.63
N ASP C 44 -56.07 -5.64 -29.83
CA ASP C 44 -56.10 -6.86 -30.63
C ASP C 44 -54.87 -7.71 -30.38
N PRO C 45 -55.02 -9.05 -30.36
CA PRO C 45 -53.95 -10.02 -30.12
C PRO C 45 -52.88 -10.16 -31.22
N LYS C 46 -53.28 -9.99 -32.47
CA LYS C 46 -52.31 -10.10 -33.56
C LYS C 46 -51.26 -9.01 -33.39
N ILE C 47 -51.66 -7.91 -32.75
CA ILE C 47 -50.78 -6.79 -32.49
C ILE C 47 -49.97 -7.00 -31.21
N LEU C 48 -50.68 -7.22 -30.09
CA LEU C 48 -50.01 -7.45 -28.81
C LEU C 48 -48.94 -8.51 -28.98
N ALA C 49 -49.02 -9.25 -30.08
CA ALA C 49 -48.07 -10.32 -30.38
C ALA C 49 -46.69 -9.76 -30.69
N TYR C 50 -46.63 -8.73 -31.52
CA TYR C 50 -45.36 -8.13 -31.89
C TYR C 50 -44.81 -7.18 -30.82
N THR C 51 -45.66 -6.81 -29.86
CA THR C 51 -45.26 -5.92 -28.78
C THR C 51 -44.20 -6.59 -27.89
N GLU C 52 -43.23 -5.80 -27.45
CA GLU C 52 -42.16 -6.30 -26.58
C GLU C 52 -42.14 -5.51 -25.29
N GLY C 53 -42.02 -6.21 -24.17
CA GLY C 53 -41.97 -5.53 -22.89
C GLY C 53 -43.20 -5.60 -22.03
N LEU C 54 -44.28 -6.20 -22.54
CA LEU C 54 -45.51 -6.33 -21.76
C LEU C 54 -45.17 -6.99 -20.42
N HIS C 55 -44.18 -7.87 -20.48
CA HIS C 55 -43.69 -8.62 -19.32
C HIS C 55 -42.18 -8.58 -19.46
N GLY C 56 -41.67 -7.37 -19.68
CA GLY C 56 -40.25 -7.17 -19.87
C GLY C 56 -39.40 -7.09 -18.62
N LYS C 57 -38.14 -7.47 -18.79
CA LYS C 57 -37.15 -7.46 -17.72
C LYS C 57 -35.88 -6.87 -18.34
N TRP C 58 -35.33 -5.85 -17.72
CA TRP C 58 -34.12 -5.25 -18.26
C TRP C 58 -33.07 -5.11 -17.17
N LEU C 59 -31.98 -5.82 -17.38
CA LEU C 59 -30.86 -5.87 -16.48
C LEU C 59 -30.03 -4.59 -16.45
N PHE C 60 -29.76 -4.07 -15.25
CA PHE C 60 -28.97 -2.84 -15.11
C PHE C 60 -27.66 -2.89 -15.87
N THR C 61 -26.85 -3.91 -15.62
CA THR C 61 -25.57 -4.06 -16.28
C THR C 61 -25.67 -4.03 -17.80
N GLU C 62 -26.87 -4.16 -18.31
CA GLU C 62 -27.08 -4.20 -19.75
C GLU C 62 -27.54 -2.83 -20.29
N ILE C 63 -27.83 -1.90 -19.40
CA ILE C 63 -28.28 -0.57 -19.80
C ILE C 63 -27.10 0.30 -20.23
N ARG C 64 -27.19 0.91 -21.42
CA ARG C 64 -26.11 1.75 -21.92
C ARG C 64 -26.44 3.25 -21.91
N SER C 65 -27.71 3.60 -22.10
CA SER C 65 -28.11 5.00 -22.06
C SER C 65 -29.57 5.19 -21.67
N ILE C 66 -29.85 6.31 -21.03
CA ILE C 66 -31.17 6.64 -20.54
C ILE C 66 -31.47 8.06 -20.99
N PHE C 67 -32.48 8.23 -21.83
CA PHE C 67 -32.86 9.53 -22.36
C PHE C 67 -34.18 10.06 -21.86
N SER C 68 -34.18 11.34 -21.50
CA SER C 68 -35.40 12.01 -21.08
C SER C 68 -36.17 12.08 -22.38
N ARG C 69 -37.49 11.90 -22.32
CA ARG C 69 -38.31 11.91 -23.51
C ARG C 69 -39.68 12.51 -23.28
N ARG C 70 -40.32 12.96 -24.35
CA ARG C 70 -41.67 13.48 -24.25
C ARG C 70 -42.58 12.37 -24.75
N TYR C 71 -43.87 12.62 -24.68
CA TYR C 71 -44.89 11.71 -25.17
C TYR C 71 -46.14 12.55 -25.29
N LEU C 72 -46.58 12.78 -26.52
CA LEU C 72 -47.75 13.60 -26.77
C LEU C 72 -47.51 14.99 -26.17
N LEU C 73 -46.32 15.53 -26.43
CA LEU C 73 -45.89 16.86 -25.99
C LEU C 73 -45.62 17.04 -24.50
N GLN C 74 -45.90 16.00 -23.70
CA GLN C 74 -45.70 16.08 -22.26
C GLN C 74 -44.28 15.59 -21.94
N ASN C 75 -43.55 16.31 -21.10
CA ASN C 75 -42.18 15.91 -20.76
C ASN C 75 -42.22 14.92 -19.59
N THR C 76 -42.84 13.78 -19.82
CA THR C 76 -42.99 12.77 -18.79
C THR C 76 -42.58 11.37 -19.24
N ALA C 77 -41.71 11.27 -20.23
CA ALA C 77 -41.31 9.96 -20.71
C ALA C 77 -39.82 9.70 -20.53
N LEU C 78 -39.39 8.52 -20.94
CA LEU C 78 -38.01 8.13 -20.77
C LEU C 78 -37.76 6.95 -21.68
N GLU C 79 -36.62 6.92 -22.35
CA GLU C 79 -36.31 5.82 -23.25
C GLU C 79 -34.96 5.25 -22.86
N ILE C 80 -34.88 3.93 -22.76
CA ILE C 80 -33.67 3.26 -22.34
C ILE C 80 -33.04 2.43 -23.43
N PHE C 81 -31.75 2.65 -23.68
CA PHE C 81 -31.08 1.86 -24.71
C PHE C 81 -30.18 0.78 -24.11
N MET C 82 -30.36 -0.46 -24.55
CA MET C 82 -29.58 -1.59 -24.04
C MET C 82 -28.32 -1.86 -24.83
N ALA C 83 -27.48 -2.74 -24.29
CA ALA C 83 -26.23 -3.10 -24.94
C ALA C 83 -26.46 -3.85 -26.25
N ASN C 84 -27.52 -4.65 -26.32
CA ASN C 84 -27.80 -5.37 -27.55
C ASN C 84 -28.52 -4.47 -28.56
N ARG C 85 -28.47 -3.17 -28.29
CA ARG C 85 -29.07 -2.14 -29.15
C ARG C 85 -30.60 -2.01 -29.08
N VAL C 86 -31.25 -2.80 -28.25
CA VAL C 86 -32.69 -2.72 -28.07
C VAL C 86 -33.02 -1.44 -27.28
N ALA C 87 -34.20 -0.88 -27.53
CA ALA C 87 -34.64 0.33 -26.85
C ALA C 87 -36.08 0.12 -26.43
N VAL C 88 -36.40 0.54 -25.22
CA VAL C 88 -37.76 0.44 -24.71
C VAL C 88 -38.08 1.82 -24.17
N MET C 89 -39.32 2.26 -24.40
CA MET C 89 -39.77 3.58 -23.96
C MET C 89 -40.97 3.52 -23.06
N PHE C 90 -40.93 4.36 -22.03
CA PHE C 90 -42.02 4.40 -21.08
C PHE C 90 -42.51 5.83 -20.87
N ASN C 91 -43.79 5.96 -20.55
CA ASN C 91 -44.31 7.28 -20.25
C ASN C 91 -44.84 7.21 -18.84
N PHE C 92 -44.57 8.25 -18.05
CA PHE C 92 -45.01 8.29 -16.68
C PHE C 92 -46.02 9.40 -16.42
N PRO C 93 -46.71 9.33 -15.26
CA PRO C 93 -47.72 10.30 -14.84
C PRO C 93 -47.25 11.75 -14.84
N ASP C 94 -46.04 12.00 -14.36
CA ASP C 94 -45.53 13.37 -14.35
C ASP C 94 -44.01 13.41 -14.37
N PRO C 95 -43.42 14.59 -14.59
CA PRO C 95 -41.96 14.73 -14.62
C PRO C 95 -41.25 14.31 -13.35
N ALA C 96 -41.95 14.41 -12.23
CA ALA C 96 -41.37 14.04 -10.94
C ALA C 96 -41.08 12.53 -10.92
N THR C 97 -41.94 11.77 -11.58
CA THR C 97 -41.78 10.32 -11.64
C THR C 97 -40.55 9.96 -12.47
N VAL C 98 -40.27 10.77 -13.50
CA VAL C 98 -39.12 10.56 -14.38
C VAL C 98 -37.83 10.73 -13.60
N LYS C 99 -37.74 11.81 -12.85
CA LYS C 99 -36.57 12.12 -12.05
C LYS C 99 -36.33 10.97 -11.05
N LYS C 100 -37.41 10.50 -10.42
CA LYS C 100 -37.31 9.44 -9.42
C LYS C 100 -36.77 8.15 -10.04
N VAL C 101 -37.38 7.73 -11.15
CA VAL C 101 -36.96 6.53 -11.84
C VAL C 101 -35.51 6.67 -12.29
N VAL C 102 -35.14 7.87 -12.73
CA VAL C 102 -33.77 8.10 -13.18
C VAL C 102 -32.77 7.98 -12.04
N ASN C 103 -33.20 8.29 -10.82
CA ASN C 103 -32.29 8.16 -9.70
C ASN C 103 -32.14 6.73 -9.23
N PHE C 104 -33.06 5.86 -9.62
CA PHE C 104 -32.98 4.45 -9.23
C PHE C 104 -32.30 3.60 -10.32
N LEU C 105 -32.04 4.18 -11.49
CA LEU C 105 -31.41 3.45 -12.60
C LEU C 105 -29.89 3.65 -12.61
N PRO C 106 -29.15 2.78 -13.32
CA PRO C 106 -27.70 2.98 -13.33
C PRO C 106 -27.34 4.34 -13.87
N ARG C 107 -26.23 4.90 -13.38
CA ARG C 107 -25.78 6.20 -13.84
C ARG C 107 -24.96 6.01 -15.11
N VAL C 108 -25.61 6.13 -16.26
CA VAL C 108 -24.96 5.96 -17.55
C VAL C 108 -25.18 7.15 -18.46
N GLY C 109 -26.01 8.06 -18.00
CA GLY C 109 -26.30 9.24 -18.79
C GLY C 109 -26.94 8.90 -20.14
N VAL C 110 -26.40 9.51 -21.18
CA VAL C 110 -26.89 9.34 -22.51
C VAL C 110 -25.97 8.45 -23.35
N GLY C 111 -25.07 7.76 -22.68
CA GLY C 111 -24.16 6.88 -23.39
C GLY C 111 -22.78 7.51 -23.54
N THR C 112 -21.96 6.92 -24.40
CA THR C 112 -20.61 7.39 -24.63
C THR C 112 -20.42 7.93 -26.03
N SER C 113 -21.28 7.51 -26.95
CA SER C 113 -21.18 7.91 -28.33
C SER C 113 -21.28 9.41 -28.68
N PHE C 114 -21.91 10.22 -27.82
CA PHE C 114 -22.09 11.64 -28.12
C PHE C 114 -21.14 12.62 -27.47
N GLY C 115 -20.13 12.11 -26.77
CA GLY C 115 -19.17 12.98 -26.13
C GLY C 115 -19.78 13.77 -24.99
N LEU C 116 -20.75 13.17 -24.31
CA LEU C 116 -21.42 13.79 -23.19
C LEU C 116 -21.12 13.10 -21.87
N PRO C 117 -21.05 13.87 -20.78
CA PRO C 117 -20.78 13.32 -19.45
C PRO C 117 -21.83 12.26 -19.12
N GLN C 118 -21.40 11.14 -18.58
CA GLN C 118 -22.31 10.08 -18.21
C GLN C 118 -22.93 10.26 -16.83
N THR C 119 -23.70 11.33 -16.65
CA THR C 119 -24.37 11.63 -15.39
C THR C 119 -25.89 11.52 -15.50
N ARG C 120 -26.56 11.37 -14.36
CA ARG C 120 -28.00 11.29 -14.35
C ARG C 120 -28.54 12.65 -14.81
N ARG C 121 -27.81 13.69 -14.44
CA ARG C 121 -28.21 15.04 -14.84
C ARG C 121 -28.30 15.12 -16.36
N ILE C 122 -27.40 14.44 -17.07
CA ILE C 122 -27.41 14.44 -18.53
C ILE C 122 -28.64 13.73 -19.03
N SER C 123 -29.00 12.63 -18.38
CA SER C 123 -30.17 11.88 -18.80
C SER C 123 -31.43 12.69 -18.66
N LEU C 124 -31.38 13.78 -17.88
CA LEU C 124 -32.55 14.62 -17.68
C LEU C 124 -32.41 15.95 -18.38
N ALA C 125 -31.24 16.20 -18.96
CA ALA C 125 -30.98 17.45 -19.62
C ALA C 125 -31.94 17.71 -20.78
N SER C 126 -32.14 18.99 -21.08
CA SER C 126 -33.00 19.39 -22.17
C SER C 126 -32.29 19.21 -23.50
N PRO C 127 -33.06 19.08 -24.57
CA PRO C 127 -32.54 18.91 -25.93
C PRO C 127 -31.50 19.98 -26.24
N ARG C 128 -31.81 21.23 -25.89
CA ARG C 128 -30.89 22.33 -26.17
C ARG C 128 -29.57 22.17 -25.42
N GLN C 129 -29.62 21.58 -24.23
CA GLN C 129 -28.40 21.40 -23.47
C GLN C 129 -27.62 20.23 -24.01
N LEU C 130 -28.29 19.18 -24.44
CA LEU C 130 -27.58 18.05 -24.96
C LEU C 130 -26.81 18.50 -26.20
N PHE C 131 -27.48 19.29 -27.03
CA PHE C 131 -26.88 19.77 -28.25
C PHE C 131 -25.64 20.58 -27.96
N LYS C 132 -25.80 21.57 -27.08
CA LYS C 132 -24.73 22.47 -26.74
C LYS C 132 -23.48 21.81 -26.15
N ALA C 133 -23.66 20.77 -25.36
CA ALA C 133 -22.54 20.11 -24.71
C ALA C 133 -21.93 18.98 -25.53
N SER C 134 -22.65 18.51 -26.54
CA SER C 134 -22.12 17.42 -27.35
C SER C 134 -21.01 17.87 -28.26
N ASN C 135 -20.23 16.91 -28.75
CA ASN C 135 -19.14 17.20 -29.67
C ASN C 135 -19.44 16.60 -31.04
N MET C 136 -20.69 16.20 -31.23
CA MET C 136 -21.14 15.61 -32.49
C MET C 136 -21.13 16.58 -33.67
N THR C 137 -21.44 17.86 -33.46
CA THR C 137 -21.45 18.82 -34.58
C THR C 137 -20.05 18.86 -35.18
N GLN C 138 -19.08 19.13 -34.29
CA GLN C 138 -17.67 19.21 -34.65
C GLN C 138 -17.24 17.96 -35.39
N ARG C 139 -17.55 16.80 -34.85
CA ARG C 139 -17.16 15.55 -35.49
C ARG C 139 -17.77 15.41 -36.89
N TRP C 140 -19.01 15.89 -37.02
CA TRP C 140 -19.70 15.85 -38.31
C TRP C 140 -18.97 16.79 -39.28
N GLN C 141 -18.46 17.90 -38.76
CA GLN C 141 -17.73 18.84 -39.58
C GLN C 141 -16.40 18.26 -40.02
N HIS C 142 -15.73 17.54 -39.13
CA HIS C 142 -14.43 16.95 -39.45
C HIS C 142 -14.68 15.67 -40.25
N ARG C 143 -15.95 15.41 -40.53
CA ARG C 143 -16.35 14.24 -41.30
C ARG C 143 -16.03 12.90 -40.64
N GLU C 144 -16.08 12.84 -39.31
CA GLU C 144 -15.83 11.58 -38.63
C GLU C 144 -17.17 10.90 -38.58
N ILE C 145 -18.20 11.73 -38.64
CA ILE C 145 -19.59 11.31 -38.60
C ILE C 145 -20.23 11.69 -39.95
N SER C 146 -20.98 10.77 -40.54
CA SER C 146 -21.64 11.05 -41.81
C SER C 146 -22.89 11.91 -41.62
N ASN C 147 -23.54 12.26 -42.74
CA ASN C 147 -24.77 13.06 -42.69
C ASN C 147 -25.86 12.21 -42.05
N PHE C 148 -25.94 10.95 -42.46
CA PHE C 148 -26.94 10.05 -41.90
C PHE C 148 -26.84 10.01 -40.39
N GLU C 149 -25.65 9.69 -39.88
CA GLU C 149 -25.38 9.62 -38.44
C GLU C 149 -25.69 10.93 -37.68
N TYR C 150 -25.27 12.05 -38.24
CA TYR C 150 -25.52 13.33 -37.58
C TYR C 150 -27.02 13.57 -37.49
N LEU C 151 -27.74 13.22 -38.55
CA LEU C 151 -29.18 13.40 -38.58
C LEU C 151 -29.84 12.51 -37.53
N MET C 152 -29.39 11.27 -37.40
CA MET C 152 -29.99 10.39 -36.38
C MET C 152 -29.75 11.00 -35.01
N PHE C 153 -28.55 11.55 -34.83
CA PHE C 153 -28.14 12.19 -33.58
C PHE C 153 -29.05 13.35 -33.22
N LEU C 154 -29.28 14.25 -34.17
CA LEU C 154 -30.14 15.40 -33.92
C LEU C 154 -31.53 14.93 -33.53
N ASN C 155 -32.01 13.91 -34.24
CA ASN C 155 -33.32 13.35 -33.98
C ASN C 155 -33.39 12.71 -32.62
N THR C 156 -32.33 11.97 -32.28
CA THR C 156 -32.27 11.28 -31.00
C THR C 156 -32.28 12.26 -29.84
N ILE C 157 -31.47 13.30 -29.95
CA ILE C 157 -31.37 14.30 -28.89
C ILE C 157 -32.63 15.17 -28.78
N ALA C 158 -33.35 15.29 -29.88
CA ALA C 158 -34.55 16.11 -29.87
C ALA C 158 -35.67 15.33 -29.22
N GLY C 159 -35.50 14.02 -29.09
CA GLY C 159 -36.53 13.22 -28.48
C GLY C 159 -37.35 12.38 -29.46
N ARG C 160 -36.83 12.19 -30.67
CA ARG C 160 -37.50 11.38 -31.68
C ARG C 160 -37.12 9.94 -31.40
N SER C 161 -38.04 9.02 -31.66
CA SER C 161 -37.80 7.62 -31.37
C SER C 161 -38.50 6.62 -32.28
N TYR C 162 -37.81 5.52 -32.56
CA TYR C 162 -38.37 4.45 -33.38
C TYR C 162 -39.49 3.77 -32.59
N ASN C 163 -39.50 3.95 -31.28
CA ASN C 163 -40.52 3.33 -30.43
C ASN C 163 -41.86 4.08 -30.45
N ASP C 164 -41.83 5.39 -30.72
CA ASP C 164 -43.08 6.17 -30.76
C ASP C 164 -43.33 6.72 -32.16
N LEU C 165 -44.27 6.09 -32.87
CA LEU C 165 -44.58 6.50 -34.23
C LEU C 165 -45.05 7.94 -34.31
N ASN C 166 -45.48 8.51 -33.18
CA ASN C 166 -45.95 9.89 -33.15
C ASN C 166 -44.81 10.92 -33.06
N GLN C 167 -43.57 10.45 -32.87
CA GLN C 167 -42.41 11.35 -32.80
C GLN C 167 -41.29 10.67 -33.56
N TYR C 168 -41.62 10.13 -34.72
CA TYR C 168 -40.64 9.42 -35.52
C TYR C 168 -39.53 10.31 -36.01
N PRO C 169 -38.36 9.72 -36.31
CA PRO C 169 -37.22 10.48 -36.80
C PRO C 169 -37.58 11.09 -38.17
N VAL C 170 -37.11 12.31 -38.38
CA VAL C 170 -37.39 13.04 -39.59
C VAL C 170 -36.14 13.26 -40.45
N PHE C 171 -36.20 12.78 -41.70
CA PHE C 171 -35.11 12.92 -42.65
C PHE C 171 -35.63 13.70 -43.86
N PRO C 172 -34.79 14.56 -44.43
CA PRO C 172 -35.20 15.36 -45.58
C PRO C 172 -35.25 14.64 -46.92
N TRP C 173 -36.13 15.10 -47.80
CA TRP C 173 -36.16 14.57 -49.16
C TRP C 173 -34.88 15.20 -49.73
N VAL C 174 -34.15 14.46 -50.55
CA VAL C 174 -32.94 15.02 -51.10
C VAL C 174 -32.94 15.02 -52.62
N ILE C 175 -33.48 13.96 -53.21
CA ILE C 175 -33.58 13.84 -54.64
C ILE C 175 -34.98 14.32 -55.08
N THR C 176 -35.04 15.12 -56.13
CA THR C 176 -36.32 15.62 -56.61
C THR C 176 -36.66 15.00 -57.96
N ASN C 177 -35.66 14.37 -58.58
CA ASN C 177 -35.83 13.77 -59.91
C ASN C 177 -36.12 12.27 -59.91
N TYR C 178 -37.37 11.91 -60.14
CA TYR C 178 -37.76 10.50 -60.17
C TYR C 178 -38.24 10.00 -61.53
N GLU C 179 -37.89 10.71 -62.59
CA GLU C 179 -38.34 10.28 -63.90
C GLU C 179 -37.21 9.93 -64.89
N SER C 180 -36.08 10.62 -64.78
CA SER C 180 -34.94 10.36 -65.68
C SER C 180 -34.50 8.90 -65.65
N GLU C 181 -33.92 8.46 -66.76
CA GLU C 181 -33.41 7.09 -66.89
C GLU C 181 -32.17 6.94 -66.02
N GLU C 182 -31.45 8.03 -65.83
CA GLU C 182 -30.25 8.03 -65.01
C GLU C 182 -30.28 9.26 -64.12
N LEU C 183 -29.63 9.17 -62.97
CA LEU C 183 -29.60 10.27 -62.01
C LEU C 183 -28.19 10.82 -61.94
N ASP C 184 -27.97 11.96 -62.58
CA ASP C 184 -26.65 12.58 -62.54
C ASP C 184 -26.49 13.25 -61.18
N LEU C 185 -25.63 12.70 -60.33
CA LEU C 185 -25.41 13.27 -58.99
C LEU C 185 -24.55 14.53 -58.99
N THR C 186 -24.24 15.05 -60.17
CA THR C 186 -23.46 16.27 -60.29
C THR C 186 -24.38 17.43 -60.64
N LEU C 187 -25.58 17.09 -61.12
CA LEU C 187 -26.59 18.09 -61.50
C LEU C 187 -27.23 18.77 -60.29
N PRO C 188 -26.96 20.05 -60.08
CA PRO C 188 -27.56 20.74 -58.93
C PRO C 188 -29.08 20.68 -59.01
N THR C 189 -29.58 20.56 -60.23
CA THR C 189 -31.00 20.53 -60.53
C THR C 189 -31.74 19.31 -60.02
N ASN C 190 -31.00 18.25 -59.74
CA ASN C 190 -31.61 17.02 -59.25
C ASN C 190 -31.76 17.03 -57.73
N PHE C 191 -31.24 18.07 -57.07
CA PHE C 191 -31.31 18.13 -55.61
C PHE C 191 -32.34 19.09 -55.04
N ARG C 192 -32.91 18.68 -53.92
CA ARG C 192 -33.90 19.45 -53.18
C ARG C 192 -33.24 20.64 -52.49
N ASP C 193 -33.81 21.83 -52.62
CA ASP C 193 -33.23 22.99 -51.95
C ASP C 193 -33.48 22.79 -50.46
N LEU C 194 -32.42 22.43 -49.75
CA LEU C 194 -32.53 22.15 -48.33
C LEU C 194 -32.78 23.34 -47.43
N SER C 195 -32.73 24.54 -47.98
CA SER C 195 -32.95 25.75 -47.17
C SER C 195 -34.43 26.05 -47.00
N LYS C 196 -35.26 25.43 -47.82
CA LYS C 196 -36.70 25.67 -47.78
C LYS C 196 -37.52 24.46 -47.35
N PRO C 197 -38.63 24.69 -46.63
CA PRO C 197 -39.48 23.57 -46.19
C PRO C 197 -40.25 23.05 -47.40
N ILE C 198 -40.73 21.81 -47.33
CA ILE C 198 -41.48 21.23 -48.43
C ILE C 198 -42.54 22.16 -48.99
N GLY C 199 -43.37 22.71 -48.09
CA GLY C 199 -44.44 23.59 -48.53
C GLY C 199 -44.04 24.77 -49.38
N ALA C 200 -42.76 25.13 -49.33
CA ALA C 200 -42.28 26.29 -50.09
C ALA C 200 -41.55 25.91 -51.38
N LEU C 201 -41.37 24.62 -51.63
CA LEU C 201 -40.66 24.25 -52.83
C LEU C 201 -41.46 24.58 -54.09
N ASN C 202 -42.78 24.39 -54.03
CA ASN C 202 -43.65 24.68 -55.17
C ASN C 202 -44.21 26.10 -55.03
N PRO C 203 -43.70 27.03 -55.85
CA PRO C 203 -44.15 28.44 -55.84
C PRO C 203 -45.66 28.65 -55.97
N LYS C 204 -46.31 27.84 -56.80
CA LYS C 204 -47.75 27.94 -57.00
C LYS C 204 -48.42 27.70 -55.64
N ARG C 205 -48.23 26.52 -55.09
CA ARG C 205 -48.82 26.16 -53.82
C ARG C 205 -48.30 27.03 -52.67
N ALA C 206 -47.04 27.43 -52.75
CA ALA C 206 -46.47 28.28 -51.71
C ALA C 206 -47.32 29.54 -51.54
N ALA C 207 -47.79 30.10 -52.66
CA ALA C 207 -48.61 31.31 -52.63
C ALA C 207 -49.87 31.02 -51.83
N PHE C 208 -50.46 29.86 -52.04
CA PHE C 208 -51.65 29.47 -51.32
C PHE C 208 -51.38 29.53 -49.81
N PHE C 209 -50.24 29.00 -49.40
CA PHE C 209 -49.88 28.98 -47.99
C PHE C 209 -49.64 30.40 -47.47
N ALA C 210 -48.91 31.21 -48.24
CA ALA C 210 -48.63 32.58 -47.85
C ALA C 210 -49.92 33.36 -47.60
N GLU C 211 -50.95 33.08 -48.39
CA GLU C 211 -52.23 33.77 -48.23
C GLU C 211 -53.07 33.26 -47.07
N ARG C 212 -53.03 31.94 -46.82
CA ARG C 212 -53.78 31.40 -45.70
C ARG C 212 -53.26 32.09 -44.45
N TYR C 213 -51.94 32.13 -44.33
CA TYR C 213 -51.27 32.75 -43.19
C TYR C 213 -51.67 34.21 -43.04
N GLU C 214 -51.70 34.92 -44.17
CA GLU C 214 -52.05 36.34 -44.20
C GLU C 214 -53.45 36.64 -43.68
N SER C 215 -54.45 36.06 -44.33
CA SER C 215 -55.85 36.31 -43.97
C SER C 215 -56.40 35.57 -42.75
N TRP C 216 -55.59 34.70 -42.16
CA TRP C 216 -56.06 33.97 -40.98
C TRP C 216 -56.12 34.90 -39.79
N GLU C 217 -57.34 35.31 -39.45
CA GLU C 217 -57.52 36.21 -38.33
C GLU C 217 -58.09 35.41 -37.19
N ASP C 218 -57.31 35.20 -36.15
CA ASP C 218 -57.87 34.46 -35.06
C ASP C 218 -57.75 35.01 -33.68
N ASP C 219 -58.86 34.86 -32.99
CA ASP C 219 -59.00 35.30 -31.63
C ASP C 219 -58.14 34.39 -30.75
N GLN C 220 -58.21 33.08 -30.98
CA GLN C 220 -57.47 32.12 -30.16
C GLN C 220 -56.40 31.27 -30.88
N VAL C 221 -56.58 31.00 -32.17
CA VAL C 221 -55.65 30.18 -32.93
C VAL C 221 -54.59 30.97 -33.71
N PRO C 222 -53.31 30.82 -33.35
CA PRO C 222 -52.21 31.52 -34.03
C PRO C 222 -52.19 31.25 -35.52
N LYS C 223 -51.69 32.20 -36.30
CA LYS C 223 -51.61 32.03 -37.74
C LYS C 223 -50.66 30.88 -38.03
N PHE C 224 -50.80 30.29 -39.21
CA PHE C 224 -49.95 29.18 -39.59
C PHE C 224 -50.01 28.95 -41.09
N HIS C 225 -49.06 28.16 -41.59
CA HIS C 225 -49.04 27.84 -43.01
C HIS C 225 -49.61 26.45 -43.24
N TYR C 226 -49.28 25.51 -42.36
CA TYR C 226 -49.73 24.15 -42.54
C TYR C 226 -50.60 23.57 -41.43
N GLY C 227 -51.73 22.99 -41.83
CA GLY C 227 -52.63 22.35 -40.88
C GLY C 227 -52.29 20.86 -40.89
N THR C 228 -51.22 20.57 -41.63
CA THR C 228 -50.68 19.23 -41.81
C THR C 228 -49.18 19.27 -41.44
N HIS C 229 -48.64 18.16 -40.95
CA HIS C 229 -47.24 18.12 -40.51
C HIS C 229 -46.34 17.26 -41.39
N TYR C 230 -45.03 17.39 -41.23
CA TYR C 230 -44.10 16.61 -42.05
C TYR C 230 -43.79 15.23 -41.46
N SER C 231 -44.21 15.01 -40.22
CA SER C 231 -43.97 13.73 -39.54
C SER C 231 -45.22 13.32 -38.75
N THR C 232 -45.77 12.16 -39.06
CA THR C 232 -46.96 11.63 -38.39
C THR C 232 -46.84 10.12 -38.27
N ALA C 233 -47.58 9.55 -37.32
CA ALA C 233 -47.58 8.11 -37.16
C ALA C 233 -48.24 7.50 -38.42
N SER C 234 -49.23 8.21 -38.95
CA SER C 234 -49.93 7.74 -40.14
C SER C 234 -48.98 7.58 -41.31
N PHE C 235 -48.14 8.60 -41.51
CA PHE C 235 -47.16 8.61 -42.60
C PHE C 235 -46.30 7.36 -42.51
N VAL C 236 -45.75 7.14 -41.32
CA VAL C 236 -44.90 5.99 -41.04
C VAL C 236 -45.54 4.67 -41.43
N LEU C 237 -46.79 4.50 -41.03
CA LEU C 237 -47.50 3.28 -41.32
C LEU C 237 -47.68 3.13 -42.85
N ALA C 238 -47.99 4.23 -43.52
CA ALA C 238 -48.17 4.18 -44.96
C ALA C 238 -46.85 3.81 -45.66
N TRP C 239 -45.79 4.50 -45.26
CA TRP C 239 -44.45 4.28 -45.80
C TRP C 239 -43.99 2.84 -45.72
N LEU C 240 -44.16 2.27 -44.53
CA LEU C 240 -43.72 0.93 -44.22
C LEU C 240 -44.78 -0.15 -44.29
N LEU C 241 -45.87 0.13 -44.98
CA LEU C 241 -46.95 -0.85 -45.10
C LEU C 241 -46.48 -2.26 -45.54
N ARG C 242 -45.46 -2.33 -46.38
CA ARG C 242 -44.99 -3.64 -46.86
C ARG C 242 -44.19 -4.47 -45.87
N ILE C 243 -43.92 -3.90 -44.70
CA ILE C 243 -43.14 -4.61 -43.70
C ILE C 243 -43.97 -4.94 -42.47
N GLU C 244 -43.75 -6.13 -41.91
CA GLU C 244 -44.45 -6.53 -40.70
C GLU C 244 -43.56 -6.02 -39.58
N PRO C 245 -44.16 -5.66 -38.43
CA PRO C 245 -45.58 -5.70 -38.07
C PRO C 245 -46.40 -4.53 -38.59
N PHE C 246 -45.75 -3.56 -39.21
CA PHE C 246 -46.44 -2.38 -39.74
C PHE C 246 -47.64 -2.68 -40.60
N THR C 247 -47.58 -3.74 -41.39
CA THR C 247 -48.72 -4.12 -42.22
C THR C 247 -49.89 -4.36 -41.27
N THR C 248 -49.67 -5.23 -40.28
CA THR C 248 -50.71 -5.52 -39.33
C THR C 248 -51.16 -4.28 -38.56
N TYR C 249 -50.20 -3.50 -38.05
CA TYR C 249 -50.55 -2.28 -37.32
C TYR C 249 -51.43 -1.41 -38.21
N PHE C 250 -51.11 -1.41 -39.50
CA PHE C 250 -51.89 -0.63 -40.44
C PHE C 250 -53.27 -1.24 -40.63
N LEU C 251 -53.33 -2.52 -40.98
CA LEU C 251 -54.62 -3.18 -41.19
C LEU C 251 -55.53 -3.00 -39.98
N ASN C 252 -54.97 -3.14 -38.79
CA ASN C 252 -55.71 -2.99 -37.55
C ASN C 252 -56.39 -1.62 -37.40
N LEU C 253 -55.59 -0.57 -37.34
CA LEU C 253 -56.12 0.79 -37.19
C LEU C 253 -57.03 1.25 -38.34
N GLN C 254 -56.93 0.59 -39.49
CA GLN C 254 -57.74 0.96 -40.64
C GLN C 254 -59.12 0.28 -40.63
N GLY C 255 -59.18 -0.97 -40.18
CA GLY C 255 -60.45 -1.68 -40.14
C GLY C 255 -60.32 -3.13 -40.57
N GLY C 256 -59.08 -3.59 -40.71
CA GLY C 256 -58.83 -4.97 -41.11
C GLY C 256 -58.45 -5.08 -42.57
N LYS C 257 -58.96 -4.15 -43.38
CA LYS C 257 -58.68 -4.16 -44.81
C LYS C 257 -57.82 -2.96 -45.20
N PHE C 258 -56.97 -3.16 -46.20
CA PHE C 258 -56.08 -2.11 -46.68
C PHE C 258 -56.82 -0.84 -47.04
N ASP C 259 -56.06 0.15 -47.50
CA ASP C 259 -56.61 1.45 -47.86
C ASP C 259 -56.97 1.47 -49.35
N HIS C 260 -57.66 2.53 -49.78
CA HIS C 260 -58.05 2.70 -51.17
C HIS C 260 -56.73 2.68 -51.95
N ALA C 261 -56.53 1.67 -52.78
CA ALA C 261 -55.32 1.54 -53.57
C ALA C 261 -54.80 2.89 -54.06
N ASP C 262 -55.72 3.77 -54.43
CA ASP C 262 -55.37 5.10 -54.92
C ASP C 262 -54.62 5.95 -53.89
N ARG C 263 -54.67 5.54 -52.62
CA ARG C 263 -54.00 6.28 -51.57
C ARG C 263 -52.85 5.55 -50.90
N THR C 264 -52.76 4.24 -51.10
CA THR C 264 -51.67 3.49 -50.51
C THR C 264 -50.37 3.85 -51.22
N PHE C 265 -49.29 3.94 -50.45
CA PHE C 265 -47.95 4.24 -50.98
C PHE C 265 -47.65 3.18 -52.03
N SER C 266 -47.50 3.61 -53.28
CA SER C 266 -47.25 2.67 -54.36
C SER C 266 -46.18 3.12 -55.35
N SER C 267 -45.84 4.41 -55.31
CA SER C 267 -44.84 4.96 -56.20
C SER C 267 -44.05 6.08 -55.54
N ILE C 268 -42.72 6.05 -55.71
CA ILE C 268 -41.92 7.10 -55.13
C ILE C 268 -42.23 8.37 -55.90
N SER C 269 -42.34 8.26 -57.21
CA SER C 269 -42.61 9.42 -58.05
C SER C 269 -43.92 10.10 -57.67
N ARG C 270 -44.95 9.28 -57.46
CA ARG C 270 -46.25 9.79 -57.07
C ARG C 270 -46.20 10.43 -55.67
N ALA C 271 -45.53 9.76 -54.74
CA ALA C 271 -45.40 10.28 -53.39
C ALA C 271 -44.71 11.63 -53.43
N TRP C 272 -43.62 11.74 -54.20
CA TRP C 272 -42.91 13.01 -54.30
C TRP C 272 -43.83 14.10 -54.89
N ARG C 273 -44.43 13.78 -56.03
CA ARG C 273 -45.31 14.72 -56.69
C ARG C 273 -46.45 15.18 -55.83
N ASN C 274 -47.05 14.27 -55.07
CA ASN C 274 -48.16 14.71 -54.23
C ASN C 274 -47.67 15.65 -53.13
N SER C 275 -46.43 15.45 -52.68
CA SER C 275 -45.85 16.29 -51.62
C SER C 275 -45.53 17.66 -52.18
N GLN C 276 -45.54 17.76 -53.50
CA GLN C 276 -45.26 19.02 -54.18
C GLN C 276 -46.53 19.77 -54.54
N ARG C 277 -47.61 19.04 -54.80
CA ARG C 277 -48.86 19.65 -55.21
C ARG C 277 -50.01 19.72 -54.21
N ASP C 278 -50.34 18.63 -53.54
CA ASP C 278 -51.45 18.66 -52.60
C ASP C 278 -51.22 19.61 -51.43
N THR C 279 -52.19 20.50 -51.24
CA THR C 279 -52.17 21.48 -50.17
C THR C 279 -52.15 20.86 -48.77
N SER C 280 -52.64 19.63 -48.67
CA SER C 280 -52.66 18.91 -47.40
C SER C 280 -51.49 17.92 -47.26
N ASP C 281 -50.46 18.07 -48.10
CA ASP C 281 -49.32 17.16 -48.05
C ASP C 281 -47.96 17.83 -48.23
N ILE C 282 -47.28 18.08 -47.10
CA ILE C 282 -45.95 18.69 -47.10
C ILE C 282 -45.00 17.79 -46.32
N LYS C 283 -45.24 16.49 -46.46
CA LYS C 283 -44.50 15.43 -45.79
C LYS C 283 -42.99 15.36 -46.11
N GLU C 284 -42.19 15.12 -45.08
CA GLU C 284 -40.74 14.95 -45.29
C GLU C 284 -40.53 13.43 -45.29
N LEU C 285 -39.30 13.00 -45.46
CA LEU C 285 -38.99 11.58 -45.51
C LEU C 285 -38.77 10.90 -44.16
N ILE C 286 -38.37 9.65 -44.25
CA ILE C 286 -38.11 8.77 -43.10
C ILE C 286 -36.71 8.17 -43.24
N PRO C 287 -36.02 7.89 -42.11
CA PRO C 287 -34.66 7.32 -42.19
C PRO C 287 -34.55 6.07 -43.08
N GLU C 288 -35.55 5.21 -43.01
CA GLU C 288 -35.58 3.98 -43.78
C GLU C 288 -35.35 4.14 -45.28
N PHE C 289 -35.64 5.32 -45.83
CA PHE C 289 -35.45 5.58 -47.25
C PHE C 289 -33.98 5.46 -47.58
N TYR C 290 -33.15 5.84 -46.63
CA TYR C 290 -31.72 5.81 -46.85
C TYR C 290 -30.98 4.55 -46.37
N TYR C 291 -31.69 3.46 -46.09
CA TYR C 291 -30.99 2.23 -45.67
C TYR C 291 -31.80 0.93 -45.63
N LEU C 292 -33.10 0.99 -45.92
CA LEU C 292 -33.94 -0.22 -45.86
C LEU C 292 -34.74 -0.47 -47.13
N PRO C 293 -34.12 -1.11 -48.14
CA PRO C 293 -34.79 -1.42 -49.42
C PRO C 293 -36.05 -2.26 -49.28
N GLU C 294 -36.10 -3.07 -48.22
CA GLU C 294 -37.22 -3.97 -47.98
C GLU C 294 -38.60 -3.33 -47.95
N MET C 295 -38.68 -2.08 -47.49
CA MET C 295 -39.96 -1.41 -47.42
C MET C 295 -40.58 -1.16 -48.80
N PHE C 296 -39.75 -1.20 -49.84
CA PHE C 296 -40.22 -0.97 -51.20
C PHE C 296 -40.63 -2.25 -51.94
N VAL C 297 -40.45 -3.38 -51.27
CA VAL C 297 -40.79 -4.69 -51.84
C VAL C 297 -41.94 -5.38 -51.12
N ASN C 298 -42.95 -5.78 -51.90
CA ASN C 298 -44.10 -6.48 -51.35
C ASN C 298 -43.79 -7.96 -51.21
N PHE C 299 -42.67 -8.27 -50.57
CA PHE C 299 -42.23 -9.65 -50.39
C PHE C 299 -43.30 -10.59 -49.83
N ASN C 300 -44.26 -10.04 -49.08
CA ASN C 300 -45.30 -10.86 -48.47
C ASN C 300 -46.46 -11.22 -49.40
N ASN C 301 -46.29 -10.99 -50.69
CA ASN C 301 -47.34 -11.27 -51.69
C ASN C 301 -48.72 -10.79 -51.26
N TYR C 302 -48.79 -9.70 -50.50
CA TYR C 302 -50.07 -9.17 -50.05
C TYR C 302 -50.85 -8.54 -51.21
N ASN C 303 -52.17 -8.50 -51.09
CA ASN C 303 -53.00 -7.96 -52.15
C ASN C 303 -52.70 -6.50 -52.47
N LEU C 304 -53.02 -5.62 -51.54
CA LEU C 304 -52.80 -4.19 -51.70
C LEU C 304 -53.76 -3.58 -52.72
N GLY C 305 -54.50 -4.43 -53.41
CA GLY C 305 -55.48 -3.95 -54.36
C GLY C 305 -55.05 -3.38 -55.70
N VAL C 306 -55.97 -2.64 -56.32
CA VAL C 306 -55.78 -2.04 -57.63
C VAL C 306 -56.31 -0.60 -57.62
N MET C 307 -55.57 0.32 -58.23
CA MET C 307 -55.98 1.71 -58.29
C MET C 307 -57.09 1.84 -59.32
N ASP C 308 -57.76 2.99 -59.36
CA ASP C 308 -58.85 3.20 -60.29
C ASP C 308 -58.42 3.20 -61.77
N ASP C 309 -57.13 3.42 -62.02
CA ASP C 309 -56.65 3.44 -63.40
C ASP C 309 -56.31 2.01 -63.82
N GLY C 310 -56.45 1.09 -62.87
CA GLY C 310 -56.16 -0.32 -63.12
C GLY C 310 -54.82 -0.76 -62.60
N THR C 311 -53.96 0.18 -62.20
CA THR C 311 -52.63 -0.15 -61.71
C THR C 311 -52.66 -1.11 -60.52
N VAL C 312 -51.91 -2.20 -60.61
CA VAL C 312 -51.86 -3.15 -59.51
C VAL C 312 -50.78 -2.72 -58.51
N VAL C 313 -51.11 -2.78 -57.23
CA VAL C 313 -50.18 -2.40 -56.20
C VAL C 313 -49.44 -3.59 -55.61
N SER C 314 -48.12 -3.54 -55.66
CA SER C 314 -47.27 -4.60 -55.13
C SER C 314 -45.96 -3.95 -54.73
N ASP C 315 -44.89 -4.24 -55.46
CA ASP C 315 -43.63 -3.59 -55.11
C ASP C 315 -43.88 -2.11 -55.38
N VAL C 316 -43.10 -1.23 -54.76
CA VAL C 316 -43.28 0.19 -55.00
C VAL C 316 -42.66 0.54 -56.35
N GLU C 317 -43.36 1.32 -57.15
CA GLU C 317 -42.85 1.72 -58.46
C GLU C 317 -41.63 2.61 -58.30
N LEU C 318 -40.46 2.05 -58.62
CA LEU C 318 -39.22 2.79 -58.49
C LEU C 318 -38.97 3.67 -59.69
N PRO C 319 -38.04 4.62 -59.56
CA PRO C 319 -37.72 5.51 -60.68
C PRO C 319 -36.94 4.70 -61.70
N PRO C 320 -36.86 5.18 -62.95
CA PRO C 320 -36.10 4.40 -63.93
C PRO C 320 -34.62 4.25 -63.55
N TRP C 321 -34.04 5.23 -62.88
CA TRP C 321 -32.63 5.14 -62.52
C TRP C 321 -32.28 4.15 -61.42
N ALA C 322 -33.29 3.46 -60.89
CA ALA C 322 -33.07 2.46 -59.85
C ALA C 322 -33.80 1.20 -60.29
N LYS C 323 -33.04 0.18 -60.67
CA LYS C 323 -33.63 -1.07 -61.13
C LYS C 323 -34.18 -1.90 -59.98
N THR C 324 -33.51 -1.87 -58.83
CA THR C 324 -33.97 -2.62 -57.66
C THR C 324 -34.11 -1.72 -56.43
N SER C 325 -34.73 -2.24 -55.39
CA SER C 325 -34.91 -1.47 -54.17
C SER C 325 -33.53 -1.18 -53.57
N GLU C 326 -32.64 -2.16 -53.64
CA GLU C 326 -31.29 -1.98 -53.12
C GLU C 326 -30.58 -0.82 -53.80
N GLU C 327 -30.69 -0.73 -55.12
CA GLU C 327 -30.05 0.34 -55.87
C GLU C 327 -30.68 1.67 -55.49
N PHE C 328 -32.00 1.66 -55.29
CA PHE C 328 -32.72 2.87 -54.95
C PHE C 328 -32.22 3.41 -53.62
N VAL C 329 -32.10 2.53 -52.62
CA VAL C 329 -31.61 2.95 -51.31
C VAL C 329 -30.14 3.36 -51.41
N HIS C 330 -29.40 2.66 -52.26
CA HIS C 330 -27.99 2.95 -52.44
C HIS C 330 -27.76 4.35 -52.99
N ILE C 331 -28.52 4.73 -53.99
CA ILE C 331 -28.37 6.04 -54.59
C ILE C 331 -28.89 7.12 -53.64
N ASN C 332 -29.96 6.81 -52.90
CA ASN C 332 -30.50 7.77 -51.94
C ASN C 332 -29.42 8.12 -50.93
N ARG C 333 -28.68 7.10 -50.51
CA ARG C 333 -27.61 7.31 -49.55
C ARG C 333 -26.48 8.12 -50.15
N LEU C 334 -26.07 7.79 -51.37
CA LEU C 334 -25.01 8.54 -52.03
C LEU C 334 -25.45 9.99 -52.08
N ALA C 335 -26.71 10.21 -52.43
CA ALA C 335 -27.26 11.56 -52.51
C ALA C 335 -27.13 12.28 -51.17
N LEU C 336 -27.57 11.60 -50.11
CA LEU C 336 -27.53 12.16 -48.75
C LEU C 336 -26.10 12.52 -48.31
N GLU C 337 -25.13 11.67 -48.63
CA GLU C 337 -23.73 11.91 -48.28
C GLU C 337 -22.96 12.69 -49.34
N SER C 338 -23.66 13.23 -50.34
CA SER C 338 -23.01 14.00 -51.39
C SER C 338 -22.61 15.39 -50.90
N GLU C 339 -21.67 16.00 -51.60
CA GLU C 339 -21.20 17.33 -51.24
C GLU C 339 -22.40 18.30 -51.37
N PHE C 340 -23.30 18.03 -52.31
CA PHE C 340 -24.47 18.88 -52.51
C PHE C 340 -25.28 19.01 -51.23
N VAL C 341 -25.49 17.88 -50.55
CA VAL C 341 -26.24 17.89 -49.30
C VAL C 341 -25.38 18.44 -48.17
N SER C 342 -24.13 17.97 -48.09
CA SER C 342 -23.22 18.42 -47.05
C SER C 342 -23.10 19.94 -46.96
N CYS C 343 -23.09 20.63 -48.08
CA CYS C 343 -22.90 22.07 -48.03
C CYS C 343 -24.14 22.90 -47.66
N GLN C 344 -25.30 22.25 -47.56
CA GLN C 344 -26.51 22.99 -47.20
C GLN C 344 -27.38 22.33 -46.11
N LEU C 345 -27.06 21.09 -45.73
CA LEU C 345 -27.83 20.37 -44.71
C LEU C 345 -28.12 21.18 -43.46
N HIS C 346 -27.22 22.10 -43.11
CA HIS C 346 -27.39 22.95 -41.94
C HIS C 346 -28.61 23.86 -42.08
N GLN C 347 -28.91 24.26 -43.30
CA GLN C 347 -30.05 25.14 -43.51
C GLN C 347 -31.36 24.38 -43.26
N TRP C 348 -31.36 23.09 -43.57
CA TRP C 348 -32.54 22.25 -43.35
C TRP C 348 -32.69 22.10 -41.85
N ILE C 349 -31.57 21.84 -41.19
CA ILE C 349 -31.55 21.69 -39.75
C ILE C 349 -32.10 22.94 -39.06
N ASP C 350 -31.83 24.11 -39.62
CA ASP C 350 -32.33 25.36 -39.03
C ASP C 350 -33.86 25.34 -39.07
N LEU C 351 -34.43 24.67 -40.07
CA LEU C 351 -35.88 24.60 -40.22
C LEU C 351 -36.55 23.62 -39.28
N ILE C 352 -35.95 22.44 -39.17
CA ILE C 352 -36.54 21.39 -38.36
C ILE C 352 -36.24 21.50 -36.88
N PHE C 353 -34.96 21.67 -36.56
CA PHE C 353 -34.51 21.75 -35.18
C PHE C 353 -33.95 23.10 -34.75
N GLY C 354 -33.59 23.92 -35.75
CA GLY C 354 -32.96 25.21 -35.51
C GLY C 354 -33.71 26.51 -35.27
N TYR C 355 -33.02 27.62 -35.53
CA TYR C 355 -33.59 28.94 -35.29
C TYR C 355 -34.73 29.33 -36.21
N LYS C 356 -34.93 28.57 -37.30
CA LYS C 356 -36.02 28.89 -38.21
C LYS C 356 -37.26 28.09 -37.88
N GLN C 357 -37.21 27.30 -36.80
CA GLN C 357 -38.36 26.50 -36.41
C GLN C 357 -39.50 27.37 -35.88
N GLN C 358 -39.16 28.48 -35.21
CA GLN C 358 -40.18 29.36 -34.66
C GLN C 358 -39.90 30.85 -34.81
N GLY C 359 -40.87 31.64 -34.37
CA GLY C 359 -40.72 33.09 -34.44
C GLY C 359 -40.73 33.70 -35.82
N PRO C 360 -40.33 34.97 -35.91
CA PRO C 360 -40.26 35.77 -37.14
C PRO C 360 -39.51 35.06 -38.24
N GLU C 361 -38.48 34.33 -37.84
CA GLU C 361 -37.65 33.62 -38.80
C GLU C 361 -38.46 32.46 -39.39
N ALA C 362 -39.39 31.91 -38.62
CA ALA C 362 -40.23 30.83 -39.11
C ALA C 362 -41.25 31.32 -40.12
N VAL C 363 -41.81 32.51 -39.87
CA VAL C 363 -42.80 33.03 -40.81
C VAL C 363 -42.13 33.44 -42.10
N ARG C 364 -40.90 33.94 -42.00
CA ARG C 364 -40.20 34.35 -43.19
C ARG C 364 -39.88 33.17 -44.11
N ALA C 365 -39.61 32.02 -43.52
CA ALA C 365 -39.29 30.85 -44.32
C ALA C 365 -40.50 30.02 -44.75
N LEU C 366 -41.71 30.44 -44.36
CA LEU C 366 -42.92 29.68 -44.69
C LEU C 366 -42.79 28.36 -43.91
N ASN C 367 -42.43 28.46 -42.64
CA ASN C 367 -42.19 27.27 -41.83
C ASN C 367 -43.00 27.19 -40.56
N VAL C 368 -44.18 27.82 -40.54
CA VAL C 368 -45.02 27.80 -39.34
C VAL C 368 -46.10 26.72 -39.39
N PHE C 369 -46.05 25.80 -38.44
CA PHE C 369 -47.03 24.73 -38.40
C PHE C 369 -48.13 25.03 -37.38
N TYR C 370 -49.17 24.22 -37.34
CA TYR C 370 -50.27 24.44 -36.40
C TYR C 370 -49.67 24.60 -35.01
N TYR C 371 -50.22 25.51 -34.21
CA TYR C 371 -49.67 25.74 -32.88
C TYR C 371 -49.73 24.54 -31.91
N LEU C 372 -50.67 23.63 -32.09
CA LEU C 372 -50.76 22.48 -31.18
C LEU C 372 -49.60 21.53 -31.37
N THR C 373 -48.81 21.83 -32.39
CA THR C 373 -47.68 21.04 -32.82
C THR C 373 -46.39 21.31 -32.04
N TYR C 374 -46.25 22.52 -31.51
CA TYR C 374 -45.05 22.90 -30.76
C TYR C 374 -45.09 22.58 -29.26
N GLU C 375 -43.95 22.15 -28.73
CA GLU C 375 -43.86 21.80 -27.32
C GLU C 375 -44.37 22.96 -26.47
N GLY C 376 -45.03 22.61 -25.37
CA GLY C 376 -45.60 23.62 -24.50
C GLY C 376 -46.96 24.08 -24.95
N ALA C 377 -47.41 23.61 -26.11
CA ALA C 377 -48.71 24.00 -26.66
C ALA C 377 -49.86 23.77 -25.69
N VAL C 378 -49.89 22.59 -25.08
CA VAL C 378 -50.94 22.23 -24.11
C VAL C 378 -50.49 21.30 -22.97
N ASN C 379 -51.00 21.56 -21.76
CA ASN C 379 -50.68 20.74 -20.59
C ASN C 379 -51.82 19.75 -20.40
N LEU C 380 -51.59 18.50 -20.80
CA LEU C 380 -52.61 17.46 -20.70
C LEU C 380 -53.09 17.13 -19.27
N ASN C 381 -52.22 17.20 -18.28
CA ASN C 381 -52.68 16.91 -16.91
C ASN C 381 -53.66 17.98 -16.46
N SER C 382 -53.83 19.00 -17.28
CA SER C 382 -54.76 20.08 -17.00
C SER C 382 -56.18 19.66 -17.38
N ILE C 383 -56.30 18.63 -18.23
CA ILE C 383 -57.60 18.10 -18.70
C ILE C 383 -58.15 17.06 -17.71
N THR C 384 -58.95 17.48 -16.75
CA THR C 384 -59.51 16.57 -15.75
C THR C 384 -60.46 15.52 -16.31
N ASP C 385 -61.33 15.92 -17.24
CA ASP C 385 -62.26 14.97 -17.85
C ASP C 385 -61.47 13.95 -18.66
N PRO C 386 -61.54 12.67 -18.27
CA PRO C 386 -60.81 11.61 -18.98
C PRO C 386 -61.13 11.48 -20.46
N VAL C 387 -62.40 11.60 -20.81
CA VAL C 387 -62.82 11.46 -22.19
C VAL C 387 -62.22 12.59 -23.04
N LEU C 388 -62.18 13.80 -22.48
CA LEU C 388 -61.64 14.94 -23.20
C LEU C 388 -60.12 14.86 -23.34
N ARG C 389 -59.46 14.33 -22.33
CA ARG C 389 -58.01 14.19 -22.38
C ARG C 389 -57.73 13.25 -23.54
N GLU C 390 -58.57 12.23 -23.66
CA GLU C 390 -58.43 11.25 -24.72
C GLU C 390 -58.61 11.88 -26.11
N ALA C 391 -59.48 12.88 -26.19
CA ALA C 391 -59.75 13.52 -27.46
C ALA C 391 -58.66 14.49 -27.86
N VAL C 392 -58.14 15.26 -26.90
CA VAL C 392 -57.07 16.20 -27.21
C VAL C 392 -55.81 15.42 -27.57
N GLU C 393 -55.59 14.30 -26.90
CA GLU C 393 -54.40 13.53 -27.24
C GLU C 393 -54.58 12.86 -28.62
N ALA C 394 -55.83 12.62 -29.00
CA ALA C 394 -56.11 12.03 -30.31
C ALA C 394 -55.82 13.06 -31.39
N GLN C 395 -56.06 14.32 -31.05
CA GLN C 395 -55.83 15.44 -31.94
C GLN C 395 -54.29 15.63 -32.06
N ILE C 396 -53.58 15.53 -30.94
CA ILE C 396 -52.13 15.68 -30.97
C ILE C 396 -51.58 14.57 -31.88
N ARG C 397 -52.00 13.35 -31.57
CA ARG C 397 -51.62 12.16 -32.29
C ARG C 397 -51.87 12.36 -33.79
N SER C 398 -52.93 13.09 -34.10
CA SER C 398 -53.31 13.34 -35.49
C SER C 398 -52.62 14.51 -36.19
N PHE C 399 -52.38 15.57 -35.44
CA PHE C 399 -51.75 16.77 -35.98
C PHE C 399 -50.24 16.67 -36.18
N GLY C 400 -49.58 15.86 -35.37
CA GLY C 400 -48.15 15.72 -35.49
C GLY C 400 -47.45 16.48 -34.39
N GLN C 401 -46.17 16.19 -34.18
CA GLN C 401 -45.40 16.86 -33.15
C GLN C 401 -44.08 17.40 -33.72
N THR C 402 -43.88 18.71 -33.59
CA THR C 402 -42.64 19.29 -34.09
C THR C 402 -41.54 18.88 -33.13
N PRO C 403 -40.39 18.43 -33.67
CA PRO C 403 -39.26 18.00 -32.84
C PRO C 403 -38.81 19.13 -31.92
N SER C 404 -38.23 18.77 -30.79
CA SER C 404 -37.74 19.75 -29.83
C SER C 404 -36.68 20.66 -30.43
N GLN C 405 -36.78 21.96 -30.20
CA GLN C 405 -35.77 22.88 -30.72
C GLN C 405 -34.40 22.56 -30.12
N LEU C 406 -33.38 22.42 -30.97
CA LEU C 406 -32.02 22.09 -30.52
C LEU C 406 -31.05 23.26 -30.41
N LEU C 407 -31.40 24.39 -31.01
CA LEU C 407 -30.54 25.59 -30.97
C LEU C 407 -31.33 26.78 -31.50
N ILE C 408 -31.07 27.97 -30.95
CA ILE C 408 -31.77 29.16 -31.42
C ILE C 408 -30.87 30.05 -32.29
N GLU C 409 -29.72 29.52 -32.69
CA GLU C 409 -28.79 30.26 -33.55
C GLU C 409 -28.64 29.50 -34.87
N PRO C 410 -28.12 30.17 -35.91
CA PRO C 410 -27.95 29.49 -37.20
C PRO C 410 -27.02 28.31 -37.02
N HIS C 411 -27.33 27.19 -37.67
CA HIS C 411 -26.49 26.02 -37.55
C HIS C 411 -25.28 26.21 -38.45
N PRO C 412 -24.07 25.93 -37.93
CA PRO C 412 -22.82 26.06 -38.70
C PRO C 412 -22.81 25.12 -39.87
N PRO C 413 -22.25 25.55 -41.01
CA PRO C 413 -22.21 24.66 -42.16
C PRO C 413 -21.20 23.54 -41.89
N ARG C 414 -21.31 22.43 -42.62
CA ARG C 414 -20.41 21.31 -42.42
C ARG C 414 -18.97 21.71 -42.73
N GLY D 1 39.76 -28.94 73.06
CA GLY D 1 40.92 -28.36 73.82
C GLY D 1 40.58 -27.06 74.53
N PRO D 2 41.43 -26.60 75.47
CA PRO D 2 41.23 -25.35 76.24
C PRO D 2 41.25 -24.10 75.37
N VAL D 3 40.15 -23.35 75.39
CA VAL D 3 40.04 -22.13 74.58
C VAL D 3 40.40 -20.84 75.33
N SER D 4 41.34 -20.08 74.75
CA SER D 4 41.79 -18.81 75.34
C SER D 4 41.00 -17.60 74.83
N LEU D 5 40.28 -17.78 73.74
CA LEU D 5 39.45 -16.70 73.19
C LEU D 5 38.23 -17.29 72.51
N SER D 6 37.11 -16.59 72.65
CA SER D 6 35.87 -17.03 72.05
C SER D 6 35.06 -15.77 71.72
N THR D 7 34.63 -15.67 70.46
CA THR D 7 33.88 -14.50 70.05
C THR D 7 32.90 -14.81 68.93
N PRO D 8 31.85 -13.97 68.81
CA PRO D 8 30.86 -14.15 67.75
C PRO D 8 31.58 -13.72 66.48
N ALA D 9 31.34 -14.41 65.37
CA ALA D 9 32.00 -14.03 64.13
C ALA D 9 31.24 -14.58 62.92
N GLN D 10 31.56 -14.03 61.75
CA GLN D 10 30.93 -14.48 60.54
C GLN D 10 31.95 -15.11 59.61
N LEU D 11 31.54 -16.20 58.96
CA LEU D 11 32.39 -16.89 58.03
C LEU D 11 32.12 -16.31 56.65
N VAL D 12 33.09 -15.64 56.05
CA VAL D 12 32.85 -15.09 54.72
C VAL D 12 33.50 -15.97 53.67
N ALA D 13 32.66 -16.65 52.89
CA ALA D 13 33.13 -17.52 51.83
C ALA D 13 32.48 -17.03 50.56
N PRO D 14 32.99 -17.47 49.39
CA PRO D 14 32.48 -17.06 48.08
C PRO D 14 30.99 -17.35 48.06
N SER D 15 30.68 -18.55 48.54
CA SER D 15 29.32 -19.02 48.62
C SER D 15 28.48 -18.05 49.45
N VAL D 16 28.59 -18.17 50.77
CA VAL D 16 27.82 -17.34 51.68
C VAL D 16 28.56 -16.78 52.89
N VAL D 17 27.80 -16.06 53.72
CA VAL D 17 28.28 -15.42 54.94
C VAL D 17 27.40 -15.87 56.10
N VAL D 18 27.91 -16.76 56.92
CA VAL D 18 27.13 -17.29 58.04
C VAL D 18 27.69 -17.02 59.43
N LYS D 19 26.79 -16.70 60.36
CA LYS D 19 27.14 -16.42 61.75
C LYS D 19 27.53 -17.68 62.52
N GLY D 20 28.34 -17.49 63.55
CA GLY D 20 28.78 -18.61 64.38
C GLY D 20 29.72 -18.10 65.46
N THR D 21 30.50 -19.00 66.06
CA THR D 21 31.45 -18.56 67.09
C THR D 21 32.86 -19.07 66.79
N LEU D 22 33.79 -18.14 66.79
CA LEU D 22 35.19 -18.45 66.51
C LEU D 22 35.90 -18.66 67.84
N SER D 23 36.79 -19.64 67.86
CA SER D 23 37.56 -19.97 69.04
C SER D 23 39.02 -20.18 68.69
N VAL D 24 39.88 -19.67 69.56
CA VAL D 24 41.32 -19.77 69.39
C VAL D 24 41.98 -20.47 70.58
N THR D 25 42.55 -21.65 70.37
CA THR D 25 43.23 -22.37 71.43
C THR D 25 44.67 -21.87 71.46
N SER D 26 45.58 -22.67 71.98
CA SER D 26 46.97 -22.26 72.05
C SER D 26 47.74 -22.89 70.91
N SER D 27 47.04 -23.72 70.13
CA SER D 27 47.65 -24.43 69.02
C SER D 27 46.92 -24.33 67.70
N GLU D 28 45.69 -23.82 67.72
CA GLU D 28 44.91 -23.69 66.50
C GLU D 28 43.61 -22.93 66.73
N LEU D 29 42.84 -22.80 65.66
CA LEU D 29 41.57 -22.11 65.77
C LEU D 29 40.54 -22.85 64.94
N TYR D 30 39.28 -22.63 65.28
CA TYR D 30 38.21 -23.24 64.54
C TYR D 30 36.92 -22.43 64.61
N PHE D 31 36.04 -22.71 63.66
CA PHE D 31 34.78 -22.01 63.57
C PHE D 31 33.63 -23.01 63.60
N GLU D 32 32.56 -22.62 64.27
CA GLU D 32 31.36 -23.44 64.37
C GLU D 32 30.16 -22.60 63.96
N VAL D 33 29.53 -22.98 62.85
CA VAL D 33 28.37 -22.22 62.38
C VAL D 33 27.19 -22.40 63.32
N ASP D 34 26.42 -21.33 63.49
CA ASP D 34 25.25 -21.39 64.34
C ASP D 34 24.14 -21.97 63.45
N GLU D 35 23.90 -23.28 63.58
CA GLU D 35 22.88 -23.94 62.77
C GLU D 35 21.47 -23.59 63.26
N GLU D 36 21.41 -22.85 64.36
CA GLU D 36 20.15 -22.43 64.94
C GLU D 36 19.72 -21.05 64.47
N ASP D 37 20.55 -20.41 63.64
CA ASP D 37 20.21 -19.09 63.13
C ASP D 37 19.32 -19.24 61.91
N PRO D 38 18.25 -18.43 61.84
CA PRO D 38 17.28 -18.45 60.74
C PRO D 38 17.86 -18.35 59.32
N ASN D 39 18.68 -17.33 59.09
CA ASN D 39 19.29 -17.11 57.78
C ASN D 39 20.06 -18.33 57.32
N PHE D 40 20.51 -19.13 58.28
CA PHE D 40 21.26 -20.33 57.96
C PHE D 40 20.35 -21.45 57.49
N LYS D 41 19.12 -21.46 58.02
CA LYS D 41 18.11 -22.46 57.68
C LYS D 41 17.68 -22.25 56.24
N LYS D 42 17.64 -20.99 55.82
CA LYS D 42 17.24 -20.62 54.47
C LYS D 42 18.24 -21.09 53.42
N ILE D 43 19.52 -20.81 53.65
CA ILE D 43 20.57 -21.21 52.70
C ILE D 43 20.31 -22.58 52.11
N ASP D 44 20.65 -22.72 50.82
CA ASP D 44 20.45 -23.97 50.09
C ASP D 44 21.65 -24.90 50.31
N PRO D 45 21.38 -26.21 50.47
CA PRO D 45 22.46 -27.19 50.68
C PRO D 45 23.42 -27.35 49.50
N LYS D 46 22.96 -27.11 48.27
CA LYS D 46 23.83 -27.25 47.11
C LYS D 46 24.99 -26.25 47.21
N ILE D 47 24.74 -25.14 47.88
CA ILE D 47 25.76 -24.11 48.07
C ILE D 47 26.59 -24.39 49.32
N LEU D 48 25.91 -24.70 50.43
CA LEU D 48 26.59 -25.00 51.69
C LEU D 48 27.55 -26.18 51.51
N ALA D 49 27.36 -26.91 50.41
CA ALA D 49 28.21 -28.05 50.12
C ALA D 49 29.57 -27.58 49.61
N TYR D 50 29.57 -26.50 48.83
CA TYR D 50 30.80 -25.94 48.29
C TYR D 50 31.55 -25.07 49.30
N THR D 51 30.92 -24.81 50.44
CA THR D 51 31.51 -23.99 51.49
C THR D 51 32.51 -24.76 52.37
N GLU D 52 33.63 -24.12 52.68
CA GLU D 52 34.66 -24.73 53.52
C GLU D 52 34.77 -23.94 54.81
N GLY D 53 34.85 -24.64 55.95
CA GLY D 53 34.98 -23.96 57.22
C GLY D 53 33.76 -23.84 58.11
N LEU D 54 32.66 -24.45 57.71
CA LEU D 54 31.45 -24.40 58.53
C LEU D 54 31.75 -25.07 59.88
N HIS D 55 32.66 -26.03 59.85
CA HIS D 55 33.09 -26.76 61.03
C HIS D 55 34.57 -27.01 60.79
N GLY D 56 35.28 -25.93 60.45
CA GLY D 56 36.68 -26.03 60.14
C GLY D 56 37.63 -26.00 61.33
N LYS D 57 38.83 -26.47 61.06
CA LYS D 57 39.90 -26.53 62.04
C LYS D 57 41.12 -26.01 61.29
N TRP D 58 41.89 -25.14 61.93
CA TRP D 58 43.08 -24.59 61.33
C TRP D 58 44.22 -24.63 62.32
N LEU D 59 45.26 -25.38 62.01
CA LEU D 59 46.40 -25.50 62.90
C LEU D 59 47.37 -24.33 62.78
N PHE D 60 47.69 -23.73 63.92
CA PHE D 60 48.64 -22.61 63.96
C PHE D 60 49.85 -22.88 63.06
N THR D 61 50.47 -24.04 63.26
CA THR D 61 51.64 -24.44 62.49
C THR D 61 51.43 -24.35 60.97
N GLU D 62 50.18 -24.15 60.53
CA GLU D 62 49.89 -24.05 59.10
C GLU D 62 49.54 -22.64 58.61
N ILE D 63 49.40 -21.69 59.52
CA ILE D 63 49.08 -20.32 59.14
C ILE D 63 50.34 -19.60 58.66
N ARG D 64 50.33 -19.18 57.39
CA ARG D 64 51.48 -18.49 56.79
C ARG D 64 51.29 -16.98 56.65
N SER D 65 50.05 -16.50 56.71
CA SER D 65 49.80 -15.06 56.63
C SER D 65 48.43 -14.66 57.19
N ILE D 66 48.39 -13.48 57.82
CA ILE D 66 47.17 -12.98 58.44
C ILE D 66 46.98 -11.49 58.09
N PHE D 67 45.93 -11.21 57.30
CA PHE D 67 45.64 -9.85 56.85
C PHE D 67 44.43 -9.22 57.48
N SER D 68 44.56 -7.95 57.81
CA SER D 68 43.45 -7.15 58.33
C SER D 68 42.57 -6.99 57.09
N ARG D 69 41.25 -6.94 57.26
CA ARG D 69 40.36 -6.81 56.11
C ARG D 69 39.12 -6.04 56.42
N ARG D 70 38.44 -5.60 55.38
CA ARG D 70 37.20 -4.87 55.53
C ARG D 70 36.08 -5.73 54.99
N TYR D 71 34.89 -5.56 55.53
CA TYR D 71 33.72 -6.31 55.10
C TYR D 71 32.59 -5.27 55.08
N LEU D 72 31.98 -5.08 53.92
CA LEU D 72 30.92 -4.08 53.77
C LEU D 72 31.52 -2.74 54.19
N LEU D 73 32.76 -2.52 53.80
CA LEU D 73 33.50 -1.30 54.10
C LEU D 73 33.74 -0.98 55.55
N GLN D 74 33.59 -1.99 56.41
CA GLN D 74 33.83 -1.83 57.85
C GLN D 74 35.19 -2.48 58.11
N ASN D 75 36.02 -1.85 58.92
CA ASN D 75 37.34 -2.42 59.21
C ASN D 75 37.25 -3.37 60.40
N THR D 76 36.51 -4.46 60.22
CA THR D 76 36.31 -5.44 61.27
C THR D 76 36.55 -6.89 60.84
N ALA D 77 37.22 -7.10 59.72
CA ALA D 77 37.47 -8.46 59.27
C ALA D 77 38.94 -8.85 59.27
N LEU D 78 39.19 -10.13 58.99
CA LEU D 78 40.52 -10.66 58.98
C LEU D 78 40.54 -11.85 58.03
N GLU D 79 41.63 -12.02 57.29
CA GLU D 79 41.75 -13.15 56.35
C GLU D 79 43.02 -13.95 56.64
N ILE D 80 42.90 -15.26 56.78
CA ILE D 80 44.05 -16.11 57.08
C ILE D 80 44.43 -17.08 55.96
N PHE D 81 45.69 -17.03 55.56
CA PHE D 81 46.18 -17.92 54.51
C PHE D 81 46.99 -19.05 55.09
N MET D 82 46.72 -20.26 54.60
CA MET D 82 47.41 -21.47 55.05
C MET D 82 48.52 -21.90 54.11
N ALA D 83 49.36 -22.83 54.57
CA ALA D 83 50.47 -23.30 53.77
C ALA D 83 50.02 -23.93 52.46
N ASN D 84 48.87 -24.58 52.46
CA ASN D 84 48.41 -25.19 51.21
C ASN D 84 47.75 -24.13 50.33
N ARG D 85 48.14 -22.88 50.59
CA ARG D 85 47.64 -21.74 49.84
C ARG D 85 46.14 -21.47 50.04
N VAL D 86 45.48 -22.23 50.91
CA VAL D 86 44.06 -22.03 51.17
C VAL D 86 43.89 -20.81 52.07
N ALA D 87 42.73 -20.17 51.99
CA ALA D 87 42.47 -18.99 52.81
C ALA D 87 41.00 -18.92 53.25
N VAL D 88 40.81 -18.56 54.52
CA VAL D 88 39.47 -18.43 55.08
C VAL D 88 39.37 -17.03 55.67
N MET D 89 38.21 -16.38 55.48
CA MET D 89 37.99 -15.02 55.97
C MET D 89 36.87 -14.98 57.01
N PHE D 90 37.04 -14.11 58.01
CA PHE D 90 36.09 -13.94 59.09
C PHE D 90 35.81 -12.47 59.29
N ASN D 91 34.59 -12.15 59.70
CA ASN D 91 34.22 -10.78 60.00
C ASN D 91 33.91 -10.78 61.49
N PHE D 92 34.09 -9.66 62.16
CA PHE D 92 33.85 -9.61 63.59
C PHE D 92 32.92 -8.46 63.98
N PRO D 93 32.52 -8.41 65.27
CA PRO D 93 31.63 -7.37 65.78
C PRO D 93 32.21 -5.97 65.71
N ASP D 94 33.51 -5.86 65.96
CA ASP D 94 34.16 -4.55 65.93
C ASP D 94 35.64 -4.68 65.63
N PRO D 95 36.32 -3.56 65.34
CA PRO D 95 37.75 -3.68 65.06
C PRO D 95 38.58 -4.16 66.25
N ALA D 96 38.16 -3.77 67.47
CA ALA D 96 38.86 -4.20 68.67
C ALA D 96 38.94 -5.73 68.77
N THR D 97 37.91 -6.42 68.30
CA THR D 97 37.91 -7.87 68.33
C THR D 97 38.97 -8.40 67.36
N VAL D 98 39.15 -7.69 66.24
CA VAL D 98 40.15 -8.10 65.26
C VAL D 98 41.53 -8.02 65.89
N LYS D 99 41.74 -7.01 66.73
CA LYS D 99 43.04 -6.87 67.35
C LYS D 99 43.23 -7.95 68.40
N LYS D 100 42.17 -8.22 69.15
CA LYS D 100 42.19 -9.23 70.19
C LYS D 100 42.49 -10.59 69.56
N VAL D 101 41.85 -10.88 68.42
CA VAL D 101 42.02 -12.16 67.72
C VAL D 101 43.43 -12.27 67.12
N VAL D 102 44.00 -11.16 66.69
CA VAL D 102 45.34 -11.19 66.13
C VAL D 102 46.39 -11.42 67.21
N ASN D 103 46.08 -11.00 68.43
CA ASN D 103 47.03 -11.18 69.53
C ASN D 103 47.15 -12.64 69.95
N PHE D 104 46.12 -13.44 69.71
CA PHE D 104 46.19 -14.85 70.08
C PHE D 104 46.60 -15.77 68.93
N LEU D 105 46.75 -15.20 67.72
CA LEU D 105 47.14 -15.99 66.56
C LEU D 105 48.66 -15.90 66.37
N PRO D 106 49.27 -16.90 65.70
CA PRO D 106 50.71 -16.94 65.45
C PRO D 106 51.26 -15.65 64.83
N ARG D 107 52.47 -15.27 65.24
CA ARG D 107 53.10 -14.05 64.74
C ARG D 107 53.67 -14.28 63.34
N VAL D 108 52.85 -14.08 62.32
CA VAL D 108 53.32 -14.27 60.96
C VAL D 108 53.22 -13.00 60.14
N GLY D 109 52.60 -11.99 60.72
CA GLY D 109 52.44 -10.75 59.99
C GLY D 109 51.64 -11.01 58.71
N VAL D 110 52.13 -10.47 57.61
CA VAL D 110 51.43 -10.60 56.33
C VAL D 110 52.16 -11.55 55.37
N GLY D 111 53.00 -12.40 55.93
CA GLY D 111 53.75 -13.31 55.08
C GLY D 111 55.19 -12.84 54.89
N THR D 112 55.91 -13.49 53.99
CA THR D 112 57.31 -13.15 53.78
C THR D 112 57.67 -12.76 52.36
N SER D 113 56.71 -12.77 51.45
CA SER D 113 57.01 -12.43 50.06
C SER D 113 56.78 -10.97 49.68
N PHE D 114 56.40 -10.14 50.63
CA PHE D 114 56.14 -8.74 50.32
C PHE D 114 57.21 -7.81 50.91
N GLY D 115 58.29 -8.40 51.42
CA GLY D 115 59.36 -7.62 52.00
C GLY D 115 58.93 -6.85 53.24
N LEU D 116 57.92 -7.37 53.95
CA LEU D 116 57.40 -6.72 55.16
C LEU D 116 57.70 -7.52 56.43
N PRO D 117 57.87 -6.81 57.55
CA PRO D 117 58.15 -7.48 58.82
C PRO D 117 57.03 -8.48 59.11
N GLN D 118 57.33 -9.54 59.83
CA GLN D 118 56.32 -10.51 60.17
C GLN D 118 55.85 -10.23 61.60
N THR D 119 55.11 -9.15 61.77
CA THR D 119 54.62 -8.75 63.07
C THR D 119 53.11 -8.77 63.16
N ARG D 120 52.59 -8.79 64.38
CA ARG D 120 51.16 -8.75 64.57
C ARG D 120 50.76 -7.34 64.13
N ARG D 121 51.67 -6.40 64.31
CA ARG D 121 51.45 -5.01 63.93
C ARG D 121 51.15 -4.91 62.44
N ILE D 122 51.97 -5.62 61.66
CA ILE D 122 51.86 -5.66 60.20
C ILE D 122 50.50 -6.20 59.76
N SER D 123 50.01 -7.19 60.49
CA SER D 123 48.73 -7.81 60.19
C SER D 123 47.58 -6.85 60.48
N LEU D 124 47.80 -5.87 61.36
CA LEU D 124 46.78 -4.87 61.71
C LEU D 124 47.03 -3.57 60.97
N ALA D 125 48.12 -3.52 60.22
CA ALA D 125 48.50 -2.32 59.49
C ALA D 125 47.52 -1.92 58.39
N SER D 126 47.35 -0.61 58.22
CA SER D 126 46.44 -0.06 57.22
C SER D 126 47.00 -0.27 55.83
N PRO D 127 46.11 -0.41 54.84
CA PRO D 127 46.52 -0.63 53.44
C PRO D 127 47.58 0.36 52.98
N ARG D 128 47.44 1.63 53.38
CA ARG D 128 48.42 2.64 52.98
C ARG D 128 49.79 2.37 53.59
N GLN D 129 49.82 1.76 54.77
CA GLN D 129 51.09 1.45 55.41
C GLN D 129 51.77 0.26 54.78
N LEU D 130 50.99 -0.76 54.44
CA LEU D 130 51.53 -1.95 53.81
C LEU D 130 52.16 -1.56 52.48
N PHE D 131 51.57 -0.58 51.81
CA PHE D 131 52.12 -0.15 50.55
C PHE D 131 53.45 0.56 50.76
N LYS D 132 53.40 1.68 51.48
CA LYS D 132 54.60 2.46 51.73
C LYS D 132 55.79 1.61 52.24
N ALA D 133 55.56 0.71 53.19
CA ALA D 133 56.63 -0.11 53.75
C ALA D 133 57.05 -1.34 52.95
N SER D 134 56.33 -1.67 51.89
CA SER D 134 56.69 -2.85 51.11
C SER D 134 57.75 -2.53 50.07
N ASN D 135 58.50 -3.54 49.67
CA ASN D 135 59.51 -3.35 48.64
C ASN D 135 58.99 -3.89 47.31
N MET D 136 57.70 -4.20 47.24
CA MET D 136 57.13 -4.76 46.02
C MET D 136 57.16 -3.79 44.84
N THR D 137 56.94 -2.51 45.11
CA THR D 137 56.96 -1.53 44.02
C THR D 137 58.34 -1.49 43.39
N GLN D 138 59.38 -1.52 44.21
CA GLN D 138 60.76 -1.49 43.73
C GLN D 138 61.03 -2.71 42.86
N ARG D 139 60.68 -3.88 43.39
CA ARG D 139 60.88 -5.13 42.68
C ARG D 139 60.12 -5.17 41.36
N TRP D 140 58.97 -4.49 41.32
CA TRP D 140 58.17 -4.44 40.10
C TRP D 140 58.91 -3.55 39.08
N GLN D 141 59.44 -2.42 39.54
CA GLN D 141 60.19 -1.57 38.63
C GLN D 141 61.44 -2.29 38.13
N HIS D 142 62.09 -3.06 38.99
CA HIS D 142 63.28 -3.79 38.58
C HIS D 142 62.91 -5.03 37.80
N ARG D 143 61.61 -5.34 37.79
CA ARG D 143 61.06 -6.45 37.04
C ARG D 143 61.26 -7.88 37.56
N GLU D 144 61.47 -8.00 38.87
CA GLU D 144 61.60 -9.32 39.48
C GLU D 144 60.15 -9.75 39.58
N ILE D 145 59.26 -8.76 39.55
CA ILE D 145 57.83 -8.99 39.65
C ILE D 145 57.17 -8.53 38.36
N SER D 146 56.28 -9.36 37.83
CA SER D 146 55.58 -9.03 36.59
C SER D 146 54.42 -8.08 36.88
N ASN D 147 53.82 -7.52 35.83
CA ASN D 147 52.71 -6.61 36.02
C ASN D 147 51.57 -7.39 36.66
N PHE D 148 51.34 -8.61 36.18
CA PHE D 148 50.29 -9.44 36.74
C PHE D 148 50.47 -9.58 38.26
N GLU D 149 51.66 -10.00 38.67
CA GLU D 149 51.98 -10.18 40.09
C GLU D 149 51.85 -8.90 40.90
N TYR D 150 52.35 -7.79 40.36
CA TYR D 150 52.24 -6.53 41.07
C TYR D 150 50.75 -6.16 41.22
N LEU D 151 49.97 -6.34 40.15
CA LEU D 151 48.56 -6.04 40.25
C LEU D 151 47.92 -6.87 41.37
N MET D 152 48.25 -8.17 41.43
CA MET D 152 47.69 -9.05 42.47
C MET D 152 48.11 -8.57 43.85
N PHE D 153 49.36 -8.12 43.94
CA PHE D 153 49.87 -7.61 45.21
C PHE D 153 49.06 -6.39 45.64
N LEU D 154 48.82 -5.47 44.70
CA LEU D 154 48.08 -4.26 45.02
C LEU D 154 46.69 -4.63 45.50
N ASN D 155 46.05 -5.55 44.76
CA ASN D 155 44.72 -5.99 45.14
C ASN D 155 44.74 -6.63 46.53
N THR D 156 45.69 -7.53 46.74
CA THR D 156 45.77 -8.21 48.03
C THR D 156 45.92 -7.22 49.21
N ILE D 157 46.83 -6.27 49.06
CA ILE D 157 47.10 -5.26 50.07
C ILE D 157 45.97 -4.26 50.26
N ALA D 158 45.16 -4.11 49.21
CA ALA D 158 44.01 -3.21 49.27
C ALA D 158 42.82 -3.86 49.96
N GLY D 159 42.91 -5.15 50.24
CA GLY D 159 41.80 -5.82 50.91
C GLY D 159 40.98 -6.73 50.02
N ARG D 160 41.31 -6.76 48.75
CA ARG D 160 40.60 -7.60 47.78
C ARG D 160 40.84 -9.08 48.02
N SER D 161 39.80 -9.90 47.93
CA SER D 161 39.98 -11.33 48.14
C SER D 161 39.03 -12.23 47.36
N TYR D 162 39.43 -13.49 47.24
CA TYR D 162 38.64 -14.49 46.53
C TYR D 162 37.49 -15.01 47.40
N ASN D 163 37.56 -14.71 48.71
CA ASN D 163 36.54 -15.15 49.66
C ASN D 163 35.31 -14.25 49.70
N ASP D 164 35.45 -13.01 49.28
CA ASP D 164 34.31 -12.08 49.29
C ASP D 164 34.15 -11.55 47.88
N LEU D 165 33.25 -12.16 47.12
CA LEU D 165 33.03 -11.76 45.75
C LEU D 165 32.64 -10.29 45.59
N ASN D 166 32.25 -9.65 46.67
CA ASN D 166 31.87 -8.24 46.61
C ASN D 166 33.09 -7.35 46.76
N GLN D 167 34.26 -7.97 46.95
CA GLN D 167 35.55 -7.28 47.08
C GLN D 167 36.57 -8.02 46.24
N TYR D 168 36.13 -8.45 45.06
CA TYR D 168 36.97 -9.22 44.15
C TYR D 168 38.14 -8.43 43.56
N PRO D 169 39.25 -9.10 43.25
CA PRO D 169 40.42 -8.44 42.67
C PRO D 169 40.01 -7.76 41.37
N VAL D 170 40.58 -6.60 41.10
CA VAL D 170 40.26 -5.85 39.92
C VAL D 170 41.47 -5.74 38.99
N PHE D 171 41.29 -6.12 37.72
CA PHE D 171 42.35 -6.01 36.72
C PHE D 171 41.82 -5.13 35.60
N PRO D 172 42.71 -4.44 34.89
CA PRO D 172 42.26 -3.56 33.82
C PRO D 172 42.03 -4.23 32.48
N TRP D 173 41.15 -3.63 31.68
CA TRP D 173 40.97 -4.11 30.34
C TRP D 173 42.25 -3.58 29.71
N VAL D 174 42.84 -4.35 28.81
CA VAL D 174 44.08 -3.92 28.18
C VAL D 174 43.99 -3.85 26.65
N ILE D 175 43.36 -4.86 26.06
CA ILE D 175 43.18 -4.92 24.62
C ILE D 175 41.84 -4.30 24.25
N THR D 176 41.78 -3.60 23.11
CA THR D 176 40.54 -2.97 22.68
C THR D 176 40.04 -3.57 21.39
N ASN D 177 40.91 -4.31 20.70
CA ASN D 177 40.57 -4.89 19.41
C ASN D 177 40.19 -6.35 19.47
N TYR D 178 38.90 -6.65 19.30
CA TYR D 178 38.44 -8.02 19.32
C TYR D 178 37.79 -8.38 17.98
N GLU D 179 38.29 -7.74 16.92
CA GLU D 179 37.77 -7.93 15.56
C GLU D 179 38.82 -8.47 14.58
N SER D 180 39.96 -7.80 14.49
CA SER D 180 41.03 -8.20 13.58
C SER D 180 41.31 -9.69 13.62
N GLU D 181 41.73 -10.25 12.49
CA GLU D 181 42.05 -11.67 12.42
C GLU D 181 43.40 -11.87 13.10
N GLU D 182 44.20 -10.81 13.09
CA GLU D 182 45.54 -10.81 13.70
C GLU D 182 45.61 -9.69 14.74
N LEU D 183 46.38 -9.89 15.80
CA LEU D 183 46.49 -8.85 16.82
C LEU D 183 47.92 -8.33 16.99
N ASP D 184 48.24 -7.27 16.24
CA ASP D 184 49.57 -6.67 16.31
C ASP D 184 49.74 -6.11 17.71
N LEU D 185 50.72 -6.61 18.44
CA LEU D 185 50.96 -6.12 19.79
C LEU D 185 51.95 -4.97 19.81
N THR D 186 52.17 -4.35 18.66
CA THR D 186 53.07 -3.19 18.59
C THR D 186 52.25 -1.97 18.24
N LEU D 187 51.02 -2.18 17.78
CA LEU D 187 50.12 -1.10 17.43
C LEU D 187 49.55 -0.41 18.65
N PRO D 188 49.92 0.86 18.90
CA PRO D 188 49.42 1.60 20.06
C PRO D 188 47.91 1.61 20.03
N THR D 189 47.38 1.64 18.81
CA THR D 189 45.96 1.68 18.58
C THR D 189 45.19 0.46 19.10
N ASN D 190 45.89 -0.62 19.45
CA ASN D 190 45.19 -1.79 19.96
C ASN D 190 45.10 -1.84 21.48
N PHE D 191 45.67 -0.85 22.16
CA PHE D 191 45.64 -0.82 23.62
C PHE D 191 44.77 0.24 24.30
N ARG D 192 44.07 -0.18 25.35
CA ARG D 192 43.21 0.69 26.14
C ARG D 192 44.08 1.77 26.78
N ASP D 193 43.58 3.01 26.81
CA ASP D 193 44.33 4.08 27.44
C ASP D 193 44.22 3.83 28.94
N LEU D 194 45.31 3.34 29.52
CA LEU D 194 45.33 3.02 30.94
C LEU D 194 45.24 4.20 31.90
N SER D 195 45.32 5.44 31.39
CA SER D 195 45.23 6.62 32.27
C SER D 195 43.78 7.05 32.49
N LYS D 196 42.87 6.49 31.71
CA LYS D 196 41.46 6.83 31.84
C LYS D 196 40.59 5.68 32.28
N PRO D 197 39.54 5.96 33.07
CA PRO D 197 38.63 4.92 33.55
C PRO D 197 37.81 4.45 32.34
N ILE D 198 37.09 3.35 32.51
CA ILE D 198 36.28 2.83 31.42
C ILE D 198 35.28 3.88 30.92
N GLY D 199 34.54 4.47 31.86
CA GLY D 199 33.55 5.48 31.50
C GLY D 199 34.04 6.64 30.64
N ALA D 200 35.34 6.88 30.66
CA ALA D 200 35.91 7.99 29.90
C ALA D 200 36.45 7.62 28.52
N LEU D 201 36.42 6.34 28.17
CA LEU D 201 36.94 5.94 26.87
C LEU D 201 36.07 6.37 25.69
N ASN D 202 34.79 6.05 25.71
CA ASN D 202 33.88 6.45 24.65
C ASN D 202 33.53 7.92 24.91
N PRO D 203 34.00 8.83 24.04
CA PRO D 203 33.77 10.27 24.15
C PRO D 203 32.30 10.67 24.19
N LYS D 204 31.47 10.04 23.35
CA LYS D 204 30.06 10.35 23.34
C LYS D 204 29.46 10.06 24.73
N ARG D 205 29.71 8.86 25.23
CA ARG D 205 29.20 8.47 26.53
C ARG D 205 29.82 9.31 27.66
N ALA D 206 31.09 9.66 27.52
CA ALA D 206 31.77 10.46 28.54
C ALA D 206 31.13 11.83 28.71
N ALA D 207 30.44 12.29 27.68
CA ALA D 207 29.79 13.60 27.74
C ALA D 207 28.60 13.49 28.65
N PHE D 208 27.93 12.34 28.59
CA PHE D 208 26.75 12.10 29.41
C PHE D 208 27.14 12.12 30.88
N PHE D 209 28.16 11.33 31.21
CA PHE D 209 28.64 11.26 32.58
C PHE D 209 29.05 12.63 33.09
N ALA D 210 29.77 13.37 32.25
CA ALA D 210 30.24 14.72 32.60
C ALA D 210 29.04 15.63 32.92
N GLU D 211 27.98 15.58 32.12
CA GLU D 211 26.81 16.41 32.38
C GLU D 211 26.06 15.93 33.61
N ARG D 212 25.83 14.61 33.69
CA ARG D 212 25.12 14.07 34.83
C ARG D 212 25.75 14.64 36.10
N TYR D 213 27.08 14.56 36.16
CA TYR D 213 27.83 15.06 37.31
C TYR D 213 27.61 16.54 37.55
N GLU D 214 27.79 17.31 36.48
CA GLU D 214 27.67 18.75 36.51
C GLU D 214 26.34 19.25 37.05
N SER D 215 25.24 18.68 36.57
CA SER D 215 23.92 19.11 37.00
C SER D 215 23.25 18.31 38.13
N TRP D 216 24.03 17.55 38.89
CA TRP D 216 23.43 16.80 40.00
C TRP D 216 23.35 17.66 41.23
N GLU D 217 22.12 18.00 41.63
CA GLU D 217 21.90 18.80 42.83
C GLU D 217 22.06 17.88 44.04
N ASP D 218 23.16 18.07 44.76
CA ASP D 218 23.49 17.24 45.91
C ASP D 218 23.10 17.71 47.31
N ASP D 219 21.80 17.69 47.62
CA ASP D 219 21.35 18.10 48.94
C ASP D 219 21.81 17.08 49.95
N GLN D 220 21.62 15.80 49.62
CA GLN D 220 22.05 14.72 50.50
C GLN D 220 22.97 13.71 49.83
N VAL D 221 22.96 13.69 48.50
CA VAL D 221 23.80 12.75 47.78
C VAL D 221 24.84 13.45 46.92
N PRO D 222 26.13 13.18 47.19
CA PRO D 222 27.26 13.77 46.47
C PRO D 222 27.16 13.55 44.98
N LYS D 223 27.79 14.43 44.20
CA LYS D 223 27.78 14.29 42.75
C LYS D 223 28.55 13.03 42.39
N PHE D 224 28.33 12.49 41.20
CA PHE D 224 29.02 11.28 40.83
C PHE D 224 28.89 11.05 39.33
N HIS D 225 29.83 10.30 38.76
CA HIS D 225 29.78 10.01 37.33
C HIS D 225 29.09 8.67 37.06
N TYR D 226 29.34 7.68 37.91
CA TYR D 226 28.74 6.36 37.72
C TYR D 226 27.95 5.88 38.92
N GLY D 227 26.72 5.42 38.64
CA GLY D 227 25.87 4.87 39.68
C GLY D 227 26.12 3.37 39.67
N THR D 228 27.03 2.94 38.80
CA THR D 228 27.44 1.55 38.64
C THR D 228 28.95 1.46 38.94
N HIS D 229 29.41 0.29 39.34
CA HIS D 229 30.82 0.13 39.69
C HIS D 229 31.56 -0.79 38.72
N TYR D 230 32.89 -0.84 38.84
CA TYR D 230 33.69 -1.67 37.96
C TYR D 230 34.01 -3.05 38.54
N SER D 231 33.60 -3.29 39.77
CA SER D 231 33.82 -4.59 40.41
C SER D 231 32.58 -4.92 41.19
N THR D 232 31.99 -6.07 40.91
CA THR D 232 30.77 -6.49 41.56
C THR D 232 30.77 -8.01 41.65
N ALA D 233 30.10 -8.55 42.65
CA ALA D 233 30.00 -10.01 42.77
C ALA D 233 29.25 -10.55 41.53
N SER D 234 28.16 -9.89 41.19
CA SER D 234 27.35 -10.23 40.02
C SER D 234 28.21 -10.38 38.76
N PHE D 235 29.18 -9.49 38.59
CA PHE D 235 30.05 -9.55 37.41
C PHE D 235 30.86 -10.82 37.49
N VAL D 236 31.42 -11.08 38.66
CA VAL D 236 32.24 -12.24 38.86
C VAL D 236 31.45 -13.51 38.53
N LEU D 237 30.22 -13.60 39.04
CA LEU D 237 29.41 -14.77 38.76
C LEU D 237 29.16 -14.84 37.27
N ALA D 238 28.82 -13.70 36.66
CA ALA D 238 28.57 -13.66 35.23
C ALA D 238 29.80 -14.07 34.41
N TRP D 239 30.95 -13.51 34.76
CA TRP D 239 32.19 -13.80 34.05
C TRP D 239 32.50 -15.29 34.06
N LEU D 240 32.46 -15.88 35.24
CA LEU D 240 32.80 -17.28 35.43
C LEU D 240 31.63 -18.28 35.41
N LEU D 241 30.55 -17.92 34.73
CA LEU D 241 29.36 -18.77 34.66
C LEU D 241 29.66 -20.24 34.32
N ARG D 242 30.60 -20.46 33.41
CA ARG D 242 30.94 -21.80 32.98
C ARG D 242 31.72 -22.72 33.94
N ILE D 243 32.17 -22.18 35.07
CA ILE D 243 32.94 -22.99 36.03
C ILE D 243 32.27 -23.17 37.40
N GLU D 244 32.21 -24.40 37.87
CA GLU D 244 31.65 -24.66 39.19
C GLU D 244 32.71 -24.13 40.17
N PRO D 245 32.31 -23.68 41.36
CA PRO D 245 30.98 -23.59 41.96
C PRO D 245 30.21 -22.37 41.51
N PHE D 246 30.86 -21.48 40.77
CA PHE D 246 30.24 -20.25 40.32
C PHE D 246 28.94 -20.48 39.59
N THR D 247 28.85 -21.57 38.85
CA THR D 247 27.62 -21.86 38.14
C THR D 247 26.53 -22.03 39.19
N THR D 248 26.82 -22.78 40.24
CA THR D 248 25.87 -23.00 41.31
C THR D 248 25.50 -21.67 41.98
N TYR D 249 26.52 -20.92 42.38
CA TYR D 249 26.32 -19.63 43.02
C TYR D 249 25.39 -18.78 42.16
N PHE D 250 25.62 -18.84 40.85
CA PHE D 250 24.80 -18.07 39.92
C PHE D 250 23.35 -18.54 39.85
N LEU D 251 23.17 -19.82 39.57
CA LEU D 251 21.83 -20.39 39.49
C LEU D 251 21.03 -20.11 40.75
N ASN D 252 21.66 -20.36 41.90
CA ASN D 252 21.05 -20.15 43.19
C ASN D 252 20.47 -18.76 43.34
N LEU D 253 21.28 -17.74 43.08
CA LEU D 253 20.84 -16.36 43.19
C LEU D 253 19.82 -15.94 42.13
N GLN D 254 19.95 -16.51 40.93
CA GLN D 254 19.06 -16.15 39.83
C GLN D 254 17.62 -16.66 40.00
N GLY D 255 17.48 -17.87 40.54
CA GLY D 255 16.15 -18.42 40.74
C GLY D 255 16.08 -19.88 40.35
N GLY D 256 17.23 -20.45 40.01
CA GLY D 256 17.30 -21.84 39.62
C GLY D 256 17.69 -22.05 38.17
N LYS D 257 17.28 -21.14 37.30
CA LYS D 257 17.60 -21.26 35.89
C LYS D 257 18.55 -20.15 35.47
N PHE D 258 19.24 -20.35 34.35
CA PHE D 258 20.17 -19.35 33.83
C PHE D 258 19.50 -18.05 33.49
N ASP D 259 20.29 -17.09 33.03
CA ASP D 259 19.76 -15.79 32.66
C ASP D 259 19.40 -15.82 31.18
N HIS D 260 18.59 -14.86 30.75
CA HIS D 260 18.19 -14.76 29.35
C HIS D 260 19.47 -14.75 28.50
N ALA D 261 19.57 -15.72 27.60
CA ALA D 261 20.74 -15.88 26.73
C ALA D 261 21.34 -14.61 26.12
N ASP D 262 20.55 -13.56 25.97
CA ASP D 262 21.06 -12.31 25.40
C ASP D 262 21.68 -11.38 26.44
N ARG D 263 21.75 -11.85 27.69
CA ARG D 263 22.33 -11.06 28.77
C ARG D 263 23.49 -11.82 29.42
N THR D 264 23.54 -13.13 29.19
CA THR D 264 24.60 -13.97 29.75
C THR D 264 25.85 -13.84 28.91
N PHE D 265 26.99 -13.72 29.59
CA PHE D 265 28.29 -13.61 28.95
C PHE D 265 28.41 -14.65 27.84
N SER D 266 28.54 -14.19 26.59
CA SER D 266 28.64 -15.12 25.46
C SER D 266 29.66 -14.68 24.43
N SER D 267 30.11 -13.43 24.54
CA SER D 267 31.08 -12.88 23.60
C SER D 267 32.02 -11.83 24.21
N ILE D 268 33.31 -12.02 23.97
CA ILE D 268 34.32 -11.10 24.47
C ILE D 268 34.09 -9.78 23.80
N SER D 269 33.94 -9.81 22.48
CA SER D 269 33.68 -8.60 21.71
C SER D 269 32.42 -7.89 22.21
N ARG D 270 31.35 -8.63 22.44
CA ARG D 270 30.12 -7.98 22.92
C ARG D 270 30.32 -7.36 24.31
N ALA D 271 30.90 -8.12 25.24
CA ALA D 271 31.15 -7.63 26.59
C ALA D 271 31.97 -6.34 26.53
N TRP D 272 32.95 -6.31 25.63
CA TRP D 272 33.77 -5.13 25.47
C TRP D 272 32.91 -3.99 24.94
N ARG D 273 32.22 -4.25 23.83
CA ARG D 273 31.34 -3.25 23.20
C ARG D 273 30.34 -2.66 24.21
N ASN D 274 29.74 -3.50 25.03
CA ASN D 274 28.77 -3.04 26.03
C ASN D 274 29.42 -2.17 27.09
N SER D 275 30.67 -2.49 27.46
CA SER D 275 31.37 -1.71 28.47
C SER D 275 31.75 -0.36 27.89
N GLN D 276 31.56 -0.20 26.59
CA GLN D 276 31.86 1.06 25.91
C GLN D 276 30.62 1.89 25.70
N ARG D 277 29.52 1.24 25.29
CA ARG D 277 28.25 1.91 25.01
C ARG D 277 27.28 2.13 26.18
N ASP D 278 26.82 1.02 26.75
CA ASP D 278 25.86 1.04 27.85
C ASP D 278 26.26 1.94 29.00
N THR D 279 25.39 2.91 29.27
CA THR D 279 25.55 3.90 30.35
C THR D 279 25.62 3.27 31.76
N SER D 280 25.13 2.04 31.88
CA SER D 280 25.14 1.36 33.18
C SER D 280 26.17 0.23 33.21
N ASP D 281 27.13 0.26 32.29
CA ASP D 281 28.17 -0.76 32.25
C ASP D 281 29.54 -0.13 32.01
N ILE D 282 30.32 0.03 33.07
CA ILE D 282 31.67 0.59 32.96
C ILE D 282 32.64 -0.32 33.67
N LYS D 283 32.29 -1.59 33.68
CA LYS D 283 33.04 -2.66 34.33
C LYS D 283 34.47 -2.90 33.86
N GLU D 284 35.32 -3.33 34.79
CA GLU D 284 36.69 -3.62 34.44
C GLU D 284 36.81 -5.14 34.41
N LEU D 285 38.04 -5.62 34.19
CA LEU D 285 38.27 -7.03 34.10
C LEU D 285 38.52 -7.75 35.43
N ILE D 286 38.78 -9.05 35.32
CA ILE D 286 39.03 -9.96 36.43
C ILE D 286 40.36 -10.67 36.12
N PRO D 287 41.16 -10.98 37.16
CA PRO D 287 42.45 -11.65 36.97
C PRO D 287 42.42 -12.88 36.06
N GLU D 288 41.33 -13.63 36.14
CA GLU D 288 41.14 -14.86 35.37
C GLU D 288 41.31 -14.68 33.86
N PHE D 289 41.01 -13.47 33.39
CA PHE D 289 41.14 -13.21 31.96
C PHE D 289 42.56 -13.40 31.48
N TYR D 290 43.52 -13.24 32.38
CA TYR D 290 44.92 -13.36 32.02
C TYR D 290 45.61 -14.67 32.33
N TYR D 291 44.87 -15.69 32.76
CA TYR D 291 45.50 -16.98 33.03
C TYR D 291 44.56 -18.19 33.07
N LEU D 292 43.25 -17.94 33.04
CA LEU D 292 42.27 -19.04 33.13
C LEU D 292 41.43 -19.27 31.88
N PRO D 293 41.93 -20.10 30.95
CA PRO D 293 41.17 -20.38 29.73
C PRO D 293 39.84 -21.10 29.90
N GLU D 294 39.71 -21.88 30.96
CA GLU D 294 38.48 -22.64 31.20
C GLU D 294 37.18 -21.85 31.28
N MET D 295 37.27 -20.60 31.73
CA MET D 295 36.06 -19.79 31.89
C MET D 295 35.38 -19.47 30.56
N PHE D 296 36.13 -19.60 29.46
CA PHE D 296 35.56 -19.32 28.14
C PHE D 296 35.05 -20.56 27.46
N VAL D 297 35.07 -21.68 28.18
CA VAL D 297 34.64 -22.95 27.64
C VAL D 297 33.49 -23.57 28.42
N ASN D 298 32.45 -23.97 27.71
CA ASN D 298 31.29 -24.59 28.34
C ASN D 298 31.55 -26.08 28.49
N PHE D 299 32.72 -26.37 29.05
CA PHE D 299 33.19 -27.72 29.30
C PHE D 299 32.14 -28.61 29.96
N ASN D 300 31.25 -28.01 30.75
CA ASN D 300 30.26 -28.80 31.44
C ASN D 300 28.95 -28.98 30.67
N ASN D 301 28.95 -28.57 29.41
CA ASN D 301 27.78 -28.72 28.55
C ASN D 301 26.47 -28.20 29.12
N TYR D 302 26.49 -26.96 29.60
CA TYR D 302 25.31 -26.33 30.17
C TYR D 302 24.43 -25.91 29.01
N ASN D 303 23.15 -25.65 29.29
CA ASN D 303 22.24 -25.23 28.25
C ASN D 303 22.61 -23.83 27.76
N LEU D 304 22.33 -22.83 28.58
CA LEU D 304 22.65 -21.45 28.27
C LEU D 304 21.70 -20.85 27.25
N GLY D 305 20.91 -21.71 26.61
CA GLY D 305 19.92 -21.26 25.65
C GLY D 305 20.35 -20.75 24.28
N VAL D 306 19.47 -19.95 23.67
CA VAL D 306 19.68 -19.36 22.36
C VAL D 306 19.25 -17.90 22.35
N MET D 307 20.06 -17.05 21.72
CA MET D 307 19.77 -15.62 21.65
C MET D 307 18.69 -15.33 20.61
N ASP D 308 18.09 -14.15 20.72
CA ASP D 308 17.05 -13.75 19.78
C ASP D 308 17.58 -13.94 18.37
N ASP D 309 18.84 -13.54 18.17
CA ASP D 309 19.52 -13.67 16.87
C ASP D 309 19.45 -15.11 16.39
N GLY D 310 19.24 -16.02 17.33
CA GLY D 310 19.18 -17.43 16.98
C GLY D 310 20.52 -18.13 17.19
N THR D 311 21.50 -17.41 17.72
CA THR D 311 22.82 -18.01 17.94
C THR D 311 22.86 -18.83 19.23
N VAL D 312 23.39 -20.05 19.12
CA VAL D 312 23.51 -20.96 20.26
C VAL D 312 24.61 -20.45 21.18
N VAL D 313 24.39 -20.60 22.48
CA VAL D 313 25.34 -20.13 23.48
C VAL D 313 25.97 -21.29 24.23
N SER D 314 27.29 -21.38 24.14
CA SER D 314 28.04 -22.42 24.84
C SER D 314 29.46 -21.89 25.07
N ASP D 315 30.41 -22.23 24.20
CA ASP D 315 31.76 -21.71 24.36
C ASP D 315 31.66 -20.19 24.15
N VAL D 316 32.54 -19.43 24.79
CA VAL D 316 32.53 -17.99 24.63
C VAL D 316 33.06 -17.66 23.24
N GLU D 317 32.41 -16.73 22.55
CA GLU D 317 32.84 -16.33 21.23
C GLU D 317 34.15 -15.58 21.35
N LEU D 318 35.22 -16.19 20.85
CA LEU D 318 36.54 -15.59 20.92
C LEU D 318 36.78 -14.66 19.74
N PRO D 319 37.83 -13.81 19.84
CA PRO D 319 38.17 -12.87 18.78
C PRO D 319 38.82 -13.70 17.66
N PRO D 320 38.81 -13.19 16.43
CA PRO D 320 39.43 -13.96 15.33
C PRO D 320 40.88 -14.34 15.63
N TRP D 321 41.61 -13.43 16.27
CA TRP D 321 43.02 -13.67 16.56
C TRP D 321 43.31 -14.70 17.63
N ALA D 322 42.28 -15.32 18.18
CA ALA D 322 42.46 -16.34 19.18
C ALA D 322 41.60 -17.54 18.78
N LYS D 323 42.23 -18.59 18.24
CA LYS D 323 41.49 -19.79 17.81
C LYS D 323 40.99 -20.60 19.00
N THR D 324 41.72 -20.52 20.11
CA THR D 324 41.37 -21.26 21.32
C THR D 324 41.33 -20.37 22.55
N SER D 325 40.73 -20.87 23.62
CA SER D 325 40.64 -20.12 24.87
C SER D 325 42.04 -19.95 25.44
N GLU D 326 42.89 -20.93 25.19
CA GLU D 326 44.26 -20.89 25.68
C GLU D 326 45.04 -19.82 24.94
N GLU D 327 44.81 -19.69 23.65
CA GLU D 327 45.51 -18.67 22.89
C GLU D 327 44.98 -17.30 23.34
N PHE D 328 43.69 -17.24 23.66
CA PHE D 328 43.09 -16.00 24.10
C PHE D 328 43.75 -15.54 25.41
N VAL D 329 43.81 -16.42 26.39
CA VAL D 329 44.42 -16.05 27.65
C VAL D 329 45.91 -15.72 27.44
N HIS D 330 46.61 -16.56 26.70
CA HIS D 330 48.02 -16.34 26.45
C HIS D 330 48.30 -14.96 25.88
N ILE D 331 47.64 -14.63 24.77
CA ILE D 331 47.84 -13.32 24.16
C ILE D 331 47.45 -12.20 25.12
N ASN D 332 46.46 -12.45 25.96
CA ASN D 332 46.05 -11.46 26.96
C ASN D 332 47.20 -11.19 27.93
N ARG D 333 47.89 -12.25 28.36
CA ARG D 333 48.98 -12.05 29.30
C ARG D 333 50.12 -11.30 28.64
N LEU D 334 50.40 -11.63 27.39
CA LEU D 334 51.49 -10.93 26.69
C LEU D 334 51.16 -9.44 26.59
N ALA D 335 49.91 -9.14 26.29
CA ALA D 335 49.48 -7.76 26.17
C ALA D 335 49.69 -7.09 27.53
N LEU D 336 49.20 -7.75 28.57
CA LEU D 336 49.33 -7.25 29.94
C LEU D 336 50.79 -7.07 30.36
N GLU D 337 51.68 -7.91 29.83
CA GLU D 337 53.11 -7.83 30.18
C GLU D 337 53.90 -6.97 29.19
N SER D 338 53.21 -6.50 28.15
CA SER D 338 53.84 -5.67 27.12
C SER D 338 54.37 -4.32 27.59
N GLU D 339 55.30 -3.78 26.82
CA GLU D 339 55.91 -2.50 27.13
C GLU D 339 54.84 -1.38 27.08
N PHE D 340 53.74 -1.62 26.36
CA PHE D 340 52.68 -0.63 26.27
C PHE D 340 51.98 -0.45 27.61
N VAL D 341 51.85 -1.55 28.33
CA VAL D 341 51.22 -1.53 29.63
C VAL D 341 52.22 -1.08 30.68
N SER D 342 53.42 -1.64 30.64
CA SER D 342 54.46 -1.29 31.60
C SER D 342 54.66 0.22 31.73
N CYS D 343 54.82 0.88 30.60
CA CYS D 343 55.07 2.32 30.63
C CYS D 343 53.88 3.18 31.10
N GLN D 344 52.71 2.58 31.30
CA GLN D 344 51.55 3.36 31.73
C GLN D 344 50.69 2.80 32.87
N LEU D 345 50.84 1.53 33.19
CA LEU D 345 50.04 0.91 34.26
C LEU D 345 49.96 1.70 35.56
N HIS D 346 50.96 2.51 35.84
CA HIS D 346 50.93 3.32 37.06
C HIS D 346 49.79 4.36 37.05
N GLN D 347 49.34 4.76 35.86
CA GLN D 347 48.25 5.74 35.78
C GLN D 347 46.91 5.08 36.11
N TRP D 348 46.79 3.80 35.76
CA TRP D 348 45.58 3.04 36.04
C TRP D 348 45.50 2.86 37.54
N ILE D 349 46.64 2.47 38.12
CA ILE D 349 46.73 2.27 39.56
C ILE D 349 46.34 3.55 40.28
N ASP D 350 46.62 4.69 39.66
CA ASP D 350 46.28 5.97 40.27
C ASP D 350 44.77 6.08 40.40
N LEU D 351 44.07 5.61 39.37
CA LEU D 351 42.61 5.67 39.30
C LEU D 351 41.93 4.72 40.28
N ILE D 352 42.44 3.49 40.35
CA ILE D 352 41.87 2.48 41.21
C ILE D 352 42.32 2.53 42.67
N PHE D 353 43.64 2.54 42.90
CA PHE D 353 44.18 2.55 44.26
C PHE D 353 44.86 3.87 44.62
N GLY D 354 45.19 4.65 43.60
CA GLY D 354 45.96 5.88 43.79
C GLY D 354 45.33 7.18 44.20
N TYR D 355 45.99 8.27 43.80
CA TYR D 355 45.54 9.60 44.17
C TYR D 355 44.38 10.14 43.31
N LYS D 356 44.02 9.42 42.27
CA LYS D 356 42.90 9.87 41.44
C LYS D 356 41.60 9.14 41.84
N GLN D 357 41.67 8.34 42.91
CA GLN D 357 40.52 7.59 43.36
C GLN D 357 39.48 8.53 43.94
N GLN D 358 39.94 9.59 44.62
CA GLN D 358 39.02 10.55 45.25
C GLN D 358 39.50 11.98 45.12
N GLY D 359 38.64 12.91 45.53
CA GLY D 359 38.99 14.32 45.49
C GLY D 359 38.94 14.97 44.12
N PRO D 360 39.39 16.22 44.02
CA PRO D 360 39.42 17.02 42.78
C PRO D 360 40.05 16.26 41.62
N GLU D 361 40.99 15.37 41.93
CA GLU D 361 41.64 14.64 40.87
C GLU D 361 40.67 13.61 40.33
N ALA D 362 39.92 12.99 41.22
CA ALA D 362 38.94 12.00 40.78
C ALA D 362 37.93 12.64 39.82
N VAL D 363 37.62 13.91 40.02
CA VAL D 363 36.67 14.59 39.13
C VAL D 363 37.30 15.02 37.81
N ARG D 364 38.58 15.38 37.83
CA ARG D 364 39.27 15.80 36.61
C ARG D 364 39.30 14.59 35.66
N ALA D 365 39.47 13.41 36.23
CA ALA D 365 39.55 12.17 35.46
C ALA D 365 38.23 11.42 35.25
N LEU D 366 37.10 12.06 35.56
CA LEU D 366 35.81 11.37 35.39
C LEU D 366 35.90 10.02 36.10
N ASN D 367 36.27 10.02 37.37
CA ASN D 367 36.45 8.77 38.08
C ASN D 367 35.77 8.75 39.44
N VAL D 368 34.60 9.37 39.55
CA VAL D 368 33.86 9.43 40.80
C VAL D 368 32.67 8.48 40.82
N PHE D 369 32.72 7.47 41.69
CA PHE D 369 31.62 6.51 41.77
C PHE D 369 30.59 6.91 42.81
N TYR D 370 29.52 6.13 42.95
CA TYR D 370 28.50 6.45 43.93
C TYR D 370 29.15 6.52 45.31
N TYR D 371 28.72 7.47 46.13
CA TYR D 371 29.32 7.66 47.42
C TYR D 371 29.24 6.46 48.36
N LEU D 372 28.20 5.65 48.26
CA LEU D 372 28.09 4.50 49.15
C LEU D 372 29.23 3.52 48.93
N THR D 373 29.82 3.64 47.75
CA THR D 373 30.92 2.81 47.29
C THR D 373 32.27 3.05 48.01
N TYR D 374 32.41 4.19 48.68
CA TYR D 374 33.69 4.49 49.33
C TYR D 374 33.76 4.19 50.82
N GLU D 375 34.93 3.76 51.25
CA GLU D 375 35.15 3.47 52.65
C GLU D 375 34.87 4.74 53.44
N GLY D 376 34.29 4.59 54.63
CA GLY D 376 34.01 5.74 55.47
C GLY D 376 32.86 6.63 55.03
N ALA D 377 32.17 6.26 53.96
CA ALA D 377 31.05 7.05 53.48
C ALA D 377 29.91 7.09 54.51
N VAL D 378 29.75 6.02 55.29
CA VAL D 378 28.70 5.93 56.31
C VAL D 378 29.07 4.90 57.39
N ASN D 379 28.49 5.06 58.58
CA ASN D 379 28.76 4.11 59.64
C ASN D 379 27.50 3.29 59.89
N LEU D 380 27.61 2.00 59.70
CA LEU D 380 26.44 1.20 59.81
C LEU D 380 25.88 1.31 61.19
N ASN D 381 26.78 1.41 62.09
CA ASN D 381 26.35 1.49 63.42
C ASN D 381 25.68 2.83 63.68
N SER D 382 26.20 3.86 63.03
CA SER D 382 25.69 5.24 63.07
C SER D 382 24.18 5.26 62.91
N ILE D 383 23.67 4.54 61.92
CA ILE D 383 22.23 4.50 61.65
C ILE D 383 21.51 3.62 62.66
N THR D 384 20.28 3.99 62.99
CA THR D 384 19.48 3.23 63.96
C THR D 384 18.15 2.75 63.40
N ASP D 385 17.72 3.32 62.29
CA ASP D 385 16.47 2.93 61.65
C ASP D 385 16.70 1.64 60.86
N PRO D 386 16.23 0.49 61.37
CA PRO D 386 16.38 -0.84 60.76
C PRO D 386 16.23 -0.87 59.25
N VAL D 387 15.22 -0.16 58.74
CA VAL D 387 14.96 -0.12 57.31
C VAL D 387 16.10 0.53 56.53
N LEU D 388 16.50 1.72 56.98
CA LEU D 388 17.58 2.46 56.33
C LEU D 388 18.89 1.69 56.46
N ARG D 389 19.06 1.01 57.60
CA ARG D 389 20.26 0.23 57.90
C ARG D 389 20.45 -1.01 57.01
N GLU D 390 19.37 -1.73 56.73
CA GLU D 390 19.46 -2.93 55.89
C GLU D 390 19.57 -2.51 54.42
N ALA D 391 18.99 -1.35 54.11
CA ALA D 391 19.05 -0.84 52.75
C ALA D 391 20.47 -0.42 52.44
N VAL D 392 21.13 0.18 53.42
CA VAL D 392 22.50 0.62 53.25
C VAL D 392 23.47 -0.54 53.06
N GLU D 393 23.29 -1.61 53.83
CA GLU D 393 24.17 -2.75 53.70
C GLU D 393 23.97 -3.44 52.37
N ALA D 394 22.71 -3.64 52.00
CA ALA D 394 22.44 -4.32 50.73
C ALA D 394 23.01 -3.48 49.59
N GLN D 395 22.92 -2.17 49.71
CA GLN D 395 23.42 -1.32 48.66
C GLN D 395 24.93 -1.43 48.57
N ILE D 396 25.57 -1.38 49.73
CA ILE D 396 27.03 -1.47 49.83
C ILE D 396 27.54 -2.87 49.49
N ARG D 397 26.69 -3.87 49.71
CA ARG D 397 27.03 -5.26 49.44
C ARG D 397 27.09 -5.61 47.96
N SER D 398 26.04 -5.25 47.24
CA SER D 398 25.93 -5.65 45.86
C SER D 398 26.25 -4.66 44.76
N PHE D 399 26.32 -3.39 45.04
CA PHE D 399 26.56 -2.49 43.93
C PHE D 399 27.93 -1.86 43.80
N GLY D 400 28.91 -2.47 44.43
CA GLY D 400 30.26 -1.97 44.31
C GLY D 400 30.92 -1.46 45.56
N GLN D 401 32.18 -1.84 45.72
CA GLN D 401 32.99 -1.41 46.86
C GLN D 401 34.35 -0.99 46.32
N THR D 402 34.62 0.31 46.36
CA THR D 402 35.89 0.82 45.89
C THR D 402 37.01 0.29 46.79
N PRO D 403 38.08 -0.22 46.20
CA PRO D 403 39.21 -0.75 46.96
C PRO D 403 39.83 0.31 47.88
N SER D 404 40.48 -0.13 48.94
CA SER D 404 41.14 0.80 49.86
C SER D 404 42.20 1.59 49.09
N GLN D 405 42.41 2.84 49.47
CA GLN D 405 43.39 3.68 48.82
C GLN D 405 44.77 3.22 49.32
N LEU D 406 45.70 2.98 48.42
CA LEU D 406 47.04 2.51 48.82
C LEU D 406 48.09 3.63 48.93
N LEU D 407 47.80 4.79 48.37
CA LEU D 407 48.71 5.93 48.42
C LEU D 407 47.95 7.16 47.95
N ILE D 408 48.44 8.34 48.31
CA ILE D 408 47.77 9.55 47.94
C ILE D 408 48.60 10.50 47.08
N GLU D 409 49.64 9.97 46.44
CA GLU D 409 50.43 10.80 45.54
C GLU D 409 50.59 9.96 44.28
N PRO D 410 50.98 10.59 43.16
CA PRO D 410 51.17 9.84 41.92
C PRO D 410 51.97 8.57 42.12
N HIS D 411 51.62 7.52 41.40
CA HIS D 411 52.35 6.27 41.48
C HIS D 411 53.52 6.31 40.50
N PRO D 412 54.71 5.92 40.95
CA PRO D 412 55.95 5.90 40.16
C PRO D 412 55.79 5.07 38.90
N PRO D 413 56.38 5.50 37.77
CA PRO D 413 56.21 4.67 36.57
C PRO D 413 57.11 3.44 36.69
N ARG D 414 56.78 2.37 35.97
CA ARG D 414 57.56 1.17 36.04
C ARG D 414 59.03 1.36 35.73
#